data_7AY3
# 
_entry.id   7AY3 
# 
_audit_conform.dict_name       mmcif_pdbx.dic 
_audit_conform.dict_version    5.384 
_audit_conform.dict_location   http://mmcif.pdb.org/dictionaries/ascii/mmcif_pdbx.dic 
# 
loop_
_database_2.database_id 
_database_2.database_code 
_database_2.pdbx_database_accession 
_database_2.pdbx_DOI 
PDB   7AY3         pdb_00007ay3 10.2210/pdb7ay3/pdb 
WWPDB D_1292112267 ?            ?                   
# 
loop_
_pdbx_audit_revision_history.ordinal 
_pdbx_audit_revision_history.data_content_type 
_pdbx_audit_revision_history.major_revision 
_pdbx_audit_revision_history.minor_revision 
_pdbx_audit_revision_history.revision_date 
1 'Structure model' 1 0 2020-11-18 
2 'Structure model' 1 1 2022-06-29 
3 'Structure model' 1 2 2024-01-31 
# 
_pdbx_audit_revision_details.ordinal             1 
_pdbx_audit_revision_details.revision_ordinal    1 
_pdbx_audit_revision_details.data_content_type   'Structure model' 
_pdbx_audit_revision_details.provider            repository 
_pdbx_audit_revision_details.type                'Initial release' 
_pdbx_audit_revision_details.description         ? 
_pdbx_audit_revision_details.details             ? 
# 
loop_
_pdbx_audit_revision_group.ordinal 
_pdbx_audit_revision_group.revision_ordinal 
_pdbx_audit_revision_group.data_content_type 
_pdbx_audit_revision_group.group 
1 2 'Structure model' 'Database references'    
2 3 'Structure model' 'Data collection'        
3 3 'Structure model' 'Refinement description' 
# 
loop_
_pdbx_audit_revision_category.ordinal 
_pdbx_audit_revision_category.revision_ordinal 
_pdbx_audit_revision_category.data_content_type 
_pdbx_audit_revision_category.category 
1 2 'Structure model' citation                      
2 2 'Structure model' citation_author               
3 2 'Structure model' database_2                    
4 3 'Structure model' chem_comp_atom                
5 3 'Structure model' chem_comp_bond                
6 3 'Structure model' pdbx_initial_refinement_model 
# 
loop_
_pdbx_audit_revision_item.ordinal 
_pdbx_audit_revision_item.revision_ordinal 
_pdbx_audit_revision_item.data_content_type 
_pdbx_audit_revision_item.item 
1  2 'Structure model' '_citation.country'                   
2  2 'Structure model' '_citation.journal_abbrev'            
3  2 'Structure model' '_citation.journal_id_CSD'            
4  2 'Structure model' '_citation.journal_id_ISSN'           
5  2 'Structure model' '_citation.journal_volume'            
6  2 'Structure model' '_citation.page_first'                
7  2 'Structure model' '_citation.page_last'                 
8  2 'Structure model' '_citation.pdbx_database_id_DOI'      
9  2 'Structure model' '_citation.pdbx_database_id_PubMed'   
10 2 'Structure model' '_citation.title'                     
11 2 'Structure model' '_citation.year'                      
12 2 'Structure model' '_database_2.pdbx_DOI'                
13 2 'Structure model' '_database_2.pdbx_database_accession' 
# 
_pdbx_database_status.status_code                     REL 
_pdbx_database_status.status_code_sf                  REL 
_pdbx_database_status.status_code_mr                  ? 
_pdbx_database_status.entry_id                        7AY3 
_pdbx_database_status.recvd_initial_deposition_date   2020-11-11 
_pdbx_database_status.SG_entry                        N 
_pdbx_database_status.deposit_site                    PDBE 
_pdbx_database_status.process_site                    PDBE 
_pdbx_database_status.status_code_cs                  ? 
_pdbx_database_status.status_code_nmr_data            ? 
_pdbx_database_status.methods_development_category    ? 
_pdbx_database_status.pdb_format_compatible           Y 
# 
loop_
_audit_author.name 
_audit_author.pdbx_ordinal 
_audit_author.identifier_ORCID 
'Anye, V.'       1 0000-0001-7729-0542 
'Schubert, W.D.' 2 0000-0003-4998-519X 
# 
_citation.abstract                  ? 
_citation.abstract_id_CAS           ? 
_citation.book_id_ISBN              ? 
_citation.book_publisher            ? 
_citation.book_publisher_city       ? 
_citation.book_title                ? 
_citation.coordinate_linkage        ? 
_citation.country                   US 
_citation.database_id_Medline       ? 
_citation.details                   ? 
_citation.id                        primary 
_citation.journal_abbrev            'Plos One' 
_citation.journal_id_ASTM           ? 
_citation.journal_id_CSD            ? 
_citation.journal_id_ISSN           1932-6203 
_citation.journal_full              ? 
_citation.journal_issue             ? 
_citation.journal_volume            17 
_citation.language                  ? 
_citation.page_first                e0269188 
_citation.page_last                 e0269188 
_citation.title                     'Structural and biophysical characterization of the multidomain xylanase Xyl.' 
_citation.year                      2022 
_citation.database_id_CSD           ? 
_citation.pdbx_database_id_DOI      10.1371/journal.pone.0269188 
_citation.pdbx_database_id_PubMed   35657930 
_citation.unpublished_flag          ? 
# 
loop_
_citation_author.citation_id 
_citation_author.name 
_citation_author.ordinal 
_citation_author.identifier_ORCID 
primary 'Anye, V.'       1 0000-0001-7729-0542 
primary 'Kruger, R.F.'   2 ?                   
primary 'Schubert, W.D.' 3 0000-0003-4998-519X 
# 
loop_
_entity.id 
_entity.type 
_entity.src_method 
_entity.pdbx_description 
_entity.formula_weight 
_entity.pdbx_number_of_molecules 
_entity.pdbx_ec 
_entity.pdbx_mutation 
_entity.pdbx_fragment 
_entity.details 
1 polymer     man Endo-1,4-beta-xylanase 18155.059 1   3.2.1.8 ? ? 
'multidomain xylanase from the hindgut metagenome of the snouted harvester termite' 
2 non-polymer syn 'CALCIUM ION'          40.078    2   ?       ? ? ? 
3 water       nat water                  18.015    116 ?       ? ? ? 
# 
_entity_name_com.entity_id   1 
_entity_name_com.name        'CBM36-1 domain of the multidomain xylanase protein Xyl' 
# 
_entity_poly.entity_id                      1 
_entity_poly.type                           'polypeptide(L)' 
_entity_poly.nstd_linkage                   no 
_entity_poly.nstd_monomer                   no 
_entity_poly.pdbx_seq_one_letter_code       
;GNETIVQCESMTKGGQYTGNINNPFGGVALYGNNDKVSYTQYFASGTHDFTLRGCSNNDNMARVDLKIGGETKGTFYYGG
SSPAEYTIKNVNHGTGNQTIELVVTADNGQWDANIDYLKIGGAGVGGNESSGGNQGGNEGNQGGNAGNEGGNQAGNTGNQ
GGNEGNAGGQHHHHHH
;
_entity_poly.pdbx_seq_one_letter_code_can   
;GNETIVQCESMTKGGQYTGNINNPFGGVALYGNNDKVSYTQYFASGTHDFTLRGCSNNDNMARVDLKIGGETKGTFYYGG
SSPAEYTIKNVNHGTGNQTIELVVTADNGQWDANIDYLKIGGAGVGGNESSGGNQGGNEGNQGGNAGNEGGNQAGNTGNQ
GGNEGNAGGQHHHHHH
;
_entity_poly.pdbx_strand_id                 A 
_entity_poly.pdbx_target_identifier         ? 
# 
loop_
_pdbx_entity_nonpoly.entity_id 
_pdbx_entity_nonpoly.name 
_pdbx_entity_nonpoly.comp_id 
2 'CALCIUM ION' CA  
3 water         HOH 
# 
loop_
_entity_poly_seq.entity_id 
_entity_poly_seq.num 
_entity_poly_seq.mon_id 
_entity_poly_seq.hetero 
1 1   GLY n 
1 2   ASN n 
1 3   GLU n 
1 4   THR n 
1 5   ILE n 
1 6   VAL n 
1 7   GLN n 
1 8   CYS n 
1 9   GLU n 
1 10  SER n 
1 11  MET n 
1 12  THR n 
1 13  LYS n 
1 14  GLY n 
1 15  GLY n 
1 16  GLN n 
1 17  TYR n 
1 18  THR n 
1 19  GLY n 
1 20  ASN n 
1 21  ILE n 
1 22  ASN n 
1 23  ASN n 
1 24  PRO n 
1 25  PHE n 
1 26  GLY n 
1 27  GLY n 
1 28  VAL n 
1 29  ALA n 
1 30  LEU n 
1 31  TYR n 
1 32  GLY n 
1 33  ASN n 
1 34  ASN n 
1 35  ASP n 
1 36  LYS n 
1 37  VAL n 
1 38  SER n 
1 39  TYR n 
1 40  THR n 
1 41  GLN n 
1 42  TYR n 
1 43  PHE n 
1 44  ALA n 
1 45  SER n 
1 46  GLY n 
1 47  THR n 
1 48  HIS n 
1 49  ASP n 
1 50  PHE n 
1 51  THR n 
1 52  LEU n 
1 53  ARG n 
1 54  GLY n 
1 55  CYS n 
1 56  SER n 
1 57  ASN n 
1 58  ASN n 
1 59  ASP n 
1 60  ASN n 
1 61  MET n 
1 62  ALA n 
1 63  ARG n 
1 64  VAL n 
1 65  ASP n 
1 66  LEU n 
1 67  LYS n 
1 68  ILE n 
1 69  GLY n 
1 70  GLY n 
1 71  GLU n 
1 72  THR n 
1 73  LYS n 
1 74  GLY n 
1 75  THR n 
1 76  PHE n 
1 77  TYR n 
1 78  TYR n 
1 79  GLY n 
1 80  GLY n 
1 81  SER n 
1 82  SER n 
1 83  PRO n 
1 84  ALA n 
1 85  GLU n 
1 86  TYR n 
1 87  THR n 
1 88  ILE n 
1 89  LYS n 
1 90  ASN n 
1 91  VAL n 
1 92  ASN n 
1 93  HIS n 
1 94  GLY n 
1 95  THR n 
1 96  GLY n 
1 97  ASN n 
1 98  GLN n 
1 99  THR n 
1 100 ILE n 
1 101 GLU n 
1 102 LEU n 
1 103 VAL n 
1 104 VAL n 
1 105 THR n 
1 106 ALA n 
1 107 ASP n 
1 108 ASN n 
1 109 GLY n 
1 110 GLN n 
1 111 TRP n 
1 112 ASP n 
1 113 ALA n 
1 114 ASN n 
1 115 ILE n 
1 116 ASP n 
1 117 TYR n 
1 118 LEU n 
1 119 LYS n 
1 120 ILE n 
1 121 GLY n 
1 122 GLY n 
1 123 ALA n 
1 124 GLY n 
1 125 VAL n 
1 126 GLY n 
1 127 GLY n 
1 128 ASN n 
1 129 GLU n 
1 130 SER n 
1 131 SER n 
1 132 GLY n 
1 133 GLY n 
1 134 ASN n 
1 135 GLN n 
1 136 GLY n 
1 137 GLY n 
1 138 ASN n 
1 139 GLU n 
1 140 GLY n 
1 141 ASN n 
1 142 GLN n 
1 143 GLY n 
1 144 GLY n 
1 145 ASN n 
1 146 ALA n 
1 147 GLY n 
1 148 ASN n 
1 149 GLU n 
1 150 GLY n 
1 151 GLY n 
1 152 ASN n 
1 153 GLN n 
1 154 ALA n 
1 155 GLY n 
1 156 ASN n 
1 157 THR n 
1 158 GLY n 
1 159 ASN n 
1 160 GLN n 
1 161 GLY n 
1 162 GLY n 
1 163 ASN n 
1 164 GLU n 
1 165 GLY n 
1 166 ASN n 
1 167 ALA n 
1 168 GLY n 
1 169 GLY n 
1 170 GLN n 
1 171 HIS n 
1 172 HIS n 
1 173 HIS n 
1 174 HIS n 
1 175 HIS n 
1 176 HIS n 
# 
_entity_src_gen.entity_id                          1 
_entity_src_gen.pdbx_src_id                        1 
_entity_src_gen.pdbx_alt_source_flag               sample 
_entity_src_gen.pdbx_seq_type                      'Biological sequence' 
_entity_src_gen.pdbx_beg_seq_num                   1 
_entity_src_gen.pdbx_end_seq_num                   176 
_entity_src_gen.gene_src_common_name               ? 
_entity_src_gen.gene_src_genus                     ? 
_entity_src_gen.pdbx_gene_src_gene                 CBM36-1 
_entity_src_gen.gene_src_species                   ? 
_entity_src_gen.gene_src_strain                    ? 
_entity_src_gen.gene_src_tissue                    ? 
_entity_src_gen.gene_src_tissue_fraction           ? 
_entity_src_gen.gene_src_details                   ? 
_entity_src_gen.pdbx_gene_src_fragment             ? 
_entity_src_gen.pdbx_gene_src_scientific_name      'uncultured bacterium' 
_entity_src_gen.pdbx_gene_src_ncbi_taxonomy_id     77133 
_entity_src_gen.pdbx_gene_src_variant              ? 
_entity_src_gen.pdbx_gene_src_cell_line            ? 
_entity_src_gen.pdbx_gene_src_atcc                 ? 
_entity_src_gen.pdbx_gene_src_organ                ? 
_entity_src_gen.pdbx_gene_src_organelle            ? 
_entity_src_gen.pdbx_gene_src_cell                 ? 
_entity_src_gen.pdbx_gene_src_cellular_location    ? 
_entity_src_gen.host_org_common_name               ? 
_entity_src_gen.pdbx_host_org_scientific_name      'Escherichia coli BL21(DE3)' 
_entity_src_gen.pdbx_host_org_ncbi_taxonomy_id     469008 
_entity_src_gen.host_org_genus                     ? 
_entity_src_gen.pdbx_host_org_gene                 ? 
_entity_src_gen.pdbx_host_org_organ                ? 
_entity_src_gen.host_org_species                   ? 
_entity_src_gen.pdbx_host_org_tissue               ? 
_entity_src_gen.pdbx_host_org_tissue_fraction      ? 
_entity_src_gen.pdbx_host_org_strain               ? 
_entity_src_gen.pdbx_host_org_variant              ? 
_entity_src_gen.pdbx_host_org_cell_line            ? 
_entity_src_gen.pdbx_host_org_atcc                 ? 
_entity_src_gen.pdbx_host_org_culture_collection   ? 
_entity_src_gen.pdbx_host_org_cell                 ? 
_entity_src_gen.pdbx_host_org_organelle            ? 
_entity_src_gen.pdbx_host_org_cellular_location    ? 
_entity_src_gen.pdbx_host_org_vector_type          ? 
_entity_src_gen.pdbx_host_org_vector               ? 
_entity_src_gen.host_org_details                   ? 
_entity_src_gen.expression_system_id               ? 
_entity_src_gen.plasmid_name                       ? 
_entity_src_gen.plasmid_details                    ? 
_entity_src_gen.pdbx_description                   ? 
# 
loop_
_chem_comp.id 
_chem_comp.type 
_chem_comp.mon_nstd_flag 
_chem_comp.name 
_chem_comp.pdbx_synonyms 
_chem_comp.formula 
_chem_comp.formula_weight 
ALA 'L-peptide linking' y ALANINE         ? 'C3 H7 N O2'     89.093  
ARG 'L-peptide linking' y ARGININE        ? 'C6 H15 N4 O2 1' 175.209 
ASN 'L-peptide linking' y ASPARAGINE      ? 'C4 H8 N2 O3'    132.118 
ASP 'L-peptide linking' y 'ASPARTIC ACID' ? 'C4 H7 N O4'     133.103 
CA  non-polymer         . 'CALCIUM ION'   ? 'Ca 2'           40.078  
CYS 'L-peptide linking' y CYSTEINE        ? 'C3 H7 N O2 S'   121.158 
GLN 'L-peptide linking' y GLUTAMINE       ? 'C5 H10 N2 O3'   146.144 
GLU 'L-peptide linking' y 'GLUTAMIC ACID' ? 'C5 H9 N O4'     147.129 
GLY 'peptide linking'   y GLYCINE         ? 'C2 H5 N O2'     75.067  
HIS 'L-peptide linking' y HISTIDINE       ? 'C6 H10 N3 O2 1' 156.162 
HOH non-polymer         . WATER           ? 'H2 O'           18.015  
ILE 'L-peptide linking' y ISOLEUCINE      ? 'C6 H13 N O2'    131.173 
LEU 'L-peptide linking' y LEUCINE         ? 'C6 H13 N O2'    131.173 
LYS 'L-peptide linking' y LYSINE          ? 'C6 H15 N2 O2 1' 147.195 
MET 'L-peptide linking' y METHIONINE      ? 'C5 H11 N O2 S'  149.211 
PHE 'L-peptide linking' y PHENYLALANINE   ? 'C9 H11 N O2'    165.189 
PRO 'L-peptide linking' y PROLINE         ? 'C5 H9 N O2'     115.130 
SER 'L-peptide linking' y SERINE          ? 'C3 H7 N O3'     105.093 
THR 'L-peptide linking' y THREONINE       ? 'C4 H9 N O3'     119.119 
TRP 'L-peptide linking' y TRYPTOPHAN      ? 'C11 H12 N2 O2'  204.225 
TYR 'L-peptide linking' y TYROSINE        ? 'C9 H11 N O3'    181.189 
VAL 'L-peptide linking' y VALINE          ? 'C5 H11 N O2'    117.146 
# 
loop_
_pdbx_poly_seq_scheme.asym_id 
_pdbx_poly_seq_scheme.entity_id 
_pdbx_poly_seq_scheme.seq_id 
_pdbx_poly_seq_scheme.mon_id 
_pdbx_poly_seq_scheme.ndb_seq_num 
_pdbx_poly_seq_scheme.pdb_seq_num 
_pdbx_poly_seq_scheme.auth_seq_num 
_pdbx_poly_seq_scheme.pdb_mon_id 
_pdbx_poly_seq_scheme.auth_mon_id 
_pdbx_poly_seq_scheme.pdb_strand_id 
_pdbx_poly_seq_scheme.pdb_ins_code 
_pdbx_poly_seq_scheme.hetero 
A 1 1   GLY 1   261 ?   ?   ?   A . n 
A 1 2   ASN 2   262 5   ASN ASN A . n 
A 1 3   GLU 3   263 6   GLU GLU A . n 
A 1 4   THR 4   264 7   THR THR A . n 
A 1 5   ILE 5   265 8   ILE ILE A . n 
A 1 6   VAL 6   266 9   VAL VAL A . n 
A 1 7   GLN 7   267 10  GLN GLN A . n 
A 1 8   CYS 8   268 11  CYS CYS A . n 
A 1 9   GLU 9   269 12  GLU GLU A . n 
A 1 10  SER 10  270 13  SER SER A . n 
A 1 11  MET 11  271 14  MET MET A . n 
A 1 12  THR 12  272 15  THR THR A . n 
A 1 13  LYS 13  273 16  LYS LYS A . n 
A 1 14  GLY 14  274 17  GLY GLY A . n 
A 1 15  GLY 15  275 18  GLY GLY A . n 
A 1 16  GLN 16  276 19  GLN GLN A . n 
A 1 17  TYR 17  277 20  TYR TYR A . n 
A 1 18  THR 18  278 21  THR THR A . n 
A 1 19  GLY 19  279 22  GLY GLY A . n 
A 1 20  ASN 20  280 23  ASN ASN A . n 
A 1 21  ILE 21  281 24  ILE ILE A . n 
A 1 22  ASN 22  282 25  ASN ASN A . n 
A 1 23  ASN 23  283 26  ASN ASN A . n 
A 1 24  PRO 24  284 27  PRO PRO A . n 
A 1 25  PHE 25  285 28  PHE PHE A . n 
A 1 26  GLY 26  286 29  GLY GLY A . n 
A 1 27  GLY 27  287 30  GLY GLY A . n 
A 1 28  VAL 28  288 31  VAL VAL A . n 
A 1 29  ALA 29  289 32  ALA ALA A . n 
A 1 30  LEU 30  290 33  LEU LEU A . n 
A 1 31  TYR 31  291 34  TYR TYR A . n 
A 1 32  GLY 32  292 35  GLY GLY A . n 
A 1 33  ASN 33  293 36  ASN ASN A . n 
A 1 34  ASN 34  294 37  ASN ASN A . n 
A 1 35  ASP 35  295 38  ASP ASP A . n 
A 1 36  LYS 36  296 39  LYS LYS A . n 
A 1 37  VAL 37  297 40  VAL VAL A . n 
A 1 38  SER 38  298 41  SER SER A . n 
A 1 39  TYR 39  299 42  TYR TYR A . n 
A 1 40  THR 40  300 43  THR THR A . n 
A 1 41  GLN 41  301 44  GLN GLN A . n 
A 1 42  TYR 42  302 45  TYR TYR A . n 
A 1 43  PHE 43  303 46  PHE PHE A . n 
A 1 44  ALA 44  304 47  ALA ALA A . n 
A 1 45  SER 45  305 48  SER SER A . n 
A 1 46  GLY 46  306 49  GLY GLY A . n 
A 1 47  THR 47  307 50  THR THR A . n 
A 1 48  HIS 48  308 51  HIS HIS A . n 
A 1 49  ASP 49  309 52  ASP ASP A . n 
A 1 50  PHE 50  310 53  PHE PHE A . n 
A 1 51  THR 51  311 54  THR THR A . n 
A 1 52  LEU 52  312 55  LEU LEU A . n 
A 1 53  ARG 53  313 56  ARG ARG A . n 
A 1 54  GLY 54  314 57  GLY GLY A . n 
A 1 55  CYS 55  315 58  CYS CYS A . n 
A 1 56  SER 56  316 59  SER SER A . n 
A 1 57  ASN 57  317 60  ASN ASN A . n 
A 1 58  ASN 58  318 61  ASN ASN A . n 
A 1 59  ASP 59  319 62  ASP ASP A . n 
A 1 60  ASN 60  320 63  ASN ASN A . n 
A 1 61  MET 61  321 64  MET MET A . n 
A 1 62  ALA 62  322 65  ALA ALA A . n 
A 1 63  ARG 63  323 66  ARG ARG A . n 
A 1 64  VAL 64  324 67  VAL VAL A . n 
A 1 65  ASP 65  325 68  ASP ASP A . n 
A 1 66  LEU 66  326 69  LEU LEU A . n 
A 1 67  LYS 67  327 70  LYS LYS A . n 
A 1 68  ILE 68  328 71  ILE ILE A . n 
A 1 69  GLY 69  329 72  GLY GLY A . n 
A 1 70  GLY 70  330 73  GLY GLY A . n 
A 1 71  GLU 71  331 74  GLU GLU A . n 
A 1 72  THR 72  332 75  THR THR A . n 
A 1 73  LYS 73  333 76  LYS LYS A . n 
A 1 74  GLY 74  334 77  GLY GLY A . n 
A 1 75  THR 75  335 78  THR THR A . n 
A 1 76  PHE 76  336 79  PHE PHE A . n 
A 1 77  TYR 77  337 80  TYR TYR A . n 
A 1 78  TYR 78  338 81  TYR TYR A . n 
A 1 79  GLY 79  339 82  GLY GLY A . n 
A 1 80  GLY 80  340 83  GLY GLY A . n 
A 1 81  SER 81  341 84  SER SER A . n 
A 1 82  SER 82  342 85  SER SER A . n 
A 1 83  PRO 83  343 86  PRO PRO A . n 
A 1 84  ALA 84  344 87  ALA ALA A . n 
A 1 85  GLU 85  345 88  GLU GLU A . n 
A 1 86  TYR 86  346 89  TYR TYR A . n 
A 1 87  THR 87  347 90  THR THR A . n 
A 1 88  ILE 88  348 91  ILE ILE A . n 
A 1 89  LYS 89  349 92  LYS LYS A . n 
A 1 90  ASN 90  350 93  ASN ASN A . n 
A 1 91  VAL 91  351 94  VAL VAL A . n 
A 1 92  ASN 92  352 95  ASN ASN A . n 
A 1 93  HIS 93  353 96  HIS HIS A . n 
A 1 94  GLY 94  354 97  GLY GLY A . n 
A 1 95  THR 95  355 98  THR THR A . n 
A 1 96  GLY 96  356 99  GLY GLY A . n 
A 1 97  ASN 97  357 100 ASN ASN A . n 
A 1 98  GLN 98  358 101 GLN GLN A . n 
A 1 99  THR 99  359 102 THR THR A . n 
A 1 100 ILE 100 360 103 ILE ILE A . n 
A 1 101 GLU 101 361 104 GLU GLU A . n 
A 1 102 LEU 102 362 105 LEU LEU A . n 
A 1 103 VAL 103 363 106 VAL VAL A . n 
A 1 104 VAL 104 364 107 VAL VAL A . n 
A 1 105 THR 105 365 108 THR THR A . n 
A 1 106 ALA 106 366 109 ALA ALA A . n 
A 1 107 ASP 107 367 110 ASP ASP A . n 
A 1 108 ASN 108 368 111 ASN ASN A . n 
A 1 109 GLY 109 369 112 GLY GLY A . n 
A 1 110 GLN 110 370 113 GLN GLN A . n 
A 1 111 TRP 111 371 114 TRP TRP A . n 
A 1 112 ASP 112 372 115 ASP ASP A . n 
A 1 113 ALA 113 373 116 ALA ALA A . n 
A 1 114 ASN 114 374 117 ASN ASN A . n 
A 1 115 ILE 115 375 118 ILE ILE A . n 
A 1 116 ASP 116 376 119 ASP ASP A . n 
A 1 117 TYR 117 377 120 TYR TYR A . n 
A 1 118 LEU 118 378 121 LEU LEU A . n 
A 1 119 LYS 119 379 122 LYS LYS A . n 
A 1 120 ILE 120 380 123 ILE ILE A . n 
A 1 121 GLY 121 381 124 GLY GLY A . n 
A 1 122 GLY 122 382 125 GLY GLY A . n 
A 1 123 ALA 123 383 126 ALA ALA A . n 
A 1 124 GLY 124 384 127 GLY GLY A . n 
A 1 125 VAL 125 385 128 VAL GLY A . n 
A 1 126 GLY 126 386 ?   ?   ?   A . n 
A 1 127 GLY 127 387 ?   ?   ?   A . n 
A 1 128 ASN 128 388 ?   ?   ?   A . n 
A 1 129 GLU 129 389 ?   ?   ?   A . n 
A 1 130 SER 130 390 ?   ?   ?   A . n 
A 1 131 SER 131 391 ?   ?   ?   A . n 
A 1 132 GLY 132 392 ?   ?   ?   A . n 
A 1 133 GLY 133 393 ?   ?   ?   A . n 
A 1 134 ASN 134 394 ?   ?   ?   A . n 
A 1 135 GLN 135 395 ?   ?   ?   A . n 
A 1 136 GLY 136 396 ?   ?   ?   A . n 
A 1 137 GLY 137 397 ?   ?   ?   A . n 
A 1 138 ASN 138 398 ?   ?   ?   A . n 
A 1 139 GLU 139 399 ?   ?   ?   A . n 
A 1 140 GLY 140 400 ?   ?   ?   A . n 
A 1 141 ASN 141 401 ?   ?   ?   A . n 
A 1 142 GLN 142 402 ?   ?   ?   A . n 
A 1 143 GLY 143 403 ?   ?   ?   A . n 
A 1 144 GLY 144 404 ?   ?   ?   A . n 
A 1 145 ASN 145 405 ?   ?   ?   A . n 
A 1 146 ALA 146 406 ?   ?   ?   A . n 
A 1 147 GLY 147 407 ?   ?   ?   A . n 
A 1 148 ASN 148 408 ?   ?   ?   A . n 
A 1 149 GLU 149 409 ?   ?   ?   A . n 
A 1 150 GLY 150 410 ?   ?   ?   A . n 
A 1 151 GLY 151 411 ?   ?   ?   A . n 
A 1 152 ASN 152 412 ?   ?   ?   A . n 
A 1 153 GLN 153 413 ?   ?   ?   A . n 
A 1 154 ALA 154 414 ?   ?   ?   A . n 
A 1 155 GLY 155 415 ?   ?   ?   A . n 
A 1 156 ASN 156 416 ?   ?   ?   A . n 
A 1 157 THR 157 417 ?   ?   ?   A . n 
A 1 158 GLY 158 418 ?   ?   ?   A . n 
A 1 159 ASN 159 419 ?   ?   ?   A . n 
A 1 160 GLN 160 420 ?   ?   ?   A . n 
A 1 161 GLY 161 421 ?   ?   ?   A . n 
A 1 162 GLY 162 422 ?   ?   ?   A . n 
A 1 163 ASN 163 423 ?   ?   ?   A . n 
A 1 164 GLU 164 424 ?   ?   ?   A . n 
A 1 165 GLY 165 425 ?   ?   ?   A . n 
A 1 166 ASN 166 426 ?   ?   ?   A . n 
A 1 167 ALA 167 427 ?   ?   ?   A . n 
A 1 168 GLY 168 428 ?   ?   ?   A . n 
A 1 169 GLY 169 429 ?   ?   ?   A . n 
A 1 170 GLN 170 430 ?   ?   ?   A . n 
A 1 171 HIS 171 431 ?   ?   ?   A . n 
A 1 172 HIS 172 432 ?   ?   ?   A . n 
A 1 173 HIS 173 433 ?   ?   ?   A . n 
A 1 174 HIS 174 434 ?   ?   ?   A . n 
A 1 175 HIS 175 435 ?   ?   ?   A . n 
A 1 176 HIS 176 436 ?   ?   ?   A . n 
# 
loop_
_pdbx_nonpoly_scheme.asym_id 
_pdbx_nonpoly_scheme.entity_id 
_pdbx_nonpoly_scheme.mon_id 
_pdbx_nonpoly_scheme.ndb_seq_num 
_pdbx_nonpoly_scheme.pdb_seq_num 
_pdbx_nonpoly_scheme.auth_seq_num 
_pdbx_nonpoly_scheme.pdb_mon_id 
_pdbx_nonpoly_scheme.auth_mon_id 
_pdbx_nonpoly_scheme.pdb_strand_id 
_pdbx_nonpoly_scheme.pdb_ins_code 
B 2 CA  1   501 1   CA  CA  A . 
C 2 CA  1   502 2   CA  CA  A . 
D 3 HOH 1   601 48  HOH HOH A . 
D 3 HOH 2   602 69  HOH HOH A . 
D 3 HOH 3   603 17  HOH HOH A . 
D 3 HOH 4   604 112 HOH HOH A . 
D 3 HOH 5   605 42  HOH HOH A . 
D 3 HOH 6   606 32  HOH HOH A . 
D 3 HOH 7   607 43  HOH HOH A . 
D 3 HOH 8   608 26  HOH HOH A . 
D 3 HOH 9   609 45  HOH HOH A . 
D 3 HOH 10  610 22  HOH HOH A . 
D 3 HOH 11  611 34  HOH HOH A . 
D 3 HOH 12  612 101 HOH HOH A . 
D 3 HOH 13  613 14  HOH HOH A . 
D 3 HOH 14  614 87  HOH HOH A . 
D 3 HOH 15  615 95  HOH HOH A . 
D 3 HOH 16  616 60  HOH HOH A . 
D 3 HOH 17  617 49  HOH HOH A . 
D 3 HOH 18  618 24  HOH HOH A . 
D 3 HOH 19  619 131 HOH HOH A . 
D 3 HOH 20  620 16  HOH HOH A . 
D 3 HOH 21  621 7   HOH HOH A . 
D 3 HOH 22  622 88  HOH HOH A . 
D 3 HOH 23  623 129 HOH HOH A . 
D 3 HOH 24  624 23  HOH HOH A . 
D 3 HOH 25  625 36  HOH HOH A . 
D 3 HOH 26  626 91  HOH HOH A . 
D 3 HOH 27  627 74  HOH HOH A . 
D 3 HOH 28  628 21  HOH HOH A . 
D 3 HOH 29  629 70  HOH HOH A . 
D 3 HOH 30  630 13  HOH HOH A . 
D 3 HOH 31  631 25  HOH HOH A . 
D 3 HOH 32  632 39  HOH HOH A . 
D 3 HOH 33  633 29  HOH HOH A . 
D 3 HOH 34  634 61  HOH HOH A . 
D 3 HOH 35  635 12  HOH HOH A . 
D 3 HOH 36  636 8   HOH HOH A . 
D 3 HOH 37  637 51  HOH HOH A . 
D 3 HOH 38  638 63  HOH HOH A . 
D 3 HOH 39  639 75  HOH HOH A . 
D 3 HOH 40  640 72  HOH HOH A . 
D 3 HOH 41  641 96  HOH HOH A . 
D 3 HOH 42  642 102 HOH HOH A . 
D 3 HOH 43  643 67  HOH HOH A . 
D 3 HOH 44  644 40  HOH HOH A . 
D 3 HOH 45  645 37  HOH HOH A . 
D 3 HOH 46  646 19  HOH HOH A . 
D 3 HOH 47  647 92  HOH HOH A . 
D 3 HOH 48  648 18  HOH HOH A . 
D 3 HOH 49  649 109 HOH HOH A . 
D 3 HOH 50  650 90  HOH HOH A . 
D 3 HOH 51  651 73  HOH HOH A . 
D 3 HOH 52  652 115 HOH HOH A . 
D 3 HOH 53  653 50  HOH HOH A . 
D 3 HOH 54  654 5   HOH HOH A . 
D 3 HOH 55  655 134 HOH HOH A . 
D 3 HOH 56  656 44  HOH HOH A . 
D 3 HOH 57  657 108 HOH HOH A . 
D 3 HOH 58  658 30  HOH HOH A . 
D 3 HOH 59  659 77  HOH HOH A . 
D 3 HOH 60  660 62  HOH HOH A . 
D 3 HOH 61  661 56  HOH HOH A . 
D 3 HOH 62  662 125 HOH HOH A . 
D 3 HOH 63  663 76  HOH HOH A . 
D 3 HOH 64  664 121 HOH HOH A . 
D 3 HOH 65  665 3   HOH HOH A . 
D 3 HOH 66  666 105 HOH HOH A . 
D 3 HOH 67  667 52  HOH HOH A . 
D 3 HOH 68  668 4   HOH HOH A . 
D 3 HOH 69  669 65  HOH HOH A . 
D 3 HOH 70  670 124 HOH HOH A . 
D 3 HOH 71  671 31  HOH HOH A . 
D 3 HOH 72  672 135 HOH HOH A . 
D 3 HOH 73  673 46  HOH HOH A . 
D 3 HOH 74  674 47  HOH HOH A . 
D 3 HOH 75  675 89  HOH HOH A . 
D 3 HOH 76  676 93  HOH HOH A . 
D 3 HOH 77  677 27  HOH HOH A . 
D 3 HOH 78  678 53  HOH HOH A . 
D 3 HOH 79  679 59  HOH HOH A . 
D 3 HOH 80  680 130 HOH HOH A . 
D 3 HOH 81  681 116 HOH HOH A . 
D 3 HOH 82  682 83  HOH HOH A . 
D 3 HOH 83  683 128 HOH HOH A . 
D 3 HOH 84  684 41  HOH HOH A . 
D 3 HOH 85  685 11  HOH HOH A . 
D 3 HOH 86  686 132 HOH HOH A . 
D 3 HOH 87  687 54  HOH HOH A . 
D 3 HOH 88  688 28  HOH HOH A . 
D 3 HOH 89  689 6   HOH HOH A . 
D 3 HOH 90  690 38  HOH HOH A . 
D 3 HOH 91  691 106 HOH HOH A . 
D 3 HOH 92  692 123 HOH HOH A . 
D 3 HOH 93  693 58  HOH HOH A . 
D 3 HOH 94  694 81  HOH HOH A . 
D 3 HOH 95  695 110 HOH HOH A . 
D 3 HOH 96  696 94  HOH HOH A . 
D 3 HOH 97  697 85  HOH HOH A . 
D 3 HOH 98  698 114 HOH HOH A . 
D 3 HOH 99  699 122 HOH HOH A . 
D 3 HOH 100 700 68  HOH HOH A . 
D 3 HOH 101 701 82  HOH HOH A . 
D 3 HOH 102 702 99  HOH HOH A . 
D 3 HOH 103 703 64  HOH HOH A . 
D 3 HOH 104 704 100 HOH HOH A . 
D 3 HOH 105 705 118 HOH HOH A . 
D 3 HOH 106 706 117 HOH HOH A . 
D 3 HOH 107 707 98  HOH HOH A . 
D 3 HOH 108 708 33  HOH HOH A . 
D 3 HOH 109 709 35  HOH HOH A . 
D 3 HOH 110 710 111 HOH HOH A . 
D 3 HOH 111 711 104 HOH HOH A . 
D 3 HOH 112 712 9   HOH HOH A . 
D 3 HOH 113 713 133 HOH HOH A . 
D 3 HOH 114 714 66  HOH HOH A . 
D 3 HOH 115 715 71  HOH HOH A . 
D 3 HOH 116 716 120 HOH HOH A . 
# 
loop_
_pdbx_unobs_or_zero_occ_atoms.id 
_pdbx_unobs_or_zero_occ_atoms.PDB_model_num 
_pdbx_unobs_or_zero_occ_atoms.polymer_flag 
_pdbx_unobs_or_zero_occ_atoms.occupancy_flag 
_pdbx_unobs_or_zero_occ_atoms.auth_asym_id 
_pdbx_unobs_or_zero_occ_atoms.auth_comp_id 
_pdbx_unobs_or_zero_occ_atoms.auth_seq_id 
_pdbx_unobs_or_zero_occ_atoms.PDB_ins_code 
_pdbx_unobs_or_zero_occ_atoms.auth_atom_id 
_pdbx_unobs_or_zero_occ_atoms.label_alt_id 
_pdbx_unobs_or_zero_occ_atoms.label_asym_id 
_pdbx_unobs_or_zero_occ_atoms.label_comp_id 
_pdbx_unobs_or_zero_occ_atoms.label_seq_id 
_pdbx_unobs_or_zero_occ_atoms.label_atom_id 
1 1 Y 1 A VAL 385 ? CB  ? A VAL 125 CB  
2 1 Y 1 A VAL 385 ? CG1 ? A VAL 125 CG1 
3 1 Y 1 A VAL 385 ? CG2 ? A VAL 125 CG2 
# 
loop_
_software.citation_id 
_software.classification 
_software.compiler_name 
_software.compiler_version 
_software.contact_author 
_software.contact_author_email 
_software.date 
_software.description 
_software.dependencies 
_software.hardware 
_software.language 
_software.location 
_software.mods 
_software.name 
_software.os 
_software.os_version 
_software.type 
_software.version 
_software.pdbx_ordinal 
? refinement        ? ? ? ? ? ? ? ? ? ? ? PHENIX   ? ? ? 1.12_2829 1 
? 'data collection' ? ? ? ? ? ? ? ? ? ? ? HKL-3000 ? ? ? 1.12_2829 2 
? 'data reduction'  ? ? ? ? ? ? ? ? ? ? ? MOSFLM   ? ? ? 1.12_2829 3 
? 'data scaling'    ? ? ? ? ? ? ? ? ? ? ? SCALA    ? ? ? 1.12_2829 4 
? phasing           ? ? ? ? ? ? ? ? ? ? ? PHASER   ? ? ? 1.12_2829 5 
# 
_cell.angle_alpha                  90.000 
_cell.angle_alpha_esd              ? 
_cell.angle_beta                   90.000 
_cell.angle_beta_esd               ? 
_cell.angle_gamma                  90.000 
_cell.angle_gamma_esd              ? 
_cell.entry_id                     7AY3 
_cell.details                      ? 
_cell.formula_units_Z              ? 
_cell.length_a                     28.432 
_cell.length_a_esd                 ? 
_cell.length_b                     37.320 
_cell.length_b_esd                 ? 
_cell.length_c                     108.020 
_cell.length_c_esd                 ? 
_cell.volume                       114618.929 
_cell.volume_esd                   ? 
_cell.Z_PDB                        4 
_cell.reciprocal_angle_alpha       ? 
_cell.reciprocal_angle_beta        ? 
_cell.reciprocal_angle_gamma       ? 
_cell.reciprocal_angle_alpha_esd   ? 
_cell.reciprocal_angle_beta_esd    ? 
_cell.reciprocal_angle_gamma_esd   ? 
_cell.reciprocal_length_a          ? 
_cell.reciprocal_length_b          ? 
_cell.reciprocal_length_c          ? 
_cell.reciprocal_length_a_esd      ? 
_cell.reciprocal_length_b_esd      ? 
_cell.reciprocal_length_c_esd      ? 
_cell.pdbx_unique_axis             ? 
# 
_symmetry.entry_id                         7AY3 
_symmetry.cell_setting                     ? 
_symmetry.Int_Tables_number                19 
_symmetry.space_group_name_Hall            'P 2ac 2ab' 
_symmetry.space_group_name_H-M             'P 21 21 21' 
_symmetry.pdbx_full_space_group_name_H-M   ? 
# 
_exptl.absorpt_coefficient_mu     ? 
_exptl.absorpt_correction_T_max   ? 
_exptl.absorpt_correction_T_min   ? 
_exptl.absorpt_correction_type    ? 
_exptl.absorpt_process_details    ? 
_exptl.entry_id                   7AY3 
_exptl.crystals_number            1 
_exptl.details                    ? 
_exptl.method                     'X-RAY DIFFRACTION' 
_exptl.method_details             ? 
# 
_exptl_crystal.colour                      ? 
_exptl_crystal.density_diffrn              ? 
_exptl_crystal.density_Matthews            ? 
_exptl_crystal.density_method              ? 
_exptl_crystal.density_percent_sol         ? 
_exptl_crystal.description                 'hexagonal crystal' 
_exptl_crystal.F_000                       ? 
_exptl_crystal.id                          1 
_exptl_crystal.preparation                 ? 
_exptl_crystal.size_max                    ? 
_exptl_crystal.size_mid                    ? 
_exptl_crystal.size_min                    ? 
_exptl_crystal.size_rad                    ? 
_exptl_crystal.colour_lustre               ? 
_exptl_crystal.colour_modifier             ? 
_exptl_crystal.colour_primary              ? 
_exptl_crystal.density_meas                ? 
_exptl_crystal.density_meas_esd            ? 
_exptl_crystal.density_meas_gt             ? 
_exptl_crystal.density_meas_lt             ? 
_exptl_crystal.density_meas_temp           ? 
_exptl_crystal.density_meas_temp_esd       ? 
_exptl_crystal.density_meas_temp_gt        ? 
_exptl_crystal.density_meas_temp_lt        ? 
_exptl_crystal.pdbx_crystal_image_url      ? 
_exptl_crystal.pdbx_crystal_image_format   ? 
_exptl_crystal.pdbx_mosaicity              ? 
_exptl_crystal.pdbx_mosaicity_esd          ? 
# 
_exptl_crystal_grow.apparatus       ? 
_exptl_crystal_grow.atmosphere      ? 
_exptl_crystal_grow.crystal_id      1 
_exptl_crystal_grow.details         ? 
_exptl_crystal_grow.method          'VAPOR DIFFUSION, SITTING DROP' 
_exptl_crystal_grow.method_ref      ? 
_exptl_crystal_grow.pH              7.5 
_exptl_crystal_grow.pressure        ? 
_exptl_crystal_grow.pressure_esd    ? 
_exptl_crystal_grow.seeding         ? 
_exptl_crystal_grow.seeding_ref     ? 
_exptl_crystal_grow.temp            293.15 
_exptl_crystal_grow.temp_details    ? 
_exptl_crystal_grow.temp_esd        ? 
_exptl_crystal_grow.time            ? 
_exptl_crystal_grow.pdbx_details    'PEG 3000, Hepes' 
_exptl_crystal_grow.pdbx_pH_range   ? 
# 
_diffrn.ambient_environment              ? 
_diffrn.ambient_temp                     100 
_diffrn.ambient_temp_details             ? 
_diffrn.ambient_temp_esd                 ? 
_diffrn.crystal_id                       1 
_diffrn.crystal_support                  ? 
_diffrn.crystal_treatment                ? 
_diffrn.details                          ? 
_diffrn.id                               1 
_diffrn.ambient_pressure                 ? 
_diffrn.ambient_pressure_esd             ? 
_diffrn.ambient_pressure_gt              ? 
_diffrn.ambient_pressure_lt              ? 
_diffrn.ambient_temp_gt                  ? 
_diffrn.ambient_temp_lt                  ? 
_diffrn.pdbx_serial_crystal_experiment   N 
# 
_diffrn_detector.details                      ? 
_diffrn_detector.detector                     CCD 
_diffrn_detector.diffrn_id                    1 
_diffrn_detector.type                         'RIGAKU SATURN 944' 
_diffrn_detector.area_resol_mean              ? 
_diffrn_detector.dtime                        ? 
_diffrn_detector.pdbx_frames_total            ? 
_diffrn_detector.pdbx_collection_time_total   ? 
_diffrn_detector.pdbx_collection_date         2018-07-31 
_diffrn_detector.pdbx_frequency               ? 
# 
_diffrn_radiation.collimation                      ? 
_diffrn_radiation.diffrn_id                        1 
_diffrn_radiation.filter_edge                      ? 
_diffrn_radiation.inhomogeneity                    ? 
_diffrn_radiation.monochromator                    ? 
_diffrn_radiation.polarisn_norm                    ? 
_diffrn_radiation.polarisn_ratio                   ? 
_diffrn_radiation.probe                            ? 
_diffrn_radiation.type                             ? 
_diffrn_radiation.xray_symbol                      ? 
_diffrn_radiation.wavelength_id                    1 
_diffrn_radiation.pdbx_monochromatic_or_laue_m_l   M 
_diffrn_radiation.pdbx_wavelength_list             ? 
_diffrn_radiation.pdbx_wavelength                  ? 
_diffrn_radiation.pdbx_diffrn_protocol             'SINGLE WAVELENGTH' 
_diffrn_radiation.pdbx_analyzer                    ? 
_diffrn_radiation.pdbx_scattering_type             x-ray 
# 
_diffrn_radiation_wavelength.id           1 
_diffrn_radiation_wavelength.wavelength   1.54 
_diffrn_radiation_wavelength.wt           1.0 
# 
_diffrn_source.current                     ? 
_diffrn_source.details                     ? 
_diffrn_source.diffrn_id                   1 
_diffrn_source.power                       ? 
_diffrn_source.size                        ? 
_diffrn_source.source                      'ROTATING ANODE' 
_diffrn_source.target                      ? 
_diffrn_source.type                        'RIGAKU MICROMAX-007 HF' 
_diffrn_source.voltage                     ? 
_diffrn_source.take-off_angle              ? 
_diffrn_source.pdbx_wavelength_list        1.54 
_diffrn_source.pdbx_wavelength             ? 
_diffrn_source.pdbx_synchrotron_beamline   ? 
_diffrn_source.pdbx_synchrotron_site       ? 
# 
_reflns.B_iso_Wilson_estimate            31.6049725646 
_reflns.entry_id                         7AY3 
_reflns.data_reduction_details           ? 
_reflns.data_reduction_method            ? 
_reflns.d_resolution_high                1.99 
_reflns.d_resolution_low                 25.16 
_reflns.details                          ? 
_reflns.limit_h_max                      ? 
_reflns.limit_h_min                      ? 
_reflns.limit_k_max                      ? 
_reflns.limit_k_min                      ? 
_reflns.limit_l_max                      ? 
_reflns.limit_l_min                      ? 
_reflns.number_all                       ? 
_reflns.number_obs                       8260 
_reflns.observed_criterion               ? 
_reflns.observed_criterion_F_max         ? 
_reflns.observed_criterion_F_min         ? 
_reflns.observed_criterion_I_max         ? 
_reflns.observed_criterion_I_min         ? 
_reflns.observed_criterion_sigma_F       ? 
_reflns.observed_criterion_sigma_I       ? 
_reflns.percent_possible_obs             98.3 
_reflns.R_free_details                   ? 
_reflns.Rmerge_F_all                     ? 
_reflns.Rmerge_F_obs                     ? 
_reflns.Friedel_coverage                 ? 
_reflns.number_gt                        ? 
_reflns.threshold_expression             ? 
_reflns.pdbx_redundancy                  2 
_reflns.pdbx_Rmerge_I_obs                ? 
_reflns.pdbx_Rmerge_I_all                ? 
_reflns.pdbx_Rsym_value                  ? 
_reflns.pdbx_netI_over_av_sigmaI         ? 
_reflns.pdbx_netI_over_sigmaI            22 
_reflns.pdbx_res_netI_over_av_sigmaI_2   ? 
_reflns.pdbx_res_netI_over_sigmaI_2      ? 
_reflns.pdbx_chi_squared                 ? 
_reflns.pdbx_scaling_rejects             ? 
_reflns.pdbx_d_res_high_opt              ? 
_reflns.pdbx_d_res_low_opt               ? 
_reflns.pdbx_d_res_opt_method            ? 
_reflns.phase_calculation_details        ? 
_reflns.pdbx_Rrim_I_all                  ? 
_reflns.pdbx_Rpim_I_all                  ? 
_reflns.pdbx_d_opt                       ? 
_reflns.pdbx_number_measured_all         ? 
_reflns.pdbx_diffrn_id                   1 
_reflns.pdbx_ordinal                     1 
_reflns.pdbx_CC_half                     0.999 
_reflns.pdbx_CC_star                     ? 
_reflns.pdbx_R_split                     ? 
# 
_reflns_shell.d_res_high                  1.99 
_reflns_shell.d_res_low                   2.06 
_reflns_shell.meanI_over_sigI_all         ? 
_reflns_shell.meanI_over_sigI_obs         ? 
_reflns_shell.number_measured_all         ? 
_reflns_shell.number_measured_obs         ? 
_reflns_shell.number_possible             ? 
_reflns_shell.number_unique_all           ? 
_reflns_shell.number_unique_obs           715 
_reflns_shell.percent_possible_all        87 
_reflns_shell.percent_possible_obs        ? 
_reflns_shell.Rmerge_F_all                ? 
_reflns_shell.Rmerge_F_obs                ? 
_reflns_shell.Rmerge_I_all                ? 
_reflns_shell.Rmerge_I_obs                ? 
_reflns_shell.meanI_over_sigI_gt          ? 
_reflns_shell.meanI_over_uI_all           ? 
_reflns_shell.meanI_over_uI_gt            ? 
_reflns_shell.number_measured_gt          ? 
_reflns_shell.number_unique_gt            ? 
_reflns_shell.percent_possible_gt         ? 
_reflns_shell.Rmerge_F_gt                 ? 
_reflns_shell.Rmerge_I_gt                 ? 
_reflns_shell.pdbx_redundancy             ? 
_reflns_shell.pdbx_Rsym_value             ? 
_reflns_shell.pdbx_chi_squared            ? 
_reflns_shell.pdbx_netI_over_sigmaI_all   ? 
_reflns_shell.pdbx_netI_over_sigmaI_obs   ? 
_reflns_shell.pdbx_Rrim_I_all             ? 
_reflns_shell.pdbx_Rpim_I_all             ? 
_reflns_shell.pdbx_rejects                ? 
_reflns_shell.pdbx_ordinal                1 
_reflns_shell.pdbx_diffrn_id              1 
_reflns_shell.pdbx_CC_half                0.988 
_reflns_shell.pdbx_CC_star                ? 
_reflns_shell.pdbx_R_split                ? 
# 
_refine.aniso_B[1][1]                            ? 
_refine.aniso_B[1][2]                            ? 
_refine.aniso_B[1][3]                            ? 
_refine.aniso_B[2][2]                            ? 
_refine.aniso_B[2][3]                            ? 
_refine.aniso_B[3][3]                            ? 
_refine.B_iso_max                                ? 
_refine.B_iso_mean                               31.7846041482 
_refine.B_iso_min                                ? 
_refine.correlation_coeff_Fo_to_Fc               ? 
_refine.correlation_coeff_Fo_to_Fc_free          ? 
_refine.details                                  ? 
_refine.diff_density_max                         ? 
_refine.diff_density_max_esd                     ? 
_refine.diff_density_min                         ? 
_refine.diff_density_min_esd                     ? 
_refine.diff_density_rms                         ? 
_refine.diff_density_rms_esd                     ? 
_refine.entry_id                                 7AY3 
_refine.pdbx_refine_id                           'X-RAY DIFFRACTION' 
_refine.ls_abs_structure_details                 ? 
_refine.ls_abs_structure_Flack                   ? 
_refine.ls_abs_structure_Flack_esd               ? 
_refine.ls_abs_structure_Rogers                  ? 
_refine.ls_abs_structure_Rogers_esd              ? 
_refine.ls_d_res_high                            2.00001880273 
_refine.ls_d_res_low                             22.6164210804 
_refine.ls_extinction_coef                       ? 
_refine.ls_extinction_coef_esd                   ? 
_refine.ls_extinction_expression                 ? 
_refine.ls_extinction_method                     ? 
_refine.ls_goodness_of_fit_all                   ? 
_refine.ls_goodness_of_fit_all_esd               ? 
_refine.ls_goodness_of_fit_obs                   ? 
_refine.ls_goodness_of_fit_obs_esd               ? 
_refine.ls_hydrogen_treatment                    ? 
_refine.ls_matrix_type                           ? 
_refine.ls_number_constraints                    ? 
_refine.ls_number_parameters                     ? 
_refine.ls_number_reflns_all                     ? 
_refine.ls_number_reflns_obs                     8120 
_refine.ls_number_reflns_R_free                  816 
_refine.ls_number_reflns_R_work                  7304 
_refine.ls_number_restraints                     ? 
_refine.ls_percent_reflns_obs                    98.0557903635 
_refine.ls_percent_reflns_R_free                 10.0492610837 
_refine.ls_R_factor_all                          ? 
_refine.ls_R_factor_obs                          0.182296205054 
_refine.ls_R_factor_R_free                       0.249113269824 
_refine.ls_R_factor_R_free_error                 ? 
_refine.ls_R_factor_R_free_error_details         ? 
_refine.ls_R_factor_R_work                       0.175017543517 
_refine.ls_R_Fsqd_factor_obs                     ? 
_refine.ls_R_I_factor_obs                        ? 
_refine.ls_redundancy_reflns_all                 ? 
_refine.ls_redundancy_reflns_obs                 ? 
_refine.ls_restrained_S_all                      ? 
_refine.ls_restrained_S_obs                      ? 
_refine.ls_shift_over_esd_max                    ? 
_refine.ls_shift_over_esd_mean                   ? 
_refine.ls_structure_factor_coef                 ? 
_refine.ls_weighting_details                     ? 
_refine.ls_weighting_scheme                      ? 
_refine.ls_wR_factor_all                         ? 
_refine.ls_wR_factor_obs                         ? 
_refine.ls_wR_factor_R_free                      ? 
_refine.ls_wR_factor_R_work                      ? 
_refine.occupancy_max                            ? 
_refine.occupancy_min                            ? 
_refine.solvent_model_details                    'FLAT BULK SOLVENT MODEL' 
_refine.solvent_model_param_bsol                 ? 
_refine.solvent_model_param_ksol                 ? 
_refine.pdbx_R_complete                          ? 
_refine.ls_R_factor_gt                           ? 
_refine.ls_goodness_of_fit_gt                    ? 
_refine.ls_goodness_of_fit_ref                   ? 
_refine.ls_shift_over_su_max                     ? 
_refine.ls_shift_over_su_max_lt                  ? 
_refine.ls_shift_over_su_mean                    ? 
_refine.ls_shift_over_su_mean_lt                 ? 
_refine.pdbx_ls_sigma_I                          ? 
_refine.pdbx_ls_sigma_F                          0.0 
_refine.pdbx_ls_sigma_Fsqd                       ? 
_refine.pdbx_data_cutoff_high_absF               ? 
_refine.pdbx_data_cutoff_high_rms_absF           ? 
_refine.pdbx_data_cutoff_low_absF                ? 
_refine.pdbx_isotropic_thermal_model             ? 
_refine.pdbx_ls_cross_valid_method               'FREE R-VALUE' 
_refine.pdbx_method_to_determine_struct          'MOLECULAR REPLACEMENT' 
_refine.pdbx_starting_model                      2C71 
_refine.pdbx_stereochemistry_target_values       'GeoStd + Monomer Library + CDL v1.2' 
_refine.pdbx_R_Free_selection_details            ? 
_refine.pdbx_stereochem_target_val_spec_case     ? 
_refine.pdbx_overall_ESU_R                       ? 
_refine.pdbx_overall_ESU_R_Free                  ? 
_refine.pdbx_solvent_vdw_probe_radii             1.11 
_refine.pdbx_solvent_ion_probe_radii             ? 
_refine.pdbx_solvent_shrinkage_radii             0.9 
_refine.pdbx_real_space_R                        ? 
_refine.pdbx_density_correlation                 ? 
_refine.pdbx_pd_number_of_powder_patterns        ? 
_refine.pdbx_pd_number_of_points                 ? 
_refine.pdbx_pd_meas_number_of_points            ? 
_refine.pdbx_pd_proc_ls_prof_R_factor            ? 
_refine.pdbx_pd_proc_ls_prof_wR_factor           ? 
_refine.pdbx_pd_Marquardt_correlation_coeff      ? 
_refine.pdbx_pd_Fsqrd_R_factor                   ? 
_refine.pdbx_pd_ls_matrix_band_width             ? 
_refine.pdbx_overall_phase_error                 25.0213098228 
_refine.pdbx_overall_SU_R_free_Cruickshank_DPI   ? 
_refine.pdbx_overall_SU_R_free_Blow_DPI          ? 
_refine.pdbx_overall_SU_R_Blow_DPI               ? 
_refine.pdbx_TLS_residual_ADP_flag               ? 
_refine.pdbx_diffrn_id                           1 
_refine.overall_SU_B                             ? 
_refine.overall_SU_ML                            0.219286164382 
_refine.overall_SU_R_Cruickshank_DPI             ? 
_refine.overall_SU_R_free                        ? 
_refine.overall_FOM_free_R_set                   ? 
_refine.overall_FOM_work_R_set                   ? 
_refine.pdbx_average_fsc_overall                 ? 
_refine.pdbx_average_fsc_work                    ? 
_refine.pdbx_average_fsc_free                    ? 
# 
_refine_hist.pdbx_refine_id                   'X-RAY DIFFRACTION' 
_refine_hist.cycle_id                         LAST 
_refine_hist.details                          ? 
_refine_hist.d_res_high                       2.00001880273 
_refine_hist.d_res_low                        22.6164210804 
_refine_hist.number_atoms_solvent             116 
_refine_hist.number_atoms_total               1048 
_refine_hist.number_reflns_all                ? 
_refine_hist.number_reflns_obs                ? 
_refine_hist.number_reflns_R_free             ? 
_refine_hist.number_reflns_R_work             ? 
_refine_hist.R_factor_all                     ? 
_refine_hist.R_factor_obs                     ? 
_refine_hist.R_factor_R_free                  ? 
_refine_hist.R_factor_R_work                  ? 
_refine_hist.pdbx_number_residues_total       ? 
_refine_hist.pdbx_B_iso_mean_ligand           ? 
_refine_hist.pdbx_B_iso_mean_solvent          ? 
_refine_hist.pdbx_number_atoms_protein        930 
_refine_hist.pdbx_number_atoms_nucleic_acid   0 
_refine_hist.pdbx_number_atoms_ligand         2 
_refine_hist.pdbx_number_atoms_lipid          ? 
_refine_hist.pdbx_number_atoms_carb           ? 
_refine_hist.pdbx_pseudo_atom_details         ? 
# 
loop_
_refine_ls_restr.pdbx_refine_id 
_refine_ls_restr.criterion 
_refine_ls_restr.dev_ideal 
_refine_ls_restr.dev_ideal_target 
_refine_ls_restr.number 
_refine_ls_restr.rejects 
_refine_ls_restr.type 
_refine_ls_restr.weight 
_refine_ls_restr.pdbx_restraint_function 
'X-RAY DIFFRACTION' ? 0.00566449579868 ? 947  ? f_bond_d           ? ? 
'X-RAY DIFFRACTION' ? 0.784560082037   ? 1282 ? f_angle_d          ? ? 
'X-RAY DIFFRACTION' ? 0.0520791160927  ? 135  ? f_chiral_restr     ? ? 
'X-RAY DIFFRACTION' ? 0.0046408551556  ? 173  ? f_plane_restr      ? ? 
'X-RAY DIFFRACTION' ? 3.1976109843     ? 538  ? f_dihedral_angle_d ? ? 
# 
loop_
_refine_ls_shell.pdbx_refine_id 
_refine_ls_shell.d_res_high 
_refine_ls_shell.d_res_low 
_refine_ls_shell.number_reflns_all 
_refine_ls_shell.number_reflns_obs 
_refine_ls_shell.number_reflns_R_free 
_refine_ls_shell.number_reflns_R_work 
_refine_ls_shell.percent_reflns_obs 
_refine_ls_shell.percent_reflns_R_free 
_refine_ls_shell.R_factor_all 
_refine_ls_shell.R_factor_obs 
_refine_ls_shell.R_factor_R_free 
_refine_ls_shell.R_factor_R_free_error 
_refine_ls_shell.R_factor_R_work 
_refine_ls_shell.redundancy_reflns_all 
_refine_ls_shell.redundancy_reflns_obs 
_refine_ls_shell.wR_factor_all 
_refine_ls_shell.wR_factor_obs 
_refine_ls_shell.wR_factor_R_free 
_refine_ls_shell.wR_factor_R_work 
_refine_ls_shell.pdbx_R_complete 
_refine_ls_shell.pdbx_total_number_of_bins_used 
_refine_ls_shell.pdbx_phase_error 
_refine_ls_shell.pdbx_fsc_work 
_refine_ls_shell.pdbx_fsc_free 
'X-RAY DIFFRACTION' 2.05   2.1252 . . 126 1113 92.1875       . . . 0.293631480237 . 0.21892695713  . . . . . . . . . . . 
'X-RAY DIFFRACTION' 2.1252 2.2892 . . 133 1187 98.8023952096 . . . 0.278454432729 . 0.192405771729 . . . . . . . . . . . 
'X-RAY DIFFRACTION' 2.2892 2.5193 . . 134 1213 98.8986784141 . . . 0.259700035058 . 0.195199168534 . . . . . . . . . . . 
'X-RAY DIFFRACTION' 2.5193 2.8832 . . 138 1226 99.5620437956 . . . 0.252735344731 . 0.186452962605 . . . . . . . . . . . 
'X-RAY DIFFRACTION' 2.8832 3.6301 . . 138 1254 99.7849462366 . . . 0.266756351747 . 0.17085474956  . . . . . . . . . . . 
'X-RAY DIFFRACTION' 3.6301 10     . . 147 1311 98.9145183175 . . . 0.219430962939 . 0.158344163149 . . . . . . . . . . . 
# 
_struct.entry_id                     7AY3 
_struct.title                        
'Crystal structure of the CBM36-1 domain of a multidomain xylanase from the hindgut metagenome of Trinervitermes trinervoides' 
_struct.pdbx_model_details           ? 
_struct.pdbx_formula_weight          ? 
_struct.pdbx_formula_weight_method   ? 
_struct.pdbx_model_type_details      ? 
_struct.pdbx_CASP_flag               N 
# 
_struct_keywords.entry_id        7AY3 
_struct_keywords.text            
;CBM36, glycoside hydrolase, multidomain protein, carbohydrate binding domains, GH11, interdomain interactions, carbohydrate esterases, Isothermal titration calorimetry, SUGAR BINDING PROTEIN
;
_struct_keywords.pdbx_keywords   'SUGAR BINDING PROTEIN' 
# 
loop_
_struct_asym.id 
_struct_asym.pdbx_blank_PDB_chainid_flag 
_struct_asym.pdbx_modified 
_struct_asym.entity_id 
_struct_asym.details 
A N N 1 ? 
B N N 2 ? 
C N N 2 ? 
D N N 3 ? 
# 
_struct_ref.id                         1 
_struct_ref.db_name                    UNP 
_struct_ref.db_code                    A0A140HJ20_9BACT 
_struct_ref.pdbx_db_accession          A0A140HJ20 
_struct_ref.pdbx_db_isoform            ? 
_struct_ref.entity_id                  1 
_struct_ref.pdbx_seq_one_letter_code   
;GNETIVQCESMTKGGQYTGNINNPFGGVALYGNNDKVSYTQYFASGTHDFTLRGCSNNDNMARVDLKIGGETKGTFYYGG
SYPAEYTIKNVNHGTGNQTIELVVTADNGQWDANIDYLKIGGAGVGGNESSGGNQGGNEGNQGGNAGNEGGNQAGNTGNQ
GGNEGNAGGQ
;
_struct_ref.pdbx_align_begin           261 
# 
_struct_ref_seq.align_id                      1 
_struct_ref_seq.ref_id                        1 
_struct_ref_seq.pdbx_PDB_id_code              7AY3 
_struct_ref_seq.pdbx_strand_id                A 
_struct_ref_seq.seq_align_beg                 1 
_struct_ref_seq.pdbx_seq_align_beg_ins_code   ? 
_struct_ref_seq.seq_align_end                 170 
_struct_ref_seq.pdbx_seq_align_end_ins_code   ? 
_struct_ref_seq.pdbx_db_accession             A0A140HJ20 
_struct_ref_seq.db_align_beg                  261 
_struct_ref_seq.pdbx_db_align_beg_ins_code    ? 
_struct_ref_seq.db_align_end                  430 
_struct_ref_seq.pdbx_db_align_end_ins_code    ? 
_struct_ref_seq.pdbx_auth_seq_align_beg       261 
_struct_ref_seq.pdbx_auth_seq_align_end       430 
# 
loop_
_struct_ref_seq_dif.align_id 
_struct_ref_seq_dif.pdbx_pdb_id_code 
_struct_ref_seq_dif.mon_id 
_struct_ref_seq_dif.pdbx_pdb_strand_id 
_struct_ref_seq_dif.seq_num 
_struct_ref_seq_dif.pdbx_pdb_ins_code 
_struct_ref_seq_dif.pdbx_seq_db_name 
_struct_ref_seq_dif.pdbx_seq_db_accession_code 
_struct_ref_seq_dif.db_mon_id 
_struct_ref_seq_dif.pdbx_seq_db_seq_num 
_struct_ref_seq_dif.details 
_struct_ref_seq_dif.pdbx_auth_seq_num 
_struct_ref_seq_dif.pdbx_ordinal 
1 7AY3 SER A 82  ? UNP A0A140HJ20 TYR 342 variant          342 1 
1 7AY3 HIS A 171 ? UNP A0A140HJ20 ?   ?   'expression tag' 431 2 
1 7AY3 HIS A 172 ? UNP A0A140HJ20 ?   ?   'expression tag' 432 3 
1 7AY3 HIS A 173 ? UNP A0A140HJ20 ?   ?   'expression tag' 433 4 
1 7AY3 HIS A 174 ? UNP A0A140HJ20 ?   ?   'expression tag' 434 5 
1 7AY3 HIS A 175 ? UNP A0A140HJ20 ?   ?   'expression tag' 435 6 
1 7AY3 HIS A 176 ? UNP A0A140HJ20 ?   ?   'expression tag' 436 7 
# 
_pdbx_struct_assembly.id                   1 
_pdbx_struct_assembly.details              author_and_software_defined_assembly 
_pdbx_struct_assembly.method_details       PISA 
_pdbx_struct_assembly.oligomeric_details   monomeric 
_pdbx_struct_assembly.oligomeric_count     1 
# 
loop_
_pdbx_struct_assembly_prop.biol_id 
_pdbx_struct_assembly_prop.type 
_pdbx_struct_assembly_prop.value 
_pdbx_struct_assembly_prop.details 
1 'ABSA (A^2)' 170  ? 
1 MORE         -24  ? 
1 'SSA (A^2)'  5920 ? 
# 
_pdbx_struct_assembly_gen.assembly_id       1 
_pdbx_struct_assembly_gen.oper_expression   1 
_pdbx_struct_assembly_gen.asym_id_list      A,B,C,D 
# 
_pdbx_struct_assembly_auth_evidence.id                     1 
_pdbx_struct_assembly_auth_evidence.assembly_id            1 
_pdbx_struct_assembly_auth_evidence.experimental_support   homology 
_pdbx_struct_assembly_auth_evidence.details                ? 
# 
_pdbx_struct_oper_list.id                   1 
_pdbx_struct_oper_list.type                 'identity operation' 
_pdbx_struct_oper_list.name                 1_555 
_pdbx_struct_oper_list.symmetry_operation   x,y,z 
_pdbx_struct_oper_list.matrix[1][1]         1.0000000000 
_pdbx_struct_oper_list.matrix[1][2]         0.0000000000 
_pdbx_struct_oper_list.matrix[1][3]         0.0000000000 
_pdbx_struct_oper_list.vector[1]            0.0000000000 
_pdbx_struct_oper_list.matrix[2][1]         0.0000000000 
_pdbx_struct_oper_list.matrix[2][2]         1.0000000000 
_pdbx_struct_oper_list.matrix[2][3]         0.0000000000 
_pdbx_struct_oper_list.vector[2]            0.0000000000 
_pdbx_struct_oper_list.matrix[3][1]         0.0000000000 
_pdbx_struct_oper_list.matrix[3][2]         0.0000000000 
_pdbx_struct_oper_list.matrix[3][3]         1.0000000000 
_pdbx_struct_oper_list.vector[3]            0.0000000000 
# 
_struct_conf.conf_type_id            HELX_P 
_struct_conf.id                      HELX_P1 
_struct_conf.pdbx_PDB_helix_id       AA1 
_struct_conf.beg_label_comp_id       GLU 
_struct_conf.beg_label_asym_id       A 
_struct_conf.beg_label_seq_id        9 
_struct_conf.pdbx_beg_PDB_ins_code   ? 
_struct_conf.end_label_comp_id       MET 
_struct_conf.end_label_asym_id       A 
_struct_conf.end_label_seq_id        11 
_struct_conf.pdbx_end_PDB_ins_code   ? 
_struct_conf.beg_auth_comp_id        GLU 
_struct_conf.beg_auth_asym_id        A 
_struct_conf.beg_auth_seq_id         269 
_struct_conf.end_auth_comp_id        MET 
_struct_conf.end_auth_asym_id        A 
_struct_conf.end_auth_seq_id         271 
_struct_conf.pdbx_PDB_helix_class    5 
_struct_conf.details                 ? 
_struct_conf.pdbx_PDB_helix_length   3 
# 
_struct_conf_type.id          HELX_P 
_struct_conf_type.criteria    ? 
_struct_conf_type.reference   ? 
# 
loop_
_struct_conn.id 
_struct_conn.conn_type_id 
_struct_conn.pdbx_leaving_atom_flag 
_struct_conn.pdbx_PDB_id 
_struct_conn.ptnr1_label_asym_id 
_struct_conn.ptnr1_label_comp_id 
_struct_conn.ptnr1_label_seq_id 
_struct_conn.ptnr1_label_atom_id 
_struct_conn.pdbx_ptnr1_label_alt_id 
_struct_conn.pdbx_ptnr1_PDB_ins_code 
_struct_conn.pdbx_ptnr1_standard_comp_id 
_struct_conn.ptnr1_symmetry 
_struct_conn.ptnr2_label_asym_id 
_struct_conn.ptnr2_label_comp_id 
_struct_conn.ptnr2_label_seq_id 
_struct_conn.ptnr2_label_atom_id 
_struct_conn.pdbx_ptnr2_label_alt_id 
_struct_conn.pdbx_ptnr2_PDB_ins_code 
_struct_conn.ptnr1_auth_asym_id 
_struct_conn.ptnr1_auth_comp_id 
_struct_conn.ptnr1_auth_seq_id 
_struct_conn.ptnr2_auth_asym_id 
_struct_conn.ptnr2_auth_comp_id 
_struct_conn.ptnr2_auth_seq_id 
_struct_conn.ptnr2_symmetry 
_struct_conn.pdbx_ptnr3_label_atom_id 
_struct_conn.pdbx_ptnr3_label_seq_id 
_struct_conn.pdbx_ptnr3_label_comp_id 
_struct_conn.pdbx_ptnr3_label_asym_id 
_struct_conn.pdbx_ptnr3_label_alt_id 
_struct_conn.pdbx_ptnr3_PDB_ins_code 
_struct_conn.details 
_struct_conn.pdbx_dist_value 
_struct_conn.pdbx_value_order 
_struct_conn.pdbx_role 
metalc1  metalc ? ? A GLN 7   OE1 ? ? ? 1_555 B CA  . CA ? ? A GLN 267 A CA  501 1_555 ? ? ? ? ? ? ? 2.344 ? ? 
metalc2  metalc ? ? A GLU 9   OE1 ? ? ? 1_555 B CA  . CA ? ? A GLU 269 A CA  501 1_555 ? ? ? ? ? ? ? 2.548 ? ? 
metalc3  metalc ? ? A GLU 9   OE2 ? ? ? 1_555 B CA  . CA ? ? A GLU 269 A CA  501 1_555 ? ? ? ? ? ? ? 2.549 ? ? 
metalc4  metalc ? ? A GLY 26  O   ? ? ? 1_555 B CA  . CA ? ? A GLY 286 A CA  501 1_555 ? ? ? ? ? ? ? 2.261 ? ? 
metalc5  metalc ? ? A TYR 31  O   ? ? ? 1_555 C CA  . CA ? ? A TYR 291 A CA  502 1_555 ? ? ? ? ? ? ? 2.265 ? ? 
metalc6  metalc ? ? A ASP 107 OD1 ? ? ? 1_555 C CA  . CA ? ? A ASP 367 A CA  502 1_555 ? ? ? ? ? ? ? 2.481 ? ? 
metalc7  metalc ? ? A TRP 111 O   ? ? ? 1_555 C CA  . CA ? ? A TRP 371 A CA  502 1_555 ? ? ? ? ? ? ? 2.379 ? ? 
metalc8  metalc ? ? A ASP 112 OD1 ? ? ? 1_555 C CA  . CA ? ? A ASP 372 A CA  502 1_555 ? ? ? ? ? ? ? 2.350 ? ? 
metalc9  metalc ? ? A ASP 116 O   ? ? ? 1_555 B CA  . CA ? ? A ASP 376 A CA  501 1_555 ? ? ? ? ? ? ? 2.572 ? ? 
metalc10 metalc ? ? A ASP 116 OD1 ? ? ? 1_555 B CA  . CA ? ? A ASP 376 A CA  501 1_555 ? ? ? ? ? ? ? 2.305 ? ? 
metalc11 metalc ? ? B CA  .   CA  ? ? ? 1_555 D HOH . O  ? ? A CA  501 A HOH 689 1_555 ? ? ? ? ? ? ? 2.460 ? ? 
metalc12 metalc ? ? C CA  .   CA  ? ? ? 1_555 D HOH . O  ? ? A CA  502 A HOH 651 1_555 ? ? ? ? ? ? ? 2.533 ? ? 
metalc13 metalc ? ? C CA  .   CA  ? ? ? 1_555 D HOH . O  ? ? A CA  502 A HOH 652 1_555 ? ? ? ? ? ? ? 2.961 ? ? 
metalc14 metalc ? ? C CA  .   CA  ? ? ? 1_555 D HOH . O  ? ? A CA  502 A HOH 673 1_555 ? ? ? ? ? ? ? 3.074 ? ? 
metalc15 metalc ? ? C CA  .   CA  ? ? ? 1_555 D HOH . O  ? ? A CA  502 A HOH 696 1_555 ? ? ? ? ? ? ? 2.646 ? ? 
# 
_struct_conn_type.id          metalc 
_struct_conn_type.criteria    ? 
_struct_conn_type.reference   ? 
# 
loop_
_pdbx_struct_conn_angle.id 
_pdbx_struct_conn_angle.ptnr1_label_atom_id 
_pdbx_struct_conn_angle.ptnr1_label_alt_id 
_pdbx_struct_conn_angle.ptnr1_label_asym_id 
_pdbx_struct_conn_angle.ptnr1_label_comp_id 
_pdbx_struct_conn_angle.ptnr1_label_seq_id 
_pdbx_struct_conn_angle.ptnr1_auth_atom_id 
_pdbx_struct_conn_angle.ptnr1_auth_asym_id 
_pdbx_struct_conn_angle.ptnr1_auth_comp_id 
_pdbx_struct_conn_angle.ptnr1_auth_seq_id 
_pdbx_struct_conn_angle.ptnr1_PDB_ins_code 
_pdbx_struct_conn_angle.ptnr1_symmetry 
_pdbx_struct_conn_angle.ptnr2_label_atom_id 
_pdbx_struct_conn_angle.ptnr2_label_alt_id 
_pdbx_struct_conn_angle.ptnr2_label_asym_id 
_pdbx_struct_conn_angle.ptnr2_label_comp_id 
_pdbx_struct_conn_angle.ptnr2_label_seq_id 
_pdbx_struct_conn_angle.ptnr2_auth_atom_id 
_pdbx_struct_conn_angle.ptnr2_auth_asym_id 
_pdbx_struct_conn_angle.ptnr2_auth_comp_id 
_pdbx_struct_conn_angle.ptnr2_auth_seq_id 
_pdbx_struct_conn_angle.ptnr2_PDB_ins_code 
_pdbx_struct_conn_angle.ptnr2_symmetry 
_pdbx_struct_conn_angle.ptnr3_label_atom_id 
_pdbx_struct_conn_angle.ptnr3_label_alt_id 
_pdbx_struct_conn_angle.ptnr3_label_asym_id 
_pdbx_struct_conn_angle.ptnr3_label_comp_id 
_pdbx_struct_conn_angle.ptnr3_label_seq_id 
_pdbx_struct_conn_angle.ptnr3_auth_atom_id 
_pdbx_struct_conn_angle.ptnr3_auth_asym_id 
_pdbx_struct_conn_angle.ptnr3_auth_comp_id 
_pdbx_struct_conn_angle.ptnr3_auth_seq_id 
_pdbx_struct_conn_angle.ptnr3_PDB_ins_code 
_pdbx_struct_conn_angle.ptnr3_symmetry 
_pdbx_struct_conn_angle.value 
_pdbx_struct_conn_angle.value_esd 
1  OE1 ? A GLN 7   ? A GLN 267 ? 1_555 CA ? B CA . ? A CA 501 ? 1_555 OE1 ? A GLU 9   ? A GLU 269 ? 1_555 104.3 ? 
2  OE1 ? A GLN 7   ? A GLN 267 ? 1_555 CA ? B CA . ? A CA 501 ? 1_555 OE2 ? A GLU 9   ? A GLU 269 ? 1_555 93.0  ? 
3  OE1 ? A GLU 9   ? A GLU 269 ? 1_555 CA ? B CA . ? A CA 501 ? 1_555 OE2 ? A GLU 9   ? A GLU 269 ? 1_555 51.1  ? 
4  OE1 ? A GLN 7   ? A GLN 267 ? 1_555 CA ? B CA . ? A CA 501 ? 1_555 O   ? A GLY 26  ? A GLY 286 ? 1_555 165.8 ? 
5  OE1 ? A GLU 9   ? A GLU 269 ? 1_555 CA ? B CA . ? A CA 501 ? 1_555 O   ? A GLY 26  ? A GLY 286 ? 1_555 84.4  ? 
6  OE2 ? A GLU 9   ? A GLU 269 ? 1_555 CA ? B CA . ? A CA 501 ? 1_555 O   ? A GLY 26  ? A GLY 286 ? 1_555 83.6  ? 
7  OE1 ? A GLN 7   ? A GLN 267 ? 1_555 CA ? B CA . ? A CA 501 ? 1_555 O   ? A ASP 116 ? A ASP 376 ? 1_555 80.3  ? 
8  OE1 ? A GLU 9   ? A GLU 269 ? 1_555 CA ? B CA . ? A CA 501 ? 1_555 O   ? A ASP 116 ? A ASP 376 ? 1_555 78.6  ? 
9  OE2 ? A GLU 9   ? A GLU 269 ? 1_555 CA ? B CA . ? A CA 501 ? 1_555 O   ? A ASP 116 ? A ASP 376 ? 1_555 126.1 ? 
10 O   ? A GLY 26  ? A GLY 286 ? 1_555 CA ? B CA . ? A CA 501 ? 1_555 O   ? A ASP 116 ? A ASP 376 ? 1_555 112.8 ? 
11 OE1 ? A GLN 7   ? A GLN 267 ? 1_555 CA ? B CA . ? A CA 501 ? 1_555 OD1 ? A ASP 116 ? A ASP 376 ? 1_555 97.1  ? 
12 OE1 ? A GLU 9   ? A GLU 269 ? 1_555 CA ? B CA . ? A CA 501 ? 1_555 OD1 ? A ASP 116 ? A ASP 376 ? 1_555 142.2 ? 
13 OE2 ? A GLU 9   ? A GLU 269 ? 1_555 CA ? B CA . ? A CA 501 ? 1_555 OD1 ? A ASP 116 ? A ASP 376 ? 1_555 158.3 ? 
14 O   ? A GLY 26  ? A GLY 286 ? 1_555 CA ? B CA . ? A CA 501 ? 1_555 OD1 ? A ASP 116 ? A ASP 376 ? 1_555 81.9  ? 
15 O   ? A ASP 116 ? A ASP 376 ? 1_555 CA ? B CA . ? A CA 501 ? 1_555 OD1 ? A ASP 116 ? A ASP 376 ? 1_555 74.7  ? 
16 OE1 ? A GLN 7   ? A GLN 267 ? 1_555 CA ? B CA . ? A CA 501 ? 1_555 O   ? D HOH .   ? A HOH 689 ? 1_555 85.0  ? 
17 OE1 ? A GLU 9   ? A GLU 269 ? 1_555 CA ? B CA . ? A CA 501 ? 1_555 O   ? D HOH .   ? A HOH 689 ? 1_555 129.9 ? 
18 OE2 ? A GLU 9   ? A GLU 269 ? 1_555 CA ? B CA . ? A CA 501 ? 1_555 O   ? D HOH .   ? A HOH 689 ? 1_555 79.7  ? 
19 O   ? A GLY 26  ? A GLY 286 ? 1_555 CA ? B CA . ? A CA 501 ? 1_555 O   ? D HOH .   ? A HOH 689 ? 1_555 80.8  ? 
20 O   ? A ASP 116 ? A ASP 376 ? 1_555 CA ? B CA . ? A CA 501 ? 1_555 O   ? D HOH .   ? A HOH 689 ? 1_555 150.7 ? 
21 OD1 ? A ASP 116 ? A ASP 376 ? 1_555 CA ? B CA . ? A CA 501 ? 1_555 O   ? D HOH .   ? A HOH 689 ? 1_555 82.1  ? 
22 O   ? A TYR 31  ? A TYR 291 ? 1_555 CA ? C CA . ? A CA 502 ? 1_555 OD1 ? A ASP 107 ? A ASP 367 ? 1_555 96.9  ? 
23 O   ? A TYR 31  ? A TYR 291 ? 1_555 CA ? C CA . ? A CA 502 ? 1_555 O   ? A TRP 111 ? A TRP 371 ? 1_555 148.1 ? 
24 OD1 ? A ASP 107 ? A ASP 367 ? 1_555 CA ? C CA . ? A CA 502 ? 1_555 O   ? A TRP 111 ? A TRP 371 ? 1_555 79.5  ? 
25 O   ? A TYR 31  ? A TYR 291 ? 1_555 CA ? C CA . ? A CA 502 ? 1_555 OD1 ? A ASP 112 ? A ASP 372 ? 1_555 95.8  ? 
26 OD1 ? A ASP 107 ? A ASP 367 ? 1_555 CA ? C CA . ? A CA 502 ? 1_555 OD1 ? A ASP 112 ? A ASP 372 ? 1_555 161.6 ? 
27 O   ? A TRP 111 ? A TRP 371 ? 1_555 CA ? C CA . ? A CA 502 ? 1_555 OD1 ? A ASP 112 ? A ASP 372 ? 1_555 82.7  ? 
28 O   ? A TYR 31  ? A TYR 291 ? 1_555 CA ? C CA . ? A CA 502 ? 1_555 O   ? D HOH .   ? A HOH 651 ? 1_555 79.1  ? 
29 OD1 ? A ASP 107 ? A ASP 367 ? 1_555 CA ? C CA . ? A CA 502 ? 1_555 O   ? D HOH .   ? A HOH 651 ? 1_555 72.4  ? 
30 O   ? A TRP 111 ? A TRP 371 ? 1_555 CA ? C CA . ? A CA 502 ? 1_555 O   ? D HOH .   ? A HOH 651 ? 1_555 128.2 ? 
31 OD1 ? A ASP 112 ? A ASP 372 ? 1_555 CA ? C CA . ? A CA 502 ? 1_555 O   ? D HOH .   ? A HOH 651 ? 1_555 123.2 ? 
32 O   ? A TYR 31  ? A TYR 291 ? 1_555 CA ? C CA . ? A CA 502 ? 1_555 O   ? D HOH .   ? A HOH 652 ? 1_555 71.6  ? 
33 OD1 ? A ASP 107 ? A ASP 367 ? 1_555 CA ? C CA . ? A CA 502 ? 1_555 O   ? D HOH .   ? A HOH 652 ? 1_555 134.5 ? 
34 O   ? A TRP 111 ? A TRP 371 ? 1_555 CA ? C CA . ? A CA 502 ? 1_555 O   ? D HOH .   ? A HOH 652 ? 1_555 132.3 ? 
35 OD1 ? A ASP 112 ? A ASP 372 ? 1_555 CA ? C CA . ? A CA 502 ? 1_555 O   ? D HOH .   ? A HOH 652 ? 1_555 62.6  ? 
36 O   ? D HOH .   ? A HOH 651 ? 1_555 CA ? C CA . ? A CA 502 ? 1_555 O   ? D HOH .   ? A HOH 652 ? 1_555 62.3  ? 
37 O   ? A TYR 31  ? A TYR 291 ? 1_555 CA ? C CA . ? A CA 502 ? 1_555 O   ? D HOH .   ? A HOH 673 ? 1_555 70.7  ? 
38 OD1 ? A ASP 107 ? A ASP 367 ? 1_555 CA ? C CA . ? A CA 502 ? 1_555 O   ? D HOH .   ? A HOH 673 ? 1_555 73.0  ? 
39 O   ? A TRP 111 ? A TRP 371 ? 1_555 CA ? C CA . ? A CA 502 ? 1_555 O   ? D HOH .   ? A HOH 673 ? 1_555 78.0  ? 
40 OD1 ? A ASP 112 ? A ASP 372 ? 1_555 CA ? C CA . ? A CA 502 ? 1_555 O   ? D HOH .   ? A HOH 673 ? 1_555 98.9  ? 
41 O   ? D HOH .   ? A HOH 651 ? 1_555 CA ? C CA . ? A CA 502 ? 1_555 O   ? D HOH .   ? A HOH 673 ? 1_555 130.2 ? 
42 O   ? D HOH .   ? A HOH 652 ? 1_555 CA ? C CA . ? A CA 502 ? 1_555 O   ? D HOH .   ? A HOH 673 ? 1_555 135.6 ? 
43 O   ? A TYR 31  ? A TYR 291 ? 1_555 CA ? C CA . ? A CA 502 ? 1_555 O   ? D HOH .   ? A HOH 696 ? 1_555 130.0 ? 
44 OD1 ? A ASP 107 ? A ASP 367 ? 1_555 CA ? C CA . ? A CA 502 ? 1_555 O   ? D HOH .   ? A HOH 696 ? 1_555 104.0 ? 
45 O   ? A TRP 111 ? A TRP 371 ? 1_555 CA ? C CA . ? A CA 502 ? 1_555 O   ? D HOH .   ? A HOH 696 ? 1_555 81.0  ? 
46 OD1 ? A ASP 112 ? A ASP 372 ? 1_555 CA ? C CA . ? A CA 502 ? 1_555 O   ? D HOH .   ? A HOH 696 ? 1_555 77.5  ? 
47 O   ? D HOH .   ? A HOH 651 ? 1_555 CA ? C CA . ? A CA 502 ? 1_555 O   ? D HOH .   ? A HOH 696 ? 1_555 65.4  ? 
48 O   ? D HOH .   ? A HOH 652 ? 1_555 CA ? C CA . ? A CA 502 ? 1_555 O   ? D HOH .   ? A HOH 696 ? 1_555 61.3  ? 
49 O   ? D HOH .   ? A HOH 673 ? 1_555 CA ? C CA . ? A CA 502 ? 1_555 O   ? D HOH .   ? A HOH 696 ? 1_555 159.0 ? 
# 
_struct_mon_prot_cis.pdbx_id                1 
_struct_mon_prot_cis.label_comp_id          ASN 
_struct_mon_prot_cis.label_seq_id           23 
_struct_mon_prot_cis.label_asym_id          A 
_struct_mon_prot_cis.label_alt_id           . 
_struct_mon_prot_cis.pdbx_PDB_ins_code      ? 
_struct_mon_prot_cis.auth_comp_id           ASN 
_struct_mon_prot_cis.auth_seq_id            283 
_struct_mon_prot_cis.auth_asym_id           A 
_struct_mon_prot_cis.pdbx_label_comp_id_2   PRO 
_struct_mon_prot_cis.pdbx_label_seq_id_2    24 
_struct_mon_prot_cis.pdbx_label_asym_id_2   A 
_struct_mon_prot_cis.pdbx_PDB_ins_code_2    ? 
_struct_mon_prot_cis.pdbx_auth_comp_id_2    PRO 
_struct_mon_prot_cis.pdbx_auth_seq_id_2     284 
_struct_mon_prot_cis.pdbx_auth_asym_id_2    A 
_struct_mon_prot_cis.pdbx_PDB_model_num     1 
_struct_mon_prot_cis.pdbx_omega_angle       5.90 
# 
loop_
_struct_sheet.id 
_struct_sheet.type 
_struct_sheet.number_strands 
_struct_sheet.details 
AA1 ? 4 ? 
AA2 ? 4 ? 
AA3 ? 5 ? 
# 
loop_
_struct_sheet_order.sheet_id 
_struct_sheet_order.range_id_1 
_struct_sheet_order.range_id_2 
_struct_sheet_order.offset 
_struct_sheet_order.sense 
AA1 1 2 ? anti-parallel 
AA1 2 3 ? anti-parallel 
AA1 3 4 ? anti-parallel 
AA2 1 2 ? anti-parallel 
AA2 2 3 ? anti-parallel 
AA2 3 4 ? anti-parallel 
AA3 1 2 ? anti-parallel 
AA3 2 3 ? anti-parallel 
AA3 3 4 ? anti-parallel 
AA3 4 5 ? anti-parallel 
# 
loop_
_struct_sheet_range.sheet_id 
_struct_sheet_range.id 
_struct_sheet_range.beg_label_comp_id 
_struct_sheet_range.beg_label_asym_id 
_struct_sheet_range.beg_label_seq_id 
_struct_sheet_range.pdbx_beg_PDB_ins_code 
_struct_sheet_range.end_label_comp_id 
_struct_sheet_range.end_label_asym_id 
_struct_sheet_range.end_label_seq_id 
_struct_sheet_range.pdbx_end_PDB_ins_code 
_struct_sheet_range.beg_auth_comp_id 
_struct_sheet_range.beg_auth_asym_id 
_struct_sheet_range.beg_auth_seq_id 
_struct_sheet_range.end_auth_comp_id 
_struct_sheet_range.end_auth_asym_id 
_struct_sheet_range.end_auth_seq_id 
AA1 1 GLU A 3   ? GLN A 7   ? GLU A 263 GLN A 267 
AA1 2 ALA A 113 ? GLY A 121 ? ALA A 373 GLY A 381 
AA1 3 GLY A 27  ? LEU A 30  ? GLY A 287 LEU A 290 
AA1 4 GLY A 19  ? ILE A 21  ? GLY A 279 ILE A 281 
AA2 1 GLU A 3   ? GLN A 7   ? GLU A 263 GLN A 267 
AA2 2 ALA A 113 ? GLY A 121 ? ALA A 373 GLY A 381 
AA2 3 THR A 47  ? SER A 56  ? THR A 307 SER A 316 
AA2 4 ALA A 84  ? ASN A 92  ? ALA A 344 ASN A 352 
AA3 1 THR A 12  ? GLY A 14  ? THR A 272 GLY A 274 
AA3 2 LYS A 36  ? PHE A 43  ? LYS A 296 PHE A 303 
AA3 3 GLY A 96  ? VAL A 103 ? GLY A 356 VAL A 363 
AA3 4 ALA A 62  ? ILE A 68  ? ALA A 322 ILE A 328 
AA3 5 GLU A 71  ? TYR A 78  ? GLU A 331 TYR A 338 
# 
loop_
_pdbx_struct_sheet_hbond.sheet_id 
_pdbx_struct_sheet_hbond.range_id_1 
_pdbx_struct_sheet_hbond.range_id_2 
_pdbx_struct_sheet_hbond.range_1_label_atom_id 
_pdbx_struct_sheet_hbond.range_1_label_comp_id 
_pdbx_struct_sheet_hbond.range_1_label_asym_id 
_pdbx_struct_sheet_hbond.range_1_label_seq_id 
_pdbx_struct_sheet_hbond.range_1_PDB_ins_code 
_pdbx_struct_sheet_hbond.range_1_auth_atom_id 
_pdbx_struct_sheet_hbond.range_1_auth_comp_id 
_pdbx_struct_sheet_hbond.range_1_auth_asym_id 
_pdbx_struct_sheet_hbond.range_1_auth_seq_id 
_pdbx_struct_sheet_hbond.range_2_label_atom_id 
_pdbx_struct_sheet_hbond.range_2_label_comp_id 
_pdbx_struct_sheet_hbond.range_2_label_asym_id 
_pdbx_struct_sheet_hbond.range_2_label_seq_id 
_pdbx_struct_sheet_hbond.range_2_PDB_ins_code 
_pdbx_struct_sheet_hbond.range_2_auth_atom_id 
_pdbx_struct_sheet_hbond.range_2_auth_comp_id 
_pdbx_struct_sheet_hbond.range_2_auth_asym_id 
_pdbx_struct_sheet_hbond.range_2_auth_seq_id 
AA1 1 2 N VAL A 6   ? N VAL A 266 O LEU A 118 ? O LEU A 378 
AA1 2 3 O ALA A 113 ? O ALA A 373 N LEU A 30  ? N LEU A 290 
AA1 3 4 O ALA A 29  ? O ALA A 289 N GLY A 19  ? N GLY A 279 
AA2 1 2 N VAL A 6   ? N VAL A 266 O LEU A 118 ? O LEU A 378 
AA2 2 3 O LYS A 119 ? O LYS A 379 N THR A 51  ? N THR A 311 
AA2 3 4 N PHE A 50  ? N PHE A 310 O ILE A 88  ? O ILE A 348 
AA3 1 2 N THR A 12  ? N THR A 272 O SER A 38  ? O SER A 298 
AA3 2 3 N GLN A 41  ? N GLN A 301 O GLN A 98  ? O GLN A 358 
AA3 3 4 O VAL A 103 ? O VAL A 363 N ASP A 65  ? N ASP A 325 
AA3 4 5 N VAL A 64  ? N VAL A 324 O PHE A 76  ? O PHE A 336 
# 
loop_
_pdbx_validate_torsion.id 
_pdbx_validate_torsion.PDB_model_num 
_pdbx_validate_torsion.auth_comp_id 
_pdbx_validate_torsion.auth_asym_id 
_pdbx_validate_torsion.auth_seq_id 
_pdbx_validate_torsion.PDB_ins_code 
_pdbx_validate_torsion.label_alt_id 
_pdbx_validate_torsion.phi 
_pdbx_validate_torsion.psi 
1 1 ASN A 294 ? ? 76.84   -1.32   
2 1 ASN A 318 ? ? -147.00 -156.72 
3 1 ASN A 368 ? ? -143.35 30.68   
4 1 ALA A 383 ? ? 23.44   69.38   
# 
loop_
_space_group_symop.id 
_space_group_symop.operation_xyz 
1 x,y,z           
2 x+1/2,-y+1/2,-z 
3 -x,y+1/2,-z+1/2 
4 -x+1/2,-y,z+1/2 
# 
_pdbx_entry_details.entry_id                 7AY3 
_pdbx_entry_details.has_ligand_of_interest   Y 
_pdbx_entry_details.compound_details         ? 
_pdbx_entry_details.source_details           ? 
_pdbx_entry_details.nonpolymer_details       ? 
_pdbx_entry_details.sequence_details         ? 
# 
loop_
_pdbx_unobs_or_zero_occ_residues.id 
_pdbx_unobs_or_zero_occ_residues.PDB_model_num 
_pdbx_unobs_or_zero_occ_residues.polymer_flag 
_pdbx_unobs_or_zero_occ_residues.occupancy_flag 
_pdbx_unobs_or_zero_occ_residues.auth_asym_id 
_pdbx_unobs_or_zero_occ_residues.auth_comp_id 
_pdbx_unobs_or_zero_occ_residues.auth_seq_id 
_pdbx_unobs_or_zero_occ_residues.PDB_ins_code 
_pdbx_unobs_or_zero_occ_residues.label_asym_id 
_pdbx_unobs_or_zero_occ_residues.label_comp_id 
_pdbx_unobs_or_zero_occ_residues.label_seq_id 
1  1 Y 1 A GLY 261 ? A GLY 1   
2  1 Y 1 A GLY 386 ? A GLY 126 
3  1 Y 1 A GLY 387 ? A GLY 127 
4  1 Y 1 A ASN 388 ? A ASN 128 
5  1 Y 1 A GLU 389 ? A GLU 129 
6  1 Y 1 A SER 390 ? A SER 130 
7  1 Y 1 A SER 391 ? A SER 131 
8  1 Y 1 A GLY 392 ? A GLY 132 
9  1 Y 1 A GLY 393 ? A GLY 133 
10 1 Y 1 A ASN 394 ? A ASN 134 
11 1 Y 1 A GLN 395 ? A GLN 135 
12 1 Y 1 A GLY 396 ? A GLY 136 
13 1 Y 1 A GLY 397 ? A GLY 137 
14 1 Y 1 A ASN 398 ? A ASN 138 
15 1 Y 1 A GLU 399 ? A GLU 139 
16 1 Y 1 A GLY 400 ? A GLY 140 
17 1 Y 1 A ASN 401 ? A ASN 141 
18 1 Y 1 A GLN 402 ? A GLN 142 
19 1 Y 1 A GLY 403 ? A GLY 143 
20 1 Y 1 A GLY 404 ? A GLY 144 
21 1 Y 1 A ASN 405 ? A ASN 145 
22 1 Y 1 A ALA 406 ? A ALA 146 
23 1 Y 1 A GLY 407 ? A GLY 147 
24 1 Y 1 A ASN 408 ? A ASN 148 
25 1 Y 1 A GLU 409 ? A GLU 149 
26 1 Y 1 A GLY 410 ? A GLY 150 
27 1 Y 1 A GLY 411 ? A GLY 151 
28 1 Y 1 A ASN 412 ? A ASN 152 
29 1 Y 1 A GLN 413 ? A GLN 153 
30 1 Y 1 A ALA 414 ? A ALA 154 
31 1 Y 1 A GLY 415 ? A GLY 155 
32 1 Y 1 A ASN 416 ? A ASN 156 
33 1 Y 1 A THR 417 ? A THR 157 
34 1 Y 1 A GLY 418 ? A GLY 158 
35 1 Y 1 A ASN 419 ? A ASN 159 
36 1 Y 1 A GLN 420 ? A GLN 160 
37 1 Y 1 A GLY 421 ? A GLY 161 
38 1 Y 1 A GLY 422 ? A GLY 162 
39 1 Y 1 A ASN 423 ? A ASN 163 
40 1 Y 1 A GLU 424 ? A GLU 164 
41 1 Y 1 A GLY 425 ? A GLY 165 
42 1 Y 1 A ASN 426 ? A ASN 166 
43 1 Y 1 A ALA 427 ? A ALA 167 
44 1 Y 1 A GLY 428 ? A GLY 168 
45 1 Y 1 A GLY 429 ? A GLY 169 
46 1 Y 1 A GLN 430 ? A GLN 170 
47 1 Y 1 A HIS 431 ? A HIS 171 
48 1 Y 1 A HIS 432 ? A HIS 172 
49 1 Y 1 A HIS 433 ? A HIS 173 
50 1 Y 1 A HIS 434 ? A HIS 174 
51 1 Y 1 A HIS 435 ? A HIS 175 
52 1 Y 1 A HIS 436 ? A HIS 176 
# 
loop_
_chem_comp_atom.comp_id 
_chem_comp_atom.atom_id 
_chem_comp_atom.type_symbol 
_chem_comp_atom.pdbx_aromatic_flag 
_chem_comp_atom.pdbx_stereo_config 
_chem_comp_atom.pdbx_ordinal 
ALA N    N  N N 1   
ALA CA   C  N S 2   
ALA C    C  N N 3   
ALA O    O  N N 4   
ALA CB   C  N N 5   
ALA OXT  O  N N 6   
ALA H    H  N N 7   
ALA H2   H  N N 8   
ALA HA   H  N N 9   
ALA HB1  H  N N 10  
ALA HB2  H  N N 11  
ALA HB3  H  N N 12  
ALA HXT  H  N N 13  
ARG N    N  N N 14  
ARG CA   C  N S 15  
ARG C    C  N N 16  
ARG O    O  N N 17  
ARG CB   C  N N 18  
ARG CG   C  N N 19  
ARG CD   C  N N 20  
ARG NE   N  N N 21  
ARG CZ   C  N N 22  
ARG NH1  N  N N 23  
ARG NH2  N  N N 24  
ARG OXT  O  N N 25  
ARG H    H  N N 26  
ARG H2   H  N N 27  
ARG HA   H  N N 28  
ARG HB2  H  N N 29  
ARG HB3  H  N N 30  
ARG HG2  H  N N 31  
ARG HG3  H  N N 32  
ARG HD2  H  N N 33  
ARG HD3  H  N N 34  
ARG HE   H  N N 35  
ARG HH11 H  N N 36  
ARG HH12 H  N N 37  
ARG HH21 H  N N 38  
ARG HH22 H  N N 39  
ARG HXT  H  N N 40  
ASN N    N  N N 41  
ASN CA   C  N S 42  
ASN C    C  N N 43  
ASN O    O  N N 44  
ASN CB   C  N N 45  
ASN CG   C  N N 46  
ASN OD1  O  N N 47  
ASN ND2  N  N N 48  
ASN OXT  O  N N 49  
ASN H    H  N N 50  
ASN H2   H  N N 51  
ASN HA   H  N N 52  
ASN HB2  H  N N 53  
ASN HB3  H  N N 54  
ASN HD21 H  N N 55  
ASN HD22 H  N N 56  
ASN HXT  H  N N 57  
ASP N    N  N N 58  
ASP CA   C  N S 59  
ASP C    C  N N 60  
ASP O    O  N N 61  
ASP CB   C  N N 62  
ASP CG   C  N N 63  
ASP OD1  O  N N 64  
ASP OD2  O  N N 65  
ASP OXT  O  N N 66  
ASP H    H  N N 67  
ASP H2   H  N N 68  
ASP HA   H  N N 69  
ASP HB2  H  N N 70  
ASP HB3  H  N N 71  
ASP HD2  H  N N 72  
ASP HXT  H  N N 73  
CA  CA   CA N N 74  
CYS N    N  N N 75  
CYS CA   C  N R 76  
CYS C    C  N N 77  
CYS O    O  N N 78  
CYS CB   C  N N 79  
CYS SG   S  N N 80  
CYS OXT  O  N N 81  
CYS H    H  N N 82  
CYS H2   H  N N 83  
CYS HA   H  N N 84  
CYS HB2  H  N N 85  
CYS HB3  H  N N 86  
CYS HG   H  N N 87  
CYS HXT  H  N N 88  
GLN N    N  N N 89  
GLN CA   C  N S 90  
GLN C    C  N N 91  
GLN O    O  N N 92  
GLN CB   C  N N 93  
GLN CG   C  N N 94  
GLN CD   C  N N 95  
GLN OE1  O  N N 96  
GLN NE2  N  N N 97  
GLN OXT  O  N N 98  
GLN H    H  N N 99  
GLN H2   H  N N 100 
GLN HA   H  N N 101 
GLN HB2  H  N N 102 
GLN HB3  H  N N 103 
GLN HG2  H  N N 104 
GLN HG3  H  N N 105 
GLN HE21 H  N N 106 
GLN HE22 H  N N 107 
GLN HXT  H  N N 108 
GLU N    N  N N 109 
GLU CA   C  N S 110 
GLU C    C  N N 111 
GLU O    O  N N 112 
GLU CB   C  N N 113 
GLU CG   C  N N 114 
GLU CD   C  N N 115 
GLU OE1  O  N N 116 
GLU OE2  O  N N 117 
GLU OXT  O  N N 118 
GLU H    H  N N 119 
GLU H2   H  N N 120 
GLU HA   H  N N 121 
GLU HB2  H  N N 122 
GLU HB3  H  N N 123 
GLU HG2  H  N N 124 
GLU HG3  H  N N 125 
GLU HE2  H  N N 126 
GLU HXT  H  N N 127 
GLY N    N  N N 128 
GLY CA   C  N N 129 
GLY C    C  N N 130 
GLY O    O  N N 131 
GLY OXT  O  N N 132 
GLY H    H  N N 133 
GLY H2   H  N N 134 
GLY HA2  H  N N 135 
GLY HA3  H  N N 136 
GLY HXT  H  N N 137 
HIS N    N  N N 138 
HIS CA   C  N S 139 
HIS C    C  N N 140 
HIS O    O  N N 141 
HIS CB   C  N N 142 
HIS CG   C  Y N 143 
HIS ND1  N  Y N 144 
HIS CD2  C  Y N 145 
HIS CE1  C  Y N 146 
HIS NE2  N  Y N 147 
HIS OXT  O  N N 148 
HIS H    H  N N 149 
HIS H2   H  N N 150 
HIS HA   H  N N 151 
HIS HB2  H  N N 152 
HIS HB3  H  N N 153 
HIS HD1  H  N N 154 
HIS HD2  H  N N 155 
HIS HE1  H  N N 156 
HIS HE2  H  N N 157 
HIS HXT  H  N N 158 
HOH O    O  N N 159 
HOH H1   H  N N 160 
HOH H2   H  N N 161 
ILE N    N  N N 162 
ILE CA   C  N S 163 
ILE C    C  N N 164 
ILE O    O  N N 165 
ILE CB   C  N S 166 
ILE CG1  C  N N 167 
ILE CG2  C  N N 168 
ILE CD1  C  N N 169 
ILE OXT  O  N N 170 
ILE H    H  N N 171 
ILE H2   H  N N 172 
ILE HA   H  N N 173 
ILE HB   H  N N 174 
ILE HG12 H  N N 175 
ILE HG13 H  N N 176 
ILE HG21 H  N N 177 
ILE HG22 H  N N 178 
ILE HG23 H  N N 179 
ILE HD11 H  N N 180 
ILE HD12 H  N N 181 
ILE HD13 H  N N 182 
ILE HXT  H  N N 183 
LEU N    N  N N 184 
LEU CA   C  N S 185 
LEU C    C  N N 186 
LEU O    O  N N 187 
LEU CB   C  N N 188 
LEU CG   C  N N 189 
LEU CD1  C  N N 190 
LEU CD2  C  N N 191 
LEU OXT  O  N N 192 
LEU H    H  N N 193 
LEU H2   H  N N 194 
LEU HA   H  N N 195 
LEU HB2  H  N N 196 
LEU HB3  H  N N 197 
LEU HG   H  N N 198 
LEU HD11 H  N N 199 
LEU HD12 H  N N 200 
LEU HD13 H  N N 201 
LEU HD21 H  N N 202 
LEU HD22 H  N N 203 
LEU HD23 H  N N 204 
LEU HXT  H  N N 205 
LYS N    N  N N 206 
LYS CA   C  N S 207 
LYS C    C  N N 208 
LYS O    O  N N 209 
LYS CB   C  N N 210 
LYS CG   C  N N 211 
LYS CD   C  N N 212 
LYS CE   C  N N 213 
LYS NZ   N  N N 214 
LYS OXT  O  N N 215 
LYS H    H  N N 216 
LYS H2   H  N N 217 
LYS HA   H  N N 218 
LYS HB2  H  N N 219 
LYS HB3  H  N N 220 
LYS HG2  H  N N 221 
LYS HG3  H  N N 222 
LYS HD2  H  N N 223 
LYS HD3  H  N N 224 
LYS HE2  H  N N 225 
LYS HE3  H  N N 226 
LYS HZ1  H  N N 227 
LYS HZ2  H  N N 228 
LYS HZ3  H  N N 229 
LYS HXT  H  N N 230 
MET N    N  N N 231 
MET CA   C  N S 232 
MET C    C  N N 233 
MET O    O  N N 234 
MET CB   C  N N 235 
MET CG   C  N N 236 
MET SD   S  N N 237 
MET CE   C  N N 238 
MET OXT  O  N N 239 
MET H    H  N N 240 
MET H2   H  N N 241 
MET HA   H  N N 242 
MET HB2  H  N N 243 
MET HB3  H  N N 244 
MET HG2  H  N N 245 
MET HG3  H  N N 246 
MET HE1  H  N N 247 
MET HE2  H  N N 248 
MET HE3  H  N N 249 
MET HXT  H  N N 250 
PHE N    N  N N 251 
PHE CA   C  N S 252 
PHE C    C  N N 253 
PHE O    O  N N 254 
PHE CB   C  N N 255 
PHE CG   C  Y N 256 
PHE CD1  C  Y N 257 
PHE CD2  C  Y N 258 
PHE CE1  C  Y N 259 
PHE CE2  C  Y N 260 
PHE CZ   C  Y N 261 
PHE OXT  O  N N 262 
PHE H    H  N N 263 
PHE H2   H  N N 264 
PHE HA   H  N N 265 
PHE HB2  H  N N 266 
PHE HB3  H  N N 267 
PHE HD1  H  N N 268 
PHE HD2  H  N N 269 
PHE HE1  H  N N 270 
PHE HE2  H  N N 271 
PHE HZ   H  N N 272 
PHE HXT  H  N N 273 
PRO N    N  N N 274 
PRO CA   C  N S 275 
PRO C    C  N N 276 
PRO O    O  N N 277 
PRO CB   C  N N 278 
PRO CG   C  N N 279 
PRO CD   C  N N 280 
PRO OXT  O  N N 281 
PRO H    H  N N 282 
PRO HA   H  N N 283 
PRO HB2  H  N N 284 
PRO HB3  H  N N 285 
PRO HG2  H  N N 286 
PRO HG3  H  N N 287 
PRO HD2  H  N N 288 
PRO HD3  H  N N 289 
PRO HXT  H  N N 290 
SER N    N  N N 291 
SER CA   C  N S 292 
SER C    C  N N 293 
SER O    O  N N 294 
SER CB   C  N N 295 
SER OG   O  N N 296 
SER OXT  O  N N 297 
SER H    H  N N 298 
SER H2   H  N N 299 
SER HA   H  N N 300 
SER HB2  H  N N 301 
SER HB3  H  N N 302 
SER HG   H  N N 303 
SER HXT  H  N N 304 
THR N    N  N N 305 
THR CA   C  N S 306 
THR C    C  N N 307 
THR O    O  N N 308 
THR CB   C  N R 309 
THR OG1  O  N N 310 
THR CG2  C  N N 311 
THR OXT  O  N N 312 
THR H    H  N N 313 
THR H2   H  N N 314 
THR HA   H  N N 315 
THR HB   H  N N 316 
THR HG1  H  N N 317 
THR HG21 H  N N 318 
THR HG22 H  N N 319 
THR HG23 H  N N 320 
THR HXT  H  N N 321 
TRP N    N  N N 322 
TRP CA   C  N S 323 
TRP C    C  N N 324 
TRP O    O  N N 325 
TRP CB   C  N N 326 
TRP CG   C  Y N 327 
TRP CD1  C  Y N 328 
TRP CD2  C  Y N 329 
TRP NE1  N  Y N 330 
TRP CE2  C  Y N 331 
TRP CE3  C  Y N 332 
TRP CZ2  C  Y N 333 
TRP CZ3  C  Y N 334 
TRP CH2  C  Y N 335 
TRP OXT  O  N N 336 
TRP H    H  N N 337 
TRP H2   H  N N 338 
TRP HA   H  N N 339 
TRP HB2  H  N N 340 
TRP HB3  H  N N 341 
TRP HD1  H  N N 342 
TRP HE1  H  N N 343 
TRP HE3  H  N N 344 
TRP HZ2  H  N N 345 
TRP HZ3  H  N N 346 
TRP HH2  H  N N 347 
TRP HXT  H  N N 348 
TYR N    N  N N 349 
TYR CA   C  N S 350 
TYR C    C  N N 351 
TYR O    O  N N 352 
TYR CB   C  N N 353 
TYR CG   C  Y N 354 
TYR CD1  C  Y N 355 
TYR CD2  C  Y N 356 
TYR CE1  C  Y N 357 
TYR CE2  C  Y N 358 
TYR CZ   C  Y N 359 
TYR OH   O  N N 360 
TYR OXT  O  N N 361 
TYR H    H  N N 362 
TYR H2   H  N N 363 
TYR HA   H  N N 364 
TYR HB2  H  N N 365 
TYR HB3  H  N N 366 
TYR HD1  H  N N 367 
TYR HD2  H  N N 368 
TYR HE1  H  N N 369 
TYR HE2  H  N N 370 
TYR HH   H  N N 371 
TYR HXT  H  N N 372 
VAL N    N  N N 373 
VAL CA   C  N S 374 
VAL C    C  N N 375 
VAL O    O  N N 376 
VAL CB   C  N N 377 
VAL CG1  C  N N 378 
VAL CG2  C  N N 379 
VAL OXT  O  N N 380 
VAL H    H  N N 381 
VAL H2   H  N N 382 
VAL HA   H  N N 383 
VAL HB   H  N N 384 
VAL HG11 H  N N 385 
VAL HG12 H  N N 386 
VAL HG13 H  N N 387 
VAL HG21 H  N N 388 
VAL HG22 H  N N 389 
VAL HG23 H  N N 390 
VAL HXT  H  N N 391 
# 
loop_
_chem_comp_bond.comp_id 
_chem_comp_bond.atom_id_1 
_chem_comp_bond.atom_id_2 
_chem_comp_bond.value_order 
_chem_comp_bond.pdbx_aromatic_flag 
_chem_comp_bond.pdbx_stereo_config 
_chem_comp_bond.pdbx_ordinal 
ALA N   CA   sing N N 1   
ALA N   H    sing N N 2   
ALA N   H2   sing N N 3   
ALA CA  C    sing N N 4   
ALA CA  CB   sing N N 5   
ALA CA  HA   sing N N 6   
ALA C   O    doub N N 7   
ALA C   OXT  sing N N 8   
ALA CB  HB1  sing N N 9   
ALA CB  HB2  sing N N 10  
ALA CB  HB3  sing N N 11  
ALA OXT HXT  sing N N 12  
ARG N   CA   sing N N 13  
ARG N   H    sing N N 14  
ARG N   H2   sing N N 15  
ARG CA  C    sing N N 16  
ARG CA  CB   sing N N 17  
ARG CA  HA   sing N N 18  
ARG C   O    doub N N 19  
ARG C   OXT  sing N N 20  
ARG CB  CG   sing N N 21  
ARG CB  HB2  sing N N 22  
ARG CB  HB3  sing N N 23  
ARG CG  CD   sing N N 24  
ARG CG  HG2  sing N N 25  
ARG CG  HG3  sing N N 26  
ARG CD  NE   sing N N 27  
ARG CD  HD2  sing N N 28  
ARG CD  HD3  sing N N 29  
ARG NE  CZ   sing N N 30  
ARG NE  HE   sing N N 31  
ARG CZ  NH1  sing N N 32  
ARG CZ  NH2  doub N N 33  
ARG NH1 HH11 sing N N 34  
ARG NH1 HH12 sing N N 35  
ARG NH2 HH21 sing N N 36  
ARG NH2 HH22 sing N N 37  
ARG OXT HXT  sing N N 38  
ASN N   CA   sing N N 39  
ASN N   H    sing N N 40  
ASN N   H2   sing N N 41  
ASN CA  C    sing N N 42  
ASN CA  CB   sing N N 43  
ASN CA  HA   sing N N 44  
ASN C   O    doub N N 45  
ASN C   OXT  sing N N 46  
ASN CB  CG   sing N N 47  
ASN CB  HB2  sing N N 48  
ASN CB  HB3  sing N N 49  
ASN CG  OD1  doub N N 50  
ASN CG  ND2  sing N N 51  
ASN ND2 HD21 sing N N 52  
ASN ND2 HD22 sing N N 53  
ASN OXT HXT  sing N N 54  
ASP N   CA   sing N N 55  
ASP N   H    sing N N 56  
ASP N   H2   sing N N 57  
ASP CA  C    sing N N 58  
ASP CA  CB   sing N N 59  
ASP CA  HA   sing N N 60  
ASP C   O    doub N N 61  
ASP C   OXT  sing N N 62  
ASP CB  CG   sing N N 63  
ASP CB  HB2  sing N N 64  
ASP CB  HB3  sing N N 65  
ASP CG  OD1  doub N N 66  
ASP CG  OD2  sing N N 67  
ASP OD2 HD2  sing N N 68  
ASP OXT HXT  sing N N 69  
CYS N   CA   sing N N 70  
CYS N   H    sing N N 71  
CYS N   H2   sing N N 72  
CYS CA  C    sing N N 73  
CYS CA  CB   sing N N 74  
CYS CA  HA   sing N N 75  
CYS C   O    doub N N 76  
CYS C   OXT  sing N N 77  
CYS CB  SG   sing N N 78  
CYS CB  HB2  sing N N 79  
CYS CB  HB3  sing N N 80  
CYS SG  HG   sing N N 81  
CYS OXT HXT  sing N N 82  
GLN N   CA   sing N N 83  
GLN N   H    sing N N 84  
GLN N   H2   sing N N 85  
GLN CA  C    sing N N 86  
GLN CA  CB   sing N N 87  
GLN CA  HA   sing N N 88  
GLN C   O    doub N N 89  
GLN C   OXT  sing N N 90  
GLN CB  CG   sing N N 91  
GLN CB  HB2  sing N N 92  
GLN CB  HB3  sing N N 93  
GLN CG  CD   sing N N 94  
GLN CG  HG2  sing N N 95  
GLN CG  HG3  sing N N 96  
GLN CD  OE1  doub N N 97  
GLN CD  NE2  sing N N 98  
GLN NE2 HE21 sing N N 99  
GLN NE2 HE22 sing N N 100 
GLN OXT HXT  sing N N 101 
GLU N   CA   sing N N 102 
GLU N   H    sing N N 103 
GLU N   H2   sing N N 104 
GLU CA  C    sing N N 105 
GLU CA  CB   sing N N 106 
GLU CA  HA   sing N N 107 
GLU C   O    doub N N 108 
GLU C   OXT  sing N N 109 
GLU CB  CG   sing N N 110 
GLU CB  HB2  sing N N 111 
GLU CB  HB3  sing N N 112 
GLU CG  CD   sing N N 113 
GLU CG  HG2  sing N N 114 
GLU CG  HG3  sing N N 115 
GLU CD  OE1  doub N N 116 
GLU CD  OE2  sing N N 117 
GLU OE2 HE2  sing N N 118 
GLU OXT HXT  sing N N 119 
GLY N   CA   sing N N 120 
GLY N   H    sing N N 121 
GLY N   H2   sing N N 122 
GLY CA  C    sing N N 123 
GLY CA  HA2  sing N N 124 
GLY CA  HA3  sing N N 125 
GLY C   O    doub N N 126 
GLY C   OXT  sing N N 127 
GLY OXT HXT  sing N N 128 
HIS N   CA   sing N N 129 
HIS N   H    sing N N 130 
HIS N   H2   sing N N 131 
HIS CA  C    sing N N 132 
HIS CA  CB   sing N N 133 
HIS CA  HA   sing N N 134 
HIS C   O    doub N N 135 
HIS C   OXT  sing N N 136 
HIS CB  CG   sing N N 137 
HIS CB  HB2  sing N N 138 
HIS CB  HB3  sing N N 139 
HIS CG  ND1  sing Y N 140 
HIS CG  CD2  doub Y N 141 
HIS ND1 CE1  doub Y N 142 
HIS ND1 HD1  sing N N 143 
HIS CD2 NE2  sing Y N 144 
HIS CD2 HD2  sing N N 145 
HIS CE1 NE2  sing Y N 146 
HIS CE1 HE1  sing N N 147 
HIS NE2 HE2  sing N N 148 
HIS OXT HXT  sing N N 149 
HOH O   H1   sing N N 150 
HOH O   H2   sing N N 151 
ILE N   CA   sing N N 152 
ILE N   H    sing N N 153 
ILE N   H2   sing N N 154 
ILE CA  C    sing N N 155 
ILE CA  CB   sing N N 156 
ILE CA  HA   sing N N 157 
ILE C   O    doub N N 158 
ILE C   OXT  sing N N 159 
ILE CB  CG1  sing N N 160 
ILE CB  CG2  sing N N 161 
ILE CB  HB   sing N N 162 
ILE CG1 CD1  sing N N 163 
ILE CG1 HG12 sing N N 164 
ILE CG1 HG13 sing N N 165 
ILE CG2 HG21 sing N N 166 
ILE CG2 HG22 sing N N 167 
ILE CG2 HG23 sing N N 168 
ILE CD1 HD11 sing N N 169 
ILE CD1 HD12 sing N N 170 
ILE CD1 HD13 sing N N 171 
ILE OXT HXT  sing N N 172 
LEU N   CA   sing N N 173 
LEU N   H    sing N N 174 
LEU N   H2   sing N N 175 
LEU CA  C    sing N N 176 
LEU CA  CB   sing N N 177 
LEU CA  HA   sing N N 178 
LEU C   O    doub N N 179 
LEU C   OXT  sing N N 180 
LEU CB  CG   sing N N 181 
LEU CB  HB2  sing N N 182 
LEU CB  HB3  sing N N 183 
LEU CG  CD1  sing N N 184 
LEU CG  CD2  sing N N 185 
LEU CG  HG   sing N N 186 
LEU CD1 HD11 sing N N 187 
LEU CD1 HD12 sing N N 188 
LEU CD1 HD13 sing N N 189 
LEU CD2 HD21 sing N N 190 
LEU CD2 HD22 sing N N 191 
LEU CD2 HD23 sing N N 192 
LEU OXT HXT  sing N N 193 
LYS N   CA   sing N N 194 
LYS N   H    sing N N 195 
LYS N   H2   sing N N 196 
LYS CA  C    sing N N 197 
LYS CA  CB   sing N N 198 
LYS CA  HA   sing N N 199 
LYS C   O    doub N N 200 
LYS C   OXT  sing N N 201 
LYS CB  CG   sing N N 202 
LYS CB  HB2  sing N N 203 
LYS CB  HB3  sing N N 204 
LYS CG  CD   sing N N 205 
LYS CG  HG2  sing N N 206 
LYS CG  HG3  sing N N 207 
LYS CD  CE   sing N N 208 
LYS CD  HD2  sing N N 209 
LYS CD  HD3  sing N N 210 
LYS CE  NZ   sing N N 211 
LYS CE  HE2  sing N N 212 
LYS CE  HE3  sing N N 213 
LYS NZ  HZ1  sing N N 214 
LYS NZ  HZ2  sing N N 215 
LYS NZ  HZ3  sing N N 216 
LYS OXT HXT  sing N N 217 
MET N   CA   sing N N 218 
MET N   H    sing N N 219 
MET N   H2   sing N N 220 
MET CA  C    sing N N 221 
MET CA  CB   sing N N 222 
MET CA  HA   sing N N 223 
MET C   O    doub N N 224 
MET C   OXT  sing N N 225 
MET CB  CG   sing N N 226 
MET CB  HB2  sing N N 227 
MET CB  HB3  sing N N 228 
MET CG  SD   sing N N 229 
MET CG  HG2  sing N N 230 
MET CG  HG3  sing N N 231 
MET SD  CE   sing N N 232 
MET CE  HE1  sing N N 233 
MET CE  HE2  sing N N 234 
MET CE  HE3  sing N N 235 
MET OXT HXT  sing N N 236 
PHE N   CA   sing N N 237 
PHE N   H    sing N N 238 
PHE N   H2   sing N N 239 
PHE CA  C    sing N N 240 
PHE CA  CB   sing N N 241 
PHE CA  HA   sing N N 242 
PHE C   O    doub N N 243 
PHE C   OXT  sing N N 244 
PHE CB  CG   sing N N 245 
PHE CB  HB2  sing N N 246 
PHE CB  HB3  sing N N 247 
PHE CG  CD1  doub Y N 248 
PHE CG  CD2  sing Y N 249 
PHE CD1 CE1  sing Y N 250 
PHE CD1 HD1  sing N N 251 
PHE CD2 CE2  doub Y N 252 
PHE CD2 HD2  sing N N 253 
PHE CE1 CZ   doub Y N 254 
PHE CE1 HE1  sing N N 255 
PHE CE2 CZ   sing Y N 256 
PHE CE2 HE2  sing N N 257 
PHE CZ  HZ   sing N N 258 
PHE OXT HXT  sing N N 259 
PRO N   CA   sing N N 260 
PRO N   CD   sing N N 261 
PRO N   H    sing N N 262 
PRO CA  C    sing N N 263 
PRO CA  CB   sing N N 264 
PRO CA  HA   sing N N 265 
PRO C   O    doub N N 266 
PRO C   OXT  sing N N 267 
PRO CB  CG   sing N N 268 
PRO CB  HB2  sing N N 269 
PRO CB  HB3  sing N N 270 
PRO CG  CD   sing N N 271 
PRO CG  HG2  sing N N 272 
PRO CG  HG3  sing N N 273 
PRO CD  HD2  sing N N 274 
PRO CD  HD3  sing N N 275 
PRO OXT HXT  sing N N 276 
SER N   CA   sing N N 277 
SER N   H    sing N N 278 
SER N   H2   sing N N 279 
SER CA  C    sing N N 280 
SER CA  CB   sing N N 281 
SER CA  HA   sing N N 282 
SER C   O    doub N N 283 
SER C   OXT  sing N N 284 
SER CB  OG   sing N N 285 
SER CB  HB2  sing N N 286 
SER CB  HB3  sing N N 287 
SER OG  HG   sing N N 288 
SER OXT HXT  sing N N 289 
THR N   CA   sing N N 290 
THR N   H    sing N N 291 
THR N   H2   sing N N 292 
THR CA  C    sing N N 293 
THR CA  CB   sing N N 294 
THR CA  HA   sing N N 295 
THR C   O    doub N N 296 
THR C   OXT  sing N N 297 
THR CB  OG1  sing N N 298 
THR CB  CG2  sing N N 299 
THR CB  HB   sing N N 300 
THR OG1 HG1  sing N N 301 
THR CG2 HG21 sing N N 302 
THR CG2 HG22 sing N N 303 
THR CG2 HG23 sing N N 304 
THR OXT HXT  sing N N 305 
TRP N   CA   sing N N 306 
TRP N   H    sing N N 307 
TRP N   H2   sing N N 308 
TRP CA  C    sing N N 309 
TRP CA  CB   sing N N 310 
TRP CA  HA   sing N N 311 
TRP C   O    doub N N 312 
TRP C   OXT  sing N N 313 
TRP CB  CG   sing N N 314 
TRP CB  HB2  sing N N 315 
TRP CB  HB3  sing N N 316 
TRP CG  CD1  doub Y N 317 
TRP CG  CD2  sing Y N 318 
TRP CD1 NE1  sing Y N 319 
TRP CD1 HD1  sing N N 320 
TRP CD2 CE2  doub Y N 321 
TRP CD2 CE3  sing Y N 322 
TRP NE1 CE2  sing Y N 323 
TRP NE1 HE1  sing N N 324 
TRP CE2 CZ2  sing Y N 325 
TRP CE3 CZ3  doub Y N 326 
TRP CE3 HE3  sing N N 327 
TRP CZ2 CH2  doub Y N 328 
TRP CZ2 HZ2  sing N N 329 
TRP CZ3 CH2  sing Y N 330 
TRP CZ3 HZ3  sing N N 331 
TRP CH2 HH2  sing N N 332 
TRP OXT HXT  sing N N 333 
TYR N   CA   sing N N 334 
TYR N   H    sing N N 335 
TYR N   H2   sing N N 336 
TYR CA  C    sing N N 337 
TYR CA  CB   sing N N 338 
TYR CA  HA   sing N N 339 
TYR C   O    doub N N 340 
TYR C   OXT  sing N N 341 
TYR CB  CG   sing N N 342 
TYR CB  HB2  sing N N 343 
TYR CB  HB3  sing N N 344 
TYR CG  CD1  doub Y N 345 
TYR CG  CD2  sing Y N 346 
TYR CD1 CE1  sing Y N 347 
TYR CD1 HD1  sing N N 348 
TYR CD2 CE2  doub Y N 349 
TYR CD2 HD2  sing N N 350 
TYR CE1 CZ   doub Y N 351 
TYR CE1 HE1  sing N N 352 
TYR CE2 CZ   sing Y N 353 
TYR CE2 HE2  sing N N 354 
TYR CZ  OH   sing N N 355 
TYR OH  HH   sing N N 356 
TYR OXT HXT  sing N N 357 
VAL N   CA   sing N N 358 
VAL N   H    sing N N 359 
VAL N   H2   sing N N 360 
VAL CA  C    sing N N 361 
VAL CA  CB   sing N N 362 
VAL CA  HA   sing N N 363 
VAL C   O    doub N N 364 
VAL C   OXT  sing N N 365 
VAL CB  CG1  sing N N 366 
VAL CB  CG2  sing N N 367 
VAL CB  HB   sing N N 368 
VAL CG1 HG11 sing N N 369 
VAL CG1 HG12 sing N N 370 
VAL CG1 HG13 sing N N 371 
VAL CG2 HG21 sing N N 372 
VAL CG2 HG22 sing N N 373 
VAL CG2 HG23 sing N N 374 
VAL OXT HXT  sing N N 375 
# 
_pdbx_audit_support.funding_organization   'National Research Foundation in South Africa' 
_pdbx_audit_support.country                'South Africa' 
_pdbx_audit_support.grant_number           ? 
_pdbx_audit_support.ordinal                1 
# 
_pdbx_entity_instance_feature.ordinal        1 
_pdbx_entity_instance_feature.comp_id        CA 
_pdbx_entity_instance_feature.asym_id        ? 
_pdbx_entity_instance_feature.seq_num        ? 
_pdbx_entity_instance_feature.auth_comp_id   CA 
_pdbx_entity_instance_feature.auth_asym_id   ? 
_pdbx_entity_instance_feature.auth_seq_num   ? 
_pdbx_entity_instance_feature.feature_type   'SUBJECT OF INVESTIGATION' 
_pdbx_entity_instance_feature.details        ? 
# 
_pdbx_initial_refinement_model.id               1 
_pdbx_initial_refinement_model.entity_id_list   ? 
_pdbx_initial_refinement_model.type             'experimental model' 
_pdbx_initial_refinement_model.source_name      PDB 
_pdbx_initial_refinement_model.accession_code   2C71 
_pdbx_initial_refinement_model.details          ? 
# 
_space_group.name_H-M_alt     'P 21 21 21' 
_space_group.name_Hall        'P 2ac 2ab' 
_space_group.IT_number        19 
_space_group.crystal_system   orthorhombic 
_space_group.id               1 
# 
_atom_sites.entry_id                    7AY3 
_atom_sites.Cartn_transf_matrix[1][1]   ? 
_atom_sites.Cartn_transf_matrix[1][2]   ? 
_atom_sites.Cartn_transf_matrix[1][3]   ? 
_atom_sites.Cartn_transf_matrix[2][1]   ? 
_atom_sites.Cartn_transf_matrix[2][2]   ? 
_atom_sites.Cartn_transf_matrix[2][3]   ? 
_atom_sites.Cartn_transf_matrix[3][1]   ? 
_atom_sites.Cartn_transf_matrix[3][2]   ? 
_atom_sites.Cartn_transf_matrix[3][3]   ? 
_atom_sites.Cartn_transf_vector[1]      ? 
_atom_sites.Cartn_transf_vector[2]      ? 
_atom_sites.Cartn_transf_vector[3]      ? 
_atom_sites.fract_transf_matrix[1][1]   0.02702437 
_atom_sites.fract_transf_matrix[1][2]   -0.02055864 
_atom_sites.fract_transf_matrix[1][3]   -0.00917035 
_atom_sites.fract_transf_matrix[2][1]   -0.01299300 
_atom_sites.fract_transf_matrix[2][2]   -0.00712061 
_atom_sites.fract_transf_matrix[2][3]   -0.02232601 
_atom_sites.fract_transf_matrix[3][1]   0.00386745 
_atom_sites.fract_transf_matrix[3][2]   0.00709745 
_atom_sites.fract_transf_matrix[3][3]   -0.00451438 
_atom_sites.fract_transf_vector[1]      0.173801 
_atom_sites.fract_transf_vector[2]      0.528693 
_atom_sites.fract_transf_vector[3]      0.631640 
_atom_sites.solution_primary            ? 
_atom_sites.solution_secondary          ? 
_atom_sites.solution_hydrogens          ? 
_atom_sites.special_details             ? 
# 
loop_
_atom_type.symbol 
_atom_type.scat_dispersion_real 
_atom_type.scat_dispersion_imag 
_atom_type.scat_Cromer_Mann_a1 
_atom_type.scat_Cromer_Mann_a2 
_atom_type.scat_Cromer_Mann_b1 
_atom_type.scat_Cromer_Mann_b2 
_atom_type.scat_Cromer_Mann_c 
_atom_type.scat_source 
_atom_type.scat_dispersion_source 
C  ? ? 3.54356  2.42580 25.62398 1.50364  0.0 
;2-Gaussian fit: Grosse-Kunstleve RW, Sauter NK, Adams PD: Newsletter of the IUCr Commission on Crystallographic Computing 2004, 3, 22-31.
;
? 
CA ? ? 16.26893 3.65395 3.58509  77.28589 0.0 
;2-Gaussian fit: Grosse-Kunstleve RW, Sauter NK, Adams PD: Newsletter of the IUCr Commission on Crystallographic Computing 2004, 3, 22-31.
;
? 
N  ? ? 4.01032  2.96436 19.97189 1.75589  0.0 
;2-Gaussian fit: Grosse-Kunstleve RW, Sauter NK, Adams PD: Newsletter of the IUCr Commission on Crystallographic Computing 2004, 3, 22-31.
;
? 
O  ? ? 4.49882  3.47563 15.80542 1.70748  0.0 
;2-Gaussian fit: Grosse-Kunstleve RW, Sauter NK, Adams PD: Newsletter of the IUCr Commission on Crystallographic Computing 2004, 3, 22-31.
;
? 
S  ? ? 9.55732  6.39887 1.23737  29.19336 0.0 
;2-Gaussian fit: Grosse-Kunstleve RW, Sauter NK, Adams PD: Newsletter of the IUCr Commission on Crystallographic Computing 2004, 3, 22-31.
;
? 
# 
loop_
_atom_site.group_PDB 
_atom_site.id 
_atom_site.type_symbol 
_atom_site.label_atom_id 
_atom_site.label_alt_id 
_atom_site.label_comp_id 
_atom_site.label_asym_id 
_atom_site.label_entity_id 
_atom_site.label_seq_id 
_atom_site.pdbx_PDB_ins_code 
_atom_site.Cartn_x 
_atom_site.Cartn_y 
_atom_site.Cartn_z 
_atom_site.occupancy 
_atom_site.B_iso_or_equiv 
_atom_site.pdbx_formal_charge 
_atom_site.auth_seq_id 
_atom_site.auth_comp_id 
_atom_site.auth_asym_id 
_atom_site.auth_atom_id 
_atom_site.pdbx_PDB_model_num 
ATOM   1    N  N   . ASN A 1 2   ? 12.52881  -2.70864  14.64290  1.000 43.28896 ? 262 ASN A N   1 
ATOM   2    C  CA  . ASN A 1 2   ? 11.58183  -1.60884  14.82309  1.000 44.56192 ? 262 ASN A CA  1 
ATOM   3    C  C   . ASN A 1 2   ? 10.93100  -1.19710  13.50232  1.000 39.56503 ? 262 ASN A C   1 
ATOM   4    O  O   . ASN A 1 2   ? 10.03362  -0.35815  13.48779  1.000 36.68006 ? 262 ASN A O   1 
ATOM   5    C  CB  . ASN A 1 2   ? 12.27413  -0.39944  15.45880  1.000 39.35365 ? 262 ASN A CB  1 
ATOM   6    C  CG  . ASN A 1 2   ? 12.43095  -0.53806  16.96546  1.000 42.01659 ? 262 ASN A CG  1 
ATOM   7    O  OD1 . ASN A 1 2   ? 11.66787  -1.25233  17.62141  1.000 48.46773 ? 262 ASN A OD1 1 
ATOM   8    N  ND2 . ASN A 1 2   ? 13.42828  0.14306   17.52013  1.000 35.50902 ? 262 ASN A ND2 1 
ATOM   9    N  N   . GLU A 1 3   ? 11.40590  -1.77705  12.39706  1.000 38.64783 ? 263 GLU A N   1 
ATOM   10   C  CA  . GLU A 1 3   ? 10.79618  -1.59460  11.08725  1.000 41.52526 ? 263 GLU A CA  1 
ATOM   11   C  C   . GLU A 1 3   ? 10.75533  -2.93466  10.37430  1.000 40.11936 ? 263 GLU A C   1 
ATOM   12   O  O   . GLU A 1 3   ? 11.67785  -3.74540  10.50081  1.000 36.98030 ? 263 GLU A O   1 
ATOM   13   C  CB  . GLU A 1 3   ? 11.55419  -0.56861  10.23423  1.000 39.62100 ? 263 GLU A CB  1 
ATOM   14   C  CG  . GLU A 1 3   ? 11.44600  0.84842   10.76458  1.000 44.17803 ? 263 GLU A CG  1 
ATOM   15   C  CD  . GLU A 1 3   ? 11.80305  1.90340   9.73629   1.000 48.90737 ? 263 GLU A CD  1 
ATOM   16   O  OE1 . GLU A 1 3   ? 12.71621  1.65072   8.91654   1.000 50.45461 ? 263 GLU A OE1 1 
ATOM   17   O  OE2 . GLU A 1 3   ? 11.16757  2.98644   9.76007   1.000 47.61490 ? 263 GLU A OE2 1 
ATOM   18   N  N   . THR A 1 4   ? 9.66850   -3.17213  9.65346   1.000 37.50373 ? 264 THR A N   1 
ATOM   19   C  CA  . THR A 1 4   ? 9.53520   -4.33917  8.79736   1.000 38.32137 ? 264 THR A CA  1 
ATOM   20   C  C   . THR A 1 4   ? 9.10458   -3.87212  7.41374   1.000 35.29141 ? 264 THR A C   1 
ATOM   21   O  O   . THR A 1 4   ? 8.33752   -2.91467  7.27990   1.000 33.23725 ? 264 THR A O   1 
ATOM   22   C  CB  . THR A 1 4   ? 8.53677   -5.36665  9.37505   1.000 37.14622 ? 264 THR A CB  1 
ATOM   23   O  OG1 . THR A 1 4   ? 8.72654   -6.62847  8.73004   1.000 44.05586 ? 264 THR A OG1 1 
ATOM   24   C  CG2 . THR A 1 4   ? 7.10514   -4.94118  9.15650   1.000 35.66427 ? 264 THR A CG2 1 
ATOM   25   N  N   . ILE A 1 5   ? 9.63739   -4.51674  6.38346   1.000 33.29642 ? 265 ILE A N   1 
ATOM   26   C  CA  . ILE A 1 5   ? 9.30520   -4.18606  5.00396   1.000 38.48313 ? 265 ILE A CA  1 
ATOM   27   C  C   . ILE A 1 5   ? 8.68972   -5.41981  4.36235   1.000 37.56474 ? 265 ILE A C   1 
ATOM   28   O  O   . ILE A 1 5   ? 9.27792   -6.50578  4.41384   1.000 35.62710 ? 265 ILE A O   1 
ATOM   29   C  CB  . ILE A 1 5   ? 10.54124  -3.69605  4.22247   1.000 38.80442 ? 265 ILE A CB  1 
ATOM   30   C  CG1 . ILE A 1 5   ? 11.02042  -2.36071  4.80301   1.000 39.82355 ? 265 ILE A CG1 1 
ATOM   31   C  CG2 . ILE A 1 5   ? 10.22127  -3.52263  2.74418   1.000 32.51348 ? 265 ILE A CG2 1 
ATOM   32   C  CD1 . ILE A 1 5   ? 12.14037  -1.70667  4.01919   1.000 42.43821 ? 265 ILE A CD1 1 
ATOM   33   N  N   . VAL A 1 6   ? 7.50371   -5.25149  3.77791   1.000 33.36272 ? 266 VAL A N   1 
ATOM   34   C  CA  . VAL A 1 6   ? 6.79288   -6.31272  3.06712   1.000 32.19864 ? 266 VAL A CA  1 
ATOM   35   C  C   . VAL A 1 6   ? 6.68992   -5.90488  1.60191   1.000 33.02969 ? 266 VAL A C   1 
ATOM   36   O  O   . VAL A 1 6   ? 6.04625   -4.89849  1.27001   1.000 30.93136 ? 266 VAL A O   1 
ATOM   37   C  CB  . VAL A 1 6   ? 5.39916   -6.57275  3.67032   1.000 32.43864 ? 266 VAL A CB  1 
ATOM   38   C  CG1 . VAL A 1 6   ? 4.74572   -7.80229  3.03966   1.000 30.51568 ? 266 VAL A CG1 1 
ATOM   39   C  CG2 . VAL A 1 6   ? 5.50184   -6.73726  5.18532   1.000 34.63869 ? 266 VAL A CG2 1 
ATOM   40   N  N   . GLN A 1 7   ? 7.34219   -6.66876  0.73319   1.000 29.00266 ? 267 GLN A N   1 
ATOM   41   C  CA  . GLN A 1 7   ? 7.29548   -6.38964  -0.69187  1.000 30.47280 ? 267 GLN A CA  1 
ATOM   42   C  C   . GLN A 1 7   ? 5.87686   -6.55269  -1.21603  1.000 29.92808 ? 267 GLN A C   1 
ATOM   43   O  O   . GLN A 1 7   ? 5.21148   -7.55239  -0.93609  1.000 33.26404 ? 267 GLN A O   1 
ATOM   44   C  CB  . GLN A 1 7   ? 8.24558   -7.32244  -1.43923  1.000 29.71996 ? 267 GLN A CB  1 
ATOM   45   C  CG  . GLN A 1 7   ? 9.69907   -7.11016  -1.09739  1.000 29.11974 ? 267 GLN A CG  1 
ATOM   46   C  CD  . GLN A 1 7   ? 10.15767  -5.66934  -1.29000  1.000 34.47686 ? 267 GLN A CD  1 
ATOM   47   O  OE1 . GLN A 1 7   ? 9.68188   -4.95362  -2.17759  1.000 30.30040 ? 267 GLN A OE1 1 
ATOM   48   N  NE2 . GLN A 1 7   ? 11.09006  -5.24145  -0.45454  1.000 28.64095 ? 267 GLN A NE2 1 
ATOM   49   N  N   . CYS A 1 8   ? 5.41050   -5.56727  -1.98696  1.000 26.08642 ? 268 CYS A N   1 
ATOM   50   C  CA  . CYS A 1 8   ? 4.04389   -5.64876  -2.48417  1.000 28.77937 ? 268 CYS A CA  1 
ATOM   51   C  C   . CYS A 1 8   ? 3.86196   -6.84691  -3.40495  1.000 29.26503 ? 268 CYS A C   1 
ATOM   52   O  O   . CYS A 1 8   ? 2.76874   -7.43019  -3.45381  1.000 28.01588 ? 268 CYS A O   1 
ATOM   53   C  CB  . CYS A 1 8   ? 3.65564   -4.34732  -3.18754  1.000 27.80361 ? 268 CYS A CB  1 
ATOM   54   S  SG  . CYS A 1 8   ? 3.56753   -2.93168  -2.07031  1.000 27.25163 ? 268 CYS A SG  1 
ATOM   55   N  N   . GLU A 1 9   ? 4.92047   -7.24978  -4.11570  1.000 26.94926 ? 269 GLU A N   1 
ATOM   56   C  CA  . GLU A 1 9   ? 4.79886   -8.38643  -5.01831  1.000 28.82303 ? 269 GLU A CA  1 
ATOM   57   C  C   . GLU A 1 9   ? 4.69086   -9.71665  -4.28076  1.000 30.39385 ? 269 GLU A C   1 
ATOM   58   O  O   . GLU A 1 9   ? 4.34365   -10.72250 -4.91195  1.000 33.06457 ? 269 GLU A O   1 
ATOM   59   C  CB  . GLU A 1 9   ? 5.97669   -8.42216  -6.00087  1.000 30.40769 ? 269 GLU A CB  1 
ATOM   60   C  CG  . GLU A 1 9   ? 7.36019   -8.49531  -5.34613  1.000 31.24997 ? 269 GLU A CG  1 
ATOM   61   C  CD  . GLU A 1 9   ? 7.93916   -7.11090  -5.05726  1.000 31.91079 ? 269 GLU A CD  1 
ATOM   62   O  OE1 . GLU A 1 9   ? 7.14900   -6.15899  -4.83556  1.000 31.10139 ? 269 GLU A OE1 1 
ATOM   63   O  OE2 . GLU A 1 9   ? 9.17873   -6.97709  -5.05528  1.000 29.89489 ? 269 GLU A OE2 1 
ATOM   64   N  N   . SER A 1 10  ? 4.95348   -9.74430  -2.97508  1.000 29.05461 ? 270 SER A N   1 
ATOM   65   C  CA  . SER A 1 10  ? 4.76380   -10.94584 -2.16741  1.000 27.14363 ? 270 SER A CA  1 
ATOM   66   C  C   . SER A 1 10  ? 3.35490   -11.06988 -1.59347  1.000 32.12495 ? 270 SER A C   1 
ATOM   67   O  O   . SER A 1 10  ? 3.03015   -12.10926 -1.00878  1.000 34.04804 ? 270 SER A O   1 
ATOM   68   C  CB  . SER A 1 10  ? 5.76806   -10.96872 -1.00978  1.000 33.12305 ? 270 SER A CB  1 
ATOM   69   O  OG  . SER A 1 10  ? 5.31603   -10.15501 0.06441   1.000 29.88881 ? 270 SER A OG  1 
ATOM   70   N  N   . MET A 1 11  ? 2.52065   -10.04364 -1.72195  1.000 30.60657 ? 271 MET A N   1 
ATOM   71   C  CA  . MET A 1 11  ? 1.18966   -10.05497 -1.12902  1.000 33.54058 ? 271 MET A CA  1 
ATOM   72   C  C   . MET A 1 11  ? 0.18004   -10.72657 -2.06374  1.000 31.18060 ? 271 MET A C   1 
ATOM   73   O  O   . MET A 1 11  ? 0.45029   -10.98268 -3.24068  1.000 28.74568 ? 271 MET A O   1 
ATOM   74   C  CB  . MET A 1 11  ? 0.73411   -8.63101  -0.79705  1.000 28.43234 ? 271 MET A CB  1 
ATOM   75   C  CG  . MET A 1 11  ? 1.74016   -7.80835  0.00049   1.000 28.06466 ? 271 MET A CG  1 
ATOM   76   S  SD  . MET A 1 11  ? 1.13650   -6.13037  0.31708   1.000 25.52554 ? 271 MET A SD  1 
ATOM   77   C  CE  . MET A 1 11  ? 2.52412   -5.41626  1.20928   1.000 26.56200 ? 271 MET A CE  1 
ATOM   78   N  N   . THR A 1 12  ? -1.00013  -11.02021 -1.51521  1.000 30.56732 ? 272 THR A N   1 
ATOM   79   C  CA  . THR A 1 12  ? -2.05936  -11.67920 -2.27408  1.000 34.93443 ? 272 THR A CA  1 
ATOM   80   C  C   . THR A 1 12  ? -2.77380  -10.65573 -3.14507  1.000 32.16432 ? 272 THR A C   1 
ATOM   81   O  O   . THR A 1 12  ? -3.28232  -9.65499  -2.63789  1.000 34.51900 ? 272 THR A O   1 
ATOM   82   C  CB  . THR A 1 12  ? -3.05590  -12.35570 -1.33525  1.000 34.49186 ? 272 THR A CB  1 
ATOM   83   O  OG1 . THR A 1 12  ? -2.36216  -13.28479 -0.50571  1.000 36.69844 ? 272 THR A OG1 1 
ATOM   84   C  CG2 . THR A 1 12  ? -4.13242  -13.09671 -2.11883  1.000 30.99225 ? 272 THR A CG2 1 
ATOM   85   N  N   . LYS A 1 13  ? -2.82462  -10.91219 -4.44645  1.000 33.74017 ? 273 LYS A N   1 
ATOM   86   C  CA  . LYS A 1 13  ? -3.47292  -10.00002 -5.37057  1.000 31.70844 ? 273 LYS A CA  1 
ATOM   87   C  C   . LYS A 1 13  ? -4.98921  -10.15395 -5.30479  1.000 34.65279 ? 273 LYS A C   1 
ATOM   88   O  O   . LYS A 1 13  ? -5.51172  -11.25211 -5.08977  1.000 34.94693 ? 273 LYS A O   1 
ATOM   89   C  CB  . LYS A 1 13  ? -2.96652  -10.25041 -6.79457  1.000 33.64460 ? 273 LYS A CB  1 
ATOM   90   C  CG  . LYS A 1 13  ? -1.47618  -9.94913  -6.96425  1.000 32.12638 ? 273 LYS A CG  1 
ATOM   91   C  CD  . LYS A 1 13  ? -1.03450  -10.07742 -8.40485  1.000 31.84664 ? 273 LYS A CD  1 
ATOM   92   C  CE  . LYS A 1 13  ? 0.38606   -9.59363  -8.58206  1.000 26.55845 ? 273 LYS A CE  1 
ATOM   93   N  NZ  . LYS A 1 13  ? 1.32428   -10.17513 -7.57112  1.000 28.28019 ? 273 LYS A NZ  1 
ATOM   94   N  N   . GLY A 1 14  ? -5.69566  -9.03496  -5.46724  1.000 29.66986 ? 274 GLY A N   1 
ATOM   95   C  CA  . GLY A 1 14  ? -7.13174  -9.06734  -5.63337  1.000 32.12810 ? 274 GLY A CA  1 
ATOM   96   C  C   . GLY A 1 14  ? -7.57781  -8.01987  -6.63982  1.000 32.99666 ? 274 GLY A C   1 
ATOM   97   O  O   . GLY A 1 14  ? -6.81275  -7.13428  -7.02646  1.000 28.37816 ? 274 GLY A O   1 
ATOM   98   N  N   . GLY A 1 15  ? -8.82731  -8.14105  -7.06182  1.000 34.07422 ? 275 GLY A N   1 
ATOM   99   C  CA  . GLY A 1 15  ? -9.38209  -7.20830  -8.02103  1.000 33.96495 ? 275 GLY A CA  1 
ATOM   100  C  C   . GLY A 1 15  ? -9.32416  -7.72229  -9.44586  1.000 34.60604 ? 275 GLY A C   1 
ATOM   101  O  O   . GLY A 1 15  ? -9.11641  -8.90809  -9.71134  1.000 36.54320 ? 275 GLY A O   1 
ATOM   102  N  N   . GLN A 1 16  ? -9.49541  -6.78727  -10.38268 1.000 33.06015 ? 276 GLN A N   1 
ATOM   103  C  CA  . GLN A 1 16  ? -9.66389  -7.09995  -11.79851 1.000 33.87749 ? 276 GLN A CA  1 
ATOM   104  C  C   . GLN A 1 16  ? -8.34196  -7.27906  -12.53839 1.000 36.28820 ? 276 GLN A C   1 
ATOM   105  O  O   . GLN A 1 16  ? -8.18817  -8.23508  -13.30886 1.000 35.91163 ? 276 GLN A O   1 
ATOM   106  C  CB  . GLN A 1 16  ? -10.48349 -6.00230  -12.47922 1.000 32.24491 ? 276 GLN A CB  1 
ATOM   107  C  CG  . GLN A 1 16  ? -11.93487 -5.94627  -12.01711 1.000 37.12485 ? 276 GLN A CG  1 
ATOM   108  C  CD  . GLN A 1 16  ? -12.64394 -7.28337  -12.16467 1.000 40.39545 ? 276 GLN A CD  1 
ATOM   109  O  OE1 . GLN A 1 16  ? -12.62477 -8.11693  -11.25091 1.000 44.75808 ? 276 GLN A OE1 1 
ATOM   110  N  NE2 . GLN A 1 16  ? -13.27830 -7.49268  -13.31605 1.000 40.73901 ? 276 GLN A NE2 1 
ATOM   111  N  N   . TYR A 1 17  ? -7.38584  -6.36298  -12.33202 1.000 33.03702 ? 277 TYR A N   1 
ATOM   112  C  CA  . TYR A 1 17  ? -6.19378  -6.29770  -13.17022 1.000 31.36946 ? 277 TYR A CA  1 
ATOM   113  C  C   . TYR A 1 17  ? -4.88008  -6.23953  -12.41033 1.000 31.38792 ? 277 TYR A C   1 
ATOM   114  O  O   . TYR A 1 17  ? -3.83748  -6.04988  -13.04415 1.000 31.66337 ? 277 TYR A O   1 
ATOM   115  C  CB  . TYR A 1 17  ? -6.26802  -5.07770  -14.09773 1.000 32.95048 ? 277 TYR A CB  1 
ATOM   116  C  CG  . TYR A 1 17  ? -7.30857  -5.22814  -15.18547 1.000 31.06030 ? 277 TYR A CG  1 
ATOM   117  C  CD1 . TYR A 1 17  ? -7.16398  -6.19374  -16.17547 1.000 33.21260 ? 277 TYR A CD1 1 
ATOM   118  C  CD2 . TYR A 1 17  ? -8.43846  -4.42706  -15.20791 1.000 31.42722 ? 277 TYR A CD2 1 
ATOM   119  C  CE1 . TYR A 1 17  ? -8.10466  -6.34476  -17.17009 1.000 30.54832 ? 277 TYR A CE1 1 
ATOM   120  C  CE2 . TYR A 1 17  ? -9.38685  -4.56300  -16.20661 1.000 33.69367 ? 277 TYR A CE2 1 
ATOM   121  C  CZ  . TYR A 1 17  ? -9.20906  -5.52829  -17.18601 1.000 34.83108 ? 277 TYR A CZ  1 
ATOM   122  O  OH  . TYR A 1 17  ? -10.14820 -5.69429  -18.17758 1.000 36.98555 ? 277 TYR A OH  1 
ATOM   123  N  N   . THR A 1 18  ? -4.89630  -6.37254  -11.08633 1.000 29.46983 ? 278 THR A N   1 
ATOM   124  C  CA  . THR A 1 18  ? -3.67618  -6.31950  -10.29079 1.000 26.38363 ? 278 THR A CA  1 
ATOM   125  C  C   . THR A 1 18  ? -2.59010  -7.19289  -10.90108 1.000 27.96914 ? 278 THR A C   1 
ATOM   126  O  O   . THR A 1 18  ? -2.79219  -8.39427  -11.10266 1.000 31.22625 ? 278 THR A O   1 
ATOM   127  C  CB  . THR A 1 18  ? -3.98459  -6.77663  -8.86190  1.000 30.67869 ? 278 THR A CB  1 
ATOM   128  O  OG1 . THR A 1 18  ? -5.13577  -6.07257  -8.36492  1.000 28.42742 ? 278 THR A OG1 1 
ATOM   129  C  CG2 . THR A 1 18  ? -2.79259  -6.51341  -7.96325  1.000 26.32442 ? 278 THR A CG2 1 
ATOM   130  N  N   . GLY A 1 19  ? -1.43978  -6.59352  -11.21190 1.000 25.96478 ? 279 GLY A N   1 
ATOM   131  C  CA  . GLY A 1 19  ? -0.35748  -7.35713  -11.80918 1.000 30.26294 ? 279 GLY A CA  1 
ATOM   132  C  C   . GLY A 1 19  ? 1.02114   -6.88440  -11.39274 1.000 28.60822 ? 279 GLY A C   1 
ATOM   133  O  O   . GLY A 1 19  ? 1.19826   -5.78294  -10.86053 1.000 30.12917 ? 279 GLY A O   1 
ATOM   134  N  N   . ASN A 1 20  ? 2.00788   -7.73358  -11.66308 1.000 28.18597 ? 280 ASN A N   1 
ATOM   135  C  CA  . ASN A 1 20  ? 3.38589   -7.42596  -11.31295 1.000 30.55024 ? 280 ASN A CA  1 
ATOM   136  C  C   . ASN A 1 20  ? 4.00623   -6.46999  -12.31912 1.000 29.58037 ? 280 ASN A C   1 
ATOM   137  O  O   . ASN A 1 20  ? 3.69628   -6.50394  -13.50798 1.000 28.08057 ? 280 ASN A O   1 
ATOM   138  C  CB  . ASN A 1 20  ? 4.22243   -8.70072  -11.24686 1.000 33.51025 ? 280 ASN A CB  1 
ATOM   139  C  CG  . ASN A 1 20  ? 3.83409   -9.57676  -10.08980 1.000 37.05183 ? 280 ASN A CG  1 
ATOM   140  O  OD1 . ASN A 1 20  ? 3.60861   -9.09067  -8.97519  1.000 31.11034 ? 280 ASN A OD1 1 
ATOM   141  N  ND2 . ASN A 1 20  ? 3.73782   -10.87339 -10.34074 1.000 34.79309 ? 280 ASN A ND2 1 
ATOM   142  N  N   . ILE A 1 21  ? 4.90394   -5.61427  -11.82891 1.000 28.38978 ? 281 ILE A N   1 
ATOM   143  C  CA  . ILE A 1 21  ? 5.70453   -4.76261  -12.69437 1.000 30.15040 ? 281 ILE A CA  1 
ATOM   144  C  C   . ILE A 1 21  ? 7.17283   -4.92231  -12.33285 1.000 33.05364 ? 281 ILE A C   1 
ATOM   145  O  O   . ILE A 1 21  ? 7.52882   -5.35049  -11.23075 1.000 32.09544 ? 281 ILE A O   1 
ATOM   146  C  CB  . ILE A 1 21  ? 5.30074   -3.28266  -12.60840 1.000 27.89044 ? 281 ILE A CB  1 
ATOM   147  C  CG1 . ILE A 1 21  ? 5.47768   -2.78267  -11.17266 1.000 29.25057 ? 281 ILE A CG1 1 
ATOM   148  C  CG2 . ILE A 1 21  ? 3.86360   -3.11202  -13.09337 1.000 28.20084 ? 281 ILE A CG2 1 
ATOM   149  C  CD1 . ILE A 1 21  ? 5.06226   -1.34244  -10.95987 1.000 28.62131 ? 281 ILE A CD1 1 
ATOM   150  N  N   . ASN A 1 22  ? 8.02437   -4.56166  -13.29223 1.000 27.10755 ? 282 ASN A N   1 
ATOM   151  C  CA  . ASN A 1 22  ? 9.47006   -4.60806  -13.15356 1.000 32.43689 ? 282 ASN A CA  1 
ATOM   152  C  C   . ASN A 1 22  ? 10.11221  -3.23638  -13.02808 1.000 33.43010 ? 282 ASN A C   1 
ATOM   153  O  O   . ASN A 1 22  ? 11.16860  -3.11338  -12.39859 1.000 34.53854 ? 282 ASN A O   1 
ATOM   154  C  CB  . ASN A 1 22  ? 10.08347  -5.33572  -14.35434 1.000 31.55414 ? 282 ASN A CB  1 
ATOM   155  C  CG  . ASN A 1 22  ? 9.61185   -6.75633  -14.46164 1.000 34.51821 ? 282 ASN A CG  1 
ATOM   156  O  OD1 . ASN A 1 22  ? 9.49698   -7.45300  -13.44932 1.000 32.99511 ? 282 ASN A OD1 1 
ATOM   157  N  ND2 . ASN A 1 22  ? 9.31806   -7.20263  -15.69017 1.000 33.96577 ? 282 ASN A ND2 1 
ATOM   158  N  N   . ASN A 1 23  ? 9.50223   -2.21114  -13.61534 1.000 31.29544 ? 283 ASN A N   1 
ATOM   159  C  CA  . ASN A 1 23  ? 9.99146   -0.84603  -13.57899 1.000 34.13363 ? 283 ASN A CA  1 
ATOM   160  C  C   . ASN A 1 23  ? 8.84638   0.08027   -13.19239 1.000 33.49884 ? 283 ASN A C   1 
ATOM   161  O  O   . ASN A 1 23  ? 7.69827   -0.15422  -13.60184 1.000 30.72340 ? 283 ASN A O   1 
ATOM   162  C  CB  . ASN A 1 23  ? 10.56288  -0.43922  -14.94420 1.000 36.03359 ? 283 ASN A CB  1 
ATOM   163  C  CG  . ASN A 1 23  ? 11.55619  -1.45059  -15.47575 1.000 39.79912 ? 283 ASN A CG  1 
ATOM   164  O  OD1 . ASN A 1 23  ? 12.67480  -1.56833  -14.96671 1.000 45.18439 ? 283 ASN A OD1 1 
ATOM   165  N  ND2 . ASN A 1 23  ? 11.15187  -2.19641  -16.49276 1.000 38.63440 ? 283 ASN A ND2 1 
ATOM   166  N  N   . PRO A 1 24  ? 9.11955   1.15891   -12.43403 1.000 32.67912 ? 284 PRO A N   1 
ATOM   167  C  CA  . PRO A 1 24  ? 10.44095  1.65075   -12.00357 1.000 31.64112 ? 284 PRO A CA  1 
ATOM   168  C  C   . PRO A 1 24  ? 11.05790  0.87006   -10.84233 1.000 33.98770 ? 284 PRO A C   1 
ATOM   169  O  O   . PRO A 1 24  ? 12.12680  1.23591   -10.36170 1.000 36.26513 ? 284 PRO A O   1 
ATOM   170  C  CB  . PRO A 1 24  ? 10.15302  3.09154   -11.58130 1.000 34.75524 ? 284 PRO A CB  1 
ATOM   171  C  CG  . PRO A 1 24  ? 8.69800   3.07458   -11.15945 1.000 31.54790 ? 284 PRO A CG  1 
ATOM   172  C  CD  . PRO A 1 24  ? 8.02404   2.06503   -12.03369 1.000 31.94850 ? 284 PRO A CD  1 
ATOM   173  N  N   . PHE A 1 25  ? 10.38036  -0.18996  -10.40817 1.000 33.10170 ? 285 PHE A N   1 
ATOM   174  C  CA  . PHE A 1 25  ? 10.87038  -1.08549  -9.37008  1.000 30.19319 ? 285 PHE A CA  1 
ATOM   175  C  C   . PHE A 1 25  ? 10.14757  -2.41063  -9.53471  1.000 29.32320 ? 285 PHE A C   1 
ATOM   176  O  O   . PHE A 1 25  ? 9.12392   -2.49030  -10.21928 1.000 31.52517 ? 285 PHE A O   1 
ATOM   177  C  CB  . PHE A 1 25  ? 10.63474  -0.51640  -7.96323  1.000 26.00824 ? 285 PHE A CB  1 
ATOM   178  C  CG  . PHE A 1 25  ? 9.28118   0.14456   -7.79167  1.000 28.01389 ? 285 PHE A CG  1 
ATOM   179  C  CD1 . PHE A 1 25  ? 8.10472   -0.58483  -7.92652  1.000 28.60646 ? 285 PHE A CD1 1 
ATOM   180  C  CD2 . PHE A 1 25  ? 9.18745   1.50461   -7.51891  1.000 31.14453 ? 285 PHE A CD2 1 
ATOM   181  C  CE1 . PHE A 1 25  ? 6.85516   0.03125   -7.78130  1.000 30.78163 ? 285 PHE A CE1 1 
ATOM   182  C  CE2 . PHE A 1 25  ? 7.94388   2.13329   -7.36929  1.000 28.33984 ? 285 PHE A CE2 1 
ATOM   183  C  CZ  . PHE A 1 25  ? 6.77865   1.39612   -7.50223  1.000 28.72181 ? 285 PHE A CZ  1 
ATOM   184  N  N   . GLY A 1 26  ? 10.68986  -3.44965  -8.90247  1.000 29.45541 ? 286 GLY A N   1 
ATOM   185  C  CA  . GLY A 1 26  ? 9.95915   -4.69443  -8.75927  1.000 28.43359 ? 286 GLY A CA  1 
ATOM   186  C  C   . GLY A 1 26  ? 8.78713   -4.49938  -7.81538  1.000 30.88341 ? 286 GLY A C   1 
ATOM   187  O  O   . GLY A 1 26  ? 8.98181   -4.18285  -6.62786  1.000 28.38301 ? 286 GLY A O   1 
ATOM   188  N  N   . GLY A 1 27  ? 7.57108   -4.65507  -8.31829  1.000 29.65147 ? 287 GLY A N   1 
ATOM   189  C  CA  . GLY A 1 27  ? 6.40550   -4.39536  -7.50213  1.000 29.38623 ? 287 GLY A CA  1 
ATOM   190  C  C   . GLY A 1 27  ? 5.10842   -4.78688  -8.17050  1.000 29.46504 ? 287 GLY A C   1 
ATOM   191  O  O   . GLY A 1 27  ? 5.06776   -5.75658  -8.93720  1.000 29.38521 ? 287 GLY A O   1 
ATOM   192  N  N   . VAL A 1 28  ? 4.04243   -4.03810  -7.88309  1.000 24.93205 ? 288 VAL A N   1 
ATOM   193  C  CA  . VAL A 1 28  ? 2.69691   -4.34192  -8.35768  1.000 26.66677 ? 288 VAL A CA  1 
ATOM   194  C  C   . VAL A 1 28  ? 2.05637   -3.06320  -8.88423  1.000 31.16202 ? 288 VAL A C   1 
ATOM   195  O  O   . VAL A 1 28  ? 2.29438   -1.97499  -8.35051  1.000 28.72551 ? 288 VAL A O   1 
ATOM   196  C  CB  . VAL A 1 28  ? 1.84497   -4.96550  -7.23419  1.000 32.11198 ? 288 VAL A CB  1 
ATOM   197  C  CG1 . VAL A 1 28  ? 0.47230   -5.32119  -7.73802  1.000 33.97684 ? 288 VAL A CG1 1 
ATOM   198  C  CG2 . VAL A 1 28  ? 2.54013   -6.19653  -6.66389  1.000 29.83018 ? 288 VAL A CG2 1 
ATOM   199  N  N   . ALA A 1 29  ? 1.26660   -3.19135  -9.95560  1.000 29.28163 ? 289 ALA A N   1 
ATOM   200  C  CA  . ALA A 1 29  ? 0.45624   -2.10043  -10.47617 1.000 28.70891 ? 289 ALA A CA  1 
ATOM   201  C  C   . ALA A 1 29  ? -1.00266  -2.34256  -10.12391 1.000 28.94591 ? 289 ALA A C   1 
ATOM   202  O  O   . ALA A 1 29  ? -1.52036  -3.44664  -10.33330 1.000 29.31645 ? 289 ALA A O   1 
ATOM   203  C  CB  . ALA A 1 29  ? 0.60168   -1.96782  -11.99238 1.000 26.96133 ? 289 ALA A CB  1 
ATOM   204  N  N   . LEU A 1 30  ? -1.66020  -1.31328  -9.59984  1.000 26.35217 ? 290 LEU A N   1 
ATOM   205  C  CA  . LEU A 1 30  ? -3.10772  -1.31088  -9.38947  1.000 27.44990 ? 290 LEU A CA  1 
ATOM   206  C  C   . LEU A 1 30  ? -3.70469  -0.39034  -10.44506 1.000 27.40751 ? 290 LEU A C   1 
ATOM   207  O  O   . LEU A 1 30  ? -3.44190  0.81514   -10.43899 1.000 27.06062 ? 290 LEU A O   1 
ATOM   208  C  CB  . LEU A 1 30  ? -3.47503  -0.84463  -7.97901  1.000 26.31583 ? 290 LEU A CB  1 
ATOM   209  C  CG  . LEU A 1 30  ? -2.65802  -1.44840  -6.83817  1.000 26.36017 ? 290 LEU A CG  1 
ATOM   210  C  CD1 . LEU A 1 30  ? -3.10588  -0.85879  -5.50430  1.000 27.13752 ? 290 LEU A CD1 1 
ATOM   211  C  CD2 . LEU A 1 30  ? -2.78984  -2.96775  -6.82873  1.000 26.09137 ? 290 LEU A CD2 1 
ATOM   212  N  N   . TYR A 1 31  ? -4.49172  -0.96860  -11.35208 1.000 27.24083 ? 291 TYR A N   1 
ATOM   213  C  CA  . TYR A 1 31  ? -4.96701  -0.29838  -12.55067 1.000 29.27538 ? 291 TYR A CA  1 
ATOM   214  C  C   . TYR A 1 31  ? -6.36431  0.27713   -12.41963 1.000 34.47117 ? 291 TYR A C   1 
ATOM   215  O  O   . TYR A 1 31  ? -6.70781  1.19189   -13.17128 1.000 33.15925 ? 291 TYR A O   1 
ATOM   216  C  CB  . TYR A 1 31  ? -4.96051  -1.26795  -13.73526 1.000 29.02434 ? 291 TYR A CB  1 
ATOM   217  C  CG  . TYR A 1 31  ? -3.59125  -1.78984  -14.10490 1.000 31.61814 ? 291 TYR A CG  1 
ATOM   218  C  CD1 . TYR A 1 31  ? -2.74810  -1.05151  -14.92211 1.000 31.31557 ? 291 TYR A CD1 1 
ATOM   219  C  CD2 . TYR A 1 31  ? -3.14516  -3.03063  -13.64972 1.000 31.08189 ? 291 TYR A CD2 1 
ATOM   220  C  CE1 . TYR A 1 31  ? -1.49190  -1.52731  -15.27199 1.000 34.18443 ? 291 TYR A CE1 1 
ATOM   221  C  CE2 . TYR A 1 31  ? -1.88464  -3.51893  -14.00023 1.000 31.01687 ? 291 TYR A CE2 1 
ATOM   222  C  CZ  . TYR A 1 31  ? -1.06603  -2.75573  -14.81263 1.000 30.88295 ? 291 TYR A CZ  1 
ATOM   223  O  OH  . TYR A 1 31  ? 0.18209   -3.20963  -15.16998 1.000 31.18037 ? 291 TYR A OH  1 
ATOM   224  N  N   . GLY A 1 32  ? -7.18888  -0.24001  -11.51621 1.000 30.51073 ? 292 GLY A N   1 
ATOM   225  C  CA  . GLY A 1 32  ? -8.53859  0.26114   -11.41772 1.000 29.29349 ? 292 GLY A CA  1 
ATOM   226  C  C   . GLY A 1 32  ? -9.08956  0.07848   -10.02434 1.000 30.73169 ? 292 GLY A C   1 
ATOM   227  O  O   . GLY A 1 32  ? -8.43313  -0.45656  -9.13241  1.000 29.13128 ? 292 GLY A O   1 
ATOM   228  N  N   . ASN A 1 33  ? -10.31833 0.53567   -9.84693  1.000 28.38377 ? 293 ASN A N   1 
ATOM   229  C  CA  . ASN A 1 33  ? -10.93034 0.47613   -8.53686  1.000 33.04758 ? 293 ASN A CA  1 
ATOM   230  C  C   . ASN A 1 33  ? -11.08340 -0.96811  -8.09411  1.000 31.87952 ? 293 ASN A C   1 
ATOM   231  O  O   . ASN A 1 33  ? -11.45327 -1.84580  -8.88195  1.000 32.05686 ? 293 ASN A O   1 
ATOM   232  C  CB  . ASN A 1 33  ? -12.26531 1.20318   -8.57062  1.000 32.82198 ? 293 ASN A CB  1 
ATOM   233  C  CG  . ASN A 1 33  ? -12.07924 2.69332   -8.66864  1.000 33.96643 ? 293 ASN A CG  1 
ATOM   234  O  OD1 . ASN A 1 33  ? -11.02999 3.22245   -8.27674  1.000 30.75353 ? 293 ASN A OD1 1 
ATOM   235  N  ND2 . ASN A 1 33  ? -13.07381 3.38420   -9.19568  1.000 33.33264 ? 293 ASN A ND2 1 
ATOM   236  N  N   . ASN A 1 34  ? -10.74114 -1.20956  -6.83387  1.000 29.65831 ? 294 ASN A N   1 
ATOM   237  C  CA  . ASN A 1 34  ? -10.77611 -2.48655  -6.12742  1.000 32.74021 ? 294 ASN A CA  1 
ATOM   238  C  C   . ASN A 1 34  ? -9.59817  -3.37170  -6.53264  1.000 29.63587 ? 294 ASN A C   1 
ATOM   239  O  O   . ASN A 1 34  ? -9.47490  -4.46774  -5.99220  1.000 27.86648 ? 294 ASN A O   1 
ATOM   240  C  CB  . ASN A 1 34  ? -12.10448 -3.25180  -6.31232  1.000 32.38436 ? 294 ASN A CB  1 
ATOM   241  C  CG  . ASN A 1 34  ? -13.33135 -2.42886  -5.88675  1.000 38.49146 ? 294 ASN A CG  1 
ATOM   242  O  OD1 . ASN A 1 34  ? -13.29050 -1.69186  -4.90153  1.000 39.55601 ? 294 ASN A OD1 1 
ATOM   243  N  ND2 . ASN A 1 34  ? -14.42224 -2.55311  -6.63842  1.000 45.57203 ? 294 ASN A ND2 1 
ATOM   244  N  N   . ASP A 1 35  ? -8.72557  -2.93964  -7.44846  1.000 27.53852 ? 295 ASP A N   1 
ATOM   245  C  CA  . ASP A 1 35  ? -7.42597  -3.58821  -7.56632  1.000 26.31564 ? 295 ASP A CA  1 
ATOM   246  C  C   . ASP A 1 35  ? -6.68376  -3.42183  -6.24389  1.000 26.79938 ? 295 ASP A C   1 
ATOM   247  O  O   . ASP A 1 35  ? -6.56965  -2.30917  -5.72244  1.000 26.41430 ? 295 ASP A O   1 
ATOM   248  C  CB  . ASP A 1 35  ? -6.60899  -2.98098  -8.70583  1.000 25.47570 ? 295 ASP A CB  1 
ATOM   249  C  CG  . ASP A 1 35  ? -6.92503  -3.60409  -10.07249 1.000 30.72572 ? 295 ASP A CG  1 
ATOM   250  O  OD1 . ASP A 1 35  ? -7.87249  -4.41279  -10.19386 1.000 31.73227 ? 295 ASP A OD1 1 
ATOM   251  O  OD2 . ASP A 1 35  ? -6.21304  -3.27313  -11.04148 1.000 30.50354 ? 295 ASP A OD2 1 
ATOM   252  N  N   . LYS A 1 36  ? -6.17897  -4.52689  -5.70147  1.000 27.70460 ? 296 LYS A N   1 
ATOM   253  C  CA  . LYS A 1 36  ? -5.63352  -4.51577  -4.35545  1.000 30.98757 ? 296 LYS A CA  1 
ATOM   254  C  C   . LYS A 1 36  ? -4.56258  -5.58590  -4.19745  1.000 29.44501 ? 296 LYS A C   1 
ATOM   255  O  O   . LYS A 1 36  ? -4.45523  -6.52573  -4.99399  1.000 29.36511 ? 296 LYS A O   1 
ATOM   256  C  CB  . LYS A 1 36  ? -6.73351  -4.74393  -3.31213  1.000 29.62380 ? 296 LYS A CB  1 
ATOM   257  C  CG  . LYS A 1 36  ? -7.44221  -6.08902  -3.47380  1.000 33.11129 ? 296 LYS A CG  1 
ATOM   258  C  CD  . LYS A 1 36  ? -8.13283  -6.53862  -2.17850  1.000 33.58428 ? 296 LYS A CD  1 
ATOM   259  C  CE  . LYS A 1 36  ? -9.48831  -7.18155  -2.45448  1.000 43.02883 ? 296 LYS A CE  1 
ATOM   260  N  NZ  . LYS A 1 36  ? -10.50200 -6.18538  -2.96862  1.000 49.19713 ? 296 LYS A NZ  1 
ATOM   261  N  N   . VAL A 1 37  ? -3.76225  -5.41122  -3.15017  1.000 28.85311 ? 297 VAL A N   1 
ATOM   262  C  CA  . VAL A 1 37  ? -2.95965  -6.46859  -2.55741  1.000 29.22812 ? 297 VAL A CA  1 
ATOM   263  C  C   . VAL A 1 37  ? -3.26217  -6.47173  -1.06579  1.000 30.82322 ? 297 VAL A C   1 
ATOM   264  O  O   . VAL A 1 37  ? -3.60413  -5.43510  -0.48485  1.000 30.45574 ? 297 VAL A O   1 
ATOM   265  C  CB  . VAL A 1 37  ? -1.44268  -6.29565  -2.81468  1.000 29.29728 ? 297 VAL A CB  1 
ATOM   266  C  CG1 . VAL A 1 37  ? -1.11394  -6.49799  -4.29791  1.000 26.54796 ? 297 VAL A CG1 1 
ATOM   267  C  CG2 . VAL A 1 37  ? -0.96186  -4.93016  -2.33230  1.000 27.24638 ? 297 VAL A CG2 1 
ATOM   268  N  N   . SER A 1 38  ? -3.16561  -7.65198  -0.45061  1.000 29.00910 ? 298 SER A N   1 
ATOM   269  C  CA  . SER A 1 38  ? -3.38904  -7.78382  0.98175   1.000 30.34189 ? 298 SER A CA  1 
ATOM   270  C  C   . SER A 1 38  ? -2.56372  -8.93990  1.51429   1.000 31.57633 ? 298 SER A C   1 
ATOM   271  O  O   . SER A 1 38  ? -2.12509  -9.82009  0.76253   1.000 28.70957 ? 298 SER A O   1 
ATOM   272  C  CB  . SER A 1 38  ? -4.87629  -7.99101  1.32270   1.000 33.09698 ? 298 SER A CB  1 
ATOM   273  O  OG  . SER A 1 38  ? -5.38242  -9.19972  0.76431   1.000 33.03034 ? 298 SER A OG  1 
ATOM   274  N  N   . TYR A 1 39  ? -2.34692  -8.91487  2.83028   1.000 29.17170 ? 299 TYR A N   1 
ATOM   275  C  CA  . TYR A 1 39  ? -1.63229  -9.98017  3.52292   1.000 30.28674 ? 299 TYR A CA  1 
ATOM   276  C  C   . TYR A 1 39  ? -1.96205  -9.88597  5.00735   1.000 27.63728 ? 299 TYR A C   1 
ATOM   277  O  O   . TYR A 1 39  ? -2.54903  -8.90689  5.46993   1.000 29.27850 ? 299 TYR A O   1 
ATOM   278  C  CB  . TYR A 1 39  ? -0.11861  -9.89626  3.28379   1.000 29.80780 ? 299 TYR A CB  1 
ATOM   279  C  CG  . TYR A 1 39  ? 0.57907   -8.84465  4.12946   1.000 26.55079 ? 299 TYR A CG  1 
ATOM   280  C  CD1 . TYR A 1 39  ? 0.47214   -7.49113  3.82133   1.000 25.57942 ? 299 TYR A CD1 1 
ATOM   281  C  CD2 . TYR A 1 39  ? 1.34509   -9.20770  5.22755   1.000 28.38937 ? 299 TYR A CD2 1 
ATOM   282  C  CE1 . TYR A 1 39  ? 1.09674   -6.53396  4.58826   1.000 27.66755 ? 299 TYR A CE1 1 
ATOM   283  C  CE2 . TYR A 1 39  ? 1.97018   -8.26133  6.00253   1.000 31.50745 ? 299 TYR A CE2 1 
ATOM   284  C  CZ  . TYR A 1 39  ? 1.84496   -6.92776  5.68171   1.000 28.77429 ? 299 TYR A CZ  1 
ATOM   285  O  OH  . TYR A 1 39  ? 2.48191   -6.00047  6.45439   1.000 29.59083 ? 299 TYR A OH  1 
ATOM   286  N  N   . THR A 1 40  ? -1.57748  -10.92068 5.74886   1.000 27.94214 ? 300 THR A N   1 
ATOM   287  C  CA  . THR A 1 40  ? -1.82711  -10.99900 7.18085   1.000 29.30120 ? 300 THR A CA  1 
ATOM   288  C  C   . THR A 1 40  ? -0.59485  -10.52329 7.93982   1.000 31.20259 ? 300 THR A C   1 
ATOM   289  O  O   . THR A 1 40  ? 0.49479   -11.07667 7.77640   1.000 30.61494 ? 300 THR A O   1 
ATOM   290  C  CB  . THR A 1 40  ? -2.20069  -12.42524 7.58548   1.000 32.71854 ? 300 THR A CB  1 
ATOM   291  O  OG1 . THR A 1 40  ? -3.52341  -12.70459 7.12870   1.000 30.92697 ? 300 THR A OG1 1 
ATOM   292  C  CG2 . THR A 1 40  ? -2.17194  -12.58757 9.09693   1.000 30.04743 ? 300 THR A CG2 1 
ATOM   293  N  N   . GLN A 1 41  ? -0.76673  -9.50335  8.77115   1.000 28.76065 ? 301 GLN A N   1 
ATOM   294  C  CA  . GLN A 1 41  ? 0.32164   -8.97319  9.58549   1.000 29.78208 ? 301 GLN A CA  1 
ATOM   295  C  C   . GLN A 1 41  ? 0.02129   -9.25132  11.05448  1.000 27.05519 ? 301 GLN A C   1 
ATOM   296  O  O   . GLN A 1 41  ? -1.03796  -8.86540  11.55404  1.000 26.39222 ? 301 GLN A O   1 
ATOM   297  C  CB  . GLN A 1 41  ? 0.50384   -7.47658  9.34734   1.000 25.40244 ? 301 GLN A CB  1 
ATOM   298  C  CG  . GLN A 1 41  ? 1.56424   -6.83400  10.23811  1.000 26.40965 ? 301 GLN A CG  1 
ATOM   299  C  CD  . GLN A 1 41  ? 2.97325   -7.28571  9.89260   1.000 31.03214 ? 301 GLN A CD  1 
ATOM   300  O  OE1 . GLN A 1 41  ? 3.39598   -7.18906  8.74098   1.000 30.27181 ? 301 GLN A OE1 1 
ATOM   301  N  NE2 . GLN A 1 41  ? 3.70769   -7.78632  10.89360  1.000 29.58756 ? 301 GLN A NE2 1 
ATOM   302  N  N   . TYR A 1 42  ? 0.93891   -9.93924  11.73317  1.000 33.39988 ? 302 TYR A N   1 
ATOM   303  C  CA  . TYR A 1 42  ? 0.81217   -10.14396 13.16862  1.000 32.00166 ? 302 TYR A CA  1 
ATOM   304  C  C   . TYR A 1 42  ? 1.29001   -8.90165  13.90304  1.000 28.97749 ? 302 TYR A C   1 
ATOM   305  O  O   . TYR A 1 42  ? 2.35772   -8.36398  13.59643  1.000 29.96400 ? 302 TYR A O   1 
ATOM   306  C  CB  . TYR A 1 42  ? 1.61316   -11.36109 13.65012  1.000 29.53450 ? 302 TYR A CB  1 
ATOM   307  C  CG  . TYR A 1 42  ? 1.35933   -11.60793 15.11852  1.000 27.96575 ? 302 TYR A CG  1 
ATOM   308  C  CD1 . TYR A 1 42  ? 0.21495   -12.27888 15.53776  1.000 28.99796 ? 302 TYR A CD1 1 
ATOM   309  C  CD2 . TYR A 1 42  ? 2.22151   -11.10763 16.09272  1.000 27.84811 ? 302 TYR A CD2 1 
ATOM   310  C  CE1 . TYR A 1 42  ? -0.04979  -12.47597 16.88173  1.000 28.40368 ? 302 TYR A CE1 1 
ATOM   311  C  CE2 . TYR A 1 42  ? 1.97010   -11.30401 17.43343  1.000 28.50978 ? 302 TYR A CE2 1 
ATOM   312  C  CZ  . TYR A 1 42  ? 0.82843   -11.97982 17.82357  1.000 29.60892 ? 302 TYR A CZ  1 
ATOM   313  O  OH  . TYR A 1 42  ? 0.57340   -12.17617 19.15830  1.000 36.24608 ? 302 TYR A OH  1 
ATOM   314  N  N   . PHE A 1 43  ? 0.52219   -8.47759  14.90564  1.000 26.28141 ? 303 PHE A N   1 
ATOM   315  C  CA  . PHE A 1 43  ? 0.83591   -7.29049  15.69173  1.000 30.56966 ? 303 PHE A CA  1 
ATOM   316  C  C   . PHE A 1 43  ? 0.82657   -7.63622  17.17475  1.000 30.60162 ? 303 PHE A C   1 
ATOM   317  O  O   . PHE A 1 43  ? -0.16670  -8.16972  17.67885  1.000 26.48987 ? 303 PHE A O   1 
ATOM   318  C  CB  . PHE A 1 43  ? -0.18595  -6.18179  15.43940  1.000 29.53203 ? 303 PHE A CB  1 
ATOM   319  C  CG  . PHE A 1 43  ? -0.00224  -5.45610  14.14582  1.000 28.14947 ? 303 PHE A CG  1 
ATOM   320  C  CD1 . PHE A 1 43  ? 1.08975   -4.63099  13.94810  1.000 29.46392 ? 303 PHE A CD1 1 
ATOM   321  C  CD2 . PHE A 1 43  ? -0.94905  -5.55853  13.14539  1.000 27.49126 ? 303 PHE A CD2 1 
ATOM   322  C  CE1 . PHE A 1 43  ? 1.24556   -3.94178  12.76760  1.000 29.96893 ? 303 PHE A CE1 1 
ATOM   323  C  CE2 . PHE A 1 43  ? -0.79684  -4.86920  11.96127  1.000 27.11331 ? 303 PHE A CE2 1 
ATOM   324  C  CZ  . PHE A 1 43  ? 0.30172   -4.06009  11.77396  1.000 27.37663 ? 303 PHE A CZ  1 
ATOM   325  N  N   . ALA A 1 44  ? 1.91578   -7.31729  17.87548  1.000 32.59601 ? 304 ALA A N   1 
ATOM   326  C  CA  . ALA A 1 44  ? 1.94281   -7.45519  19.32613  1.000 34.28605 ? 304 ALA A CA  1 
ATOM   327  C  C   . ALA A 1 44  ? 1.47549   -6.19444  20.03526  1.000 34.95637 ? 304 ALA A C   1 
ATOM   328  O  O   . ALA A 1 44  ? 1.21108   -6.24154  21.23934  1.000 33.49644 ? 304 ALA A O   1 
ATOM   329  C  CB  . ALA A 1 44  ? 3.35136   -7.82057  19.81633  1.000 34.95823 ? 304 ALA A CB  1 
ATOM   330  N  N   . SER A 1 45  ? 1.35722   -5.08113  19.31511  1.000 31.46212 ? 305 SER A N   1 
ATOM   331  C  CA  . SER A 1 45  ? 0.89166   -3.82125  19.87437  1.000 31.49287 ? 305 SER A CA  1 
ATOM   332  C  C   . SER A 1 45  ? 0.09362   -3.09894  18.79502  1.000 30.06179 ? 305 SER A C   1 
ATOM   333  O  O   . SER A 1 45  ? 0.05333   -3.52684  17.63393  1.000 30.36963 ? 305 SER A O   1 
ATOM   334  C  CB  . SER A 1 45  ? 2.07078   -2.97381  20.37968  1.000 31.08202 ? 305 SER A CB  1 
ATOM   335  O  OG  . SER A 1 45  ? 2.89522   -2.58126  19.29697  1.000 32.43024 ? 305 SER A OG  1 
ATOM   336  N  N   . GLY A 1 46  ? -0.52785  -1.98331  19.17568  1.000 27.17648 ? 306 GLY A N   1 
ATOM   337  C  CA  . GLY A 1 46  ? -1.58812  -1.40338  18.37598  1.000 28.76400 ? 306 GLY A CA  1 
ATOM   338  C  C   . GLY A 1 46  ? -1.33458  -0.09445  17.65954  1.000 30.39155 ? 306 GLY A C   1 
ATOM   339  O  O   . GLY A 1 46  ? -2.28957  0.49274   17.13794  1.000 27.50576 ? 306 GLY A O   1 
ATOM   340  N  N   . THR A 1 47  ? -0.10029  0.39996   17.60034  1.000 31.73413 ? 307 THR A N   1 
ATOM   341  C  CA  . THR A 1 47  ? 0.13786   1.71257   17.00221  1.000 31.31715 ? 307 THR A CA  1 
ATOM   342  C  C   . THR A 1 47  ? 1.42049   1.67443   16.19289  1.000 31.64238 ? 307 THR A C   1 
ATOM   343  O  O   . THR A 1 47  ? 2.48258   1.34201   16.72796  1.000 29.85422 ? 307 THR A O   1 
ATOM   344  C  CB  . THR A 1 47  ? 0.20837   2.81193   18.06845  1.000 32.26464 ? 307 THR A CB  1 
ATOM   345  O  OG1 . THR A 1 47  ? -1.06300  2.91663   18.73032  1.000 32.28246 ? 307 THR A OG1 1 
ATOM   346  C  CG2 . THR A 1 47  ? 0.52995   4.13888   17.43244  1.000 28.72834 ? 307 THR A CG2 1 
ATOM   347  N  N   . HIS A 1 48  ? 1.31986   2.03558   14.91212  1.000 32.63389 ? 308 HIS A N   1 
ATOM   348  C  CA  . HIS A 1 48  ? 2.45475   1.96287   14.00540  1.000 29.35536 ? 308 HIS A CA  1 
ATOM   349  C  C   . HIS A 1 48  ? 2.36819   3.06919   12.96726  1.000 29.49243 ? 308 HIS A C   1 
ATOM   350  O  O   . HIS A 1 48  ? 1.28683   3.57494   12.64763  1.000 30.63379 ? 308 HIS A O   1 
ATOM   351  C  CB  . HIS A 1 48  ? 2.52906   0.59019   13.31057  1.000 25.81656 ? 308 HIS A CB  1 
ATOM   352  C  CG  . HIS A 1 48  ? 2.78181   -0.53682  14.25967  1.000 29.06003 ? 308 HIS A CG  1 
ATOM   353  N  ND1 . HIS A 1 48  ? 1.76429   -1.23076  14.87713  1.000 30.03757 ? 308 HIS A ND1 1 
ATOM   354  C  CD2 . HIS A 1 48  ? 3.93625   -1.05009  14.74474  1.000 28.29881 ? 308 HIS A CD2 1 
ATOM   355  C  CE1 . HIS A 1 48  ? 2.28143   -2.13637  15.68816  1.000 33.85860 ? 308 HIS A CE1 1 
ATOM   356  N  NE2 . HIS A 1 48  ? 3.59743   -2.04740  15.62582  1.000 29.79379 ? 308 HIS A NE2 1 
ATOM   357  N  N   . ASP A 1 49  ? 3.53413   3.43374   12.44259  1.000 30.98160 ? 309 ASP A N   1 
ATOM   358  C  CA  . ASP A 1 49  ? 3.63376   4.26237   11.25052  1.000 30.88219 ? 309 ASP A CA  1 
ATOM   359  C  C   . ASP A 1 49  ? 3.64411   3.36481   10.01958  1.000 28.25084 ? 309 ASP A C   1 
ATOM   360  O  O   . ASP A 1 49  ? 4.27891   2.30320   10.01661  1.000 29.79572 ? 309 ASP A O   1 
ATOM   361  C  CB  . ASP A 1 49  ? 4.90694   5.11073   11.28921  1.000 30.13113 ? 309 ASP A CB  1 
ATOM   362  C  CG  . ASP A 1 49  ? 5.04486   5.91162   12.58292  1.000 29.19669 ? 309 ASP A CG  1 
ATOM   363  O  OD1 . ASP A 1 49  ? 4.03361   6.43394   13.08369  1.000 26.31869 ? 309 ASP A OD1 1 
ATOM   364  O  OD2 . ASP A 1 49  ? 6.17684   6.02352   13.09421  1.000 34.42451 ? 309 ASP A OD2 1 
ATOM   365  N  N   . PHE A 1 50  ? 2.95772   3.79420   8.96608   1.000 26.88316 ? 310 PHE A N   1 
ATOM   366  C  CA  . PHE A 1 50  ? 2.86645   3.01187   7.73315   1.000 27.80659 ? 310 PHE A CA  1 
ATOM   367  C  C   . PHE A 1 50  ? 3.40729   3.83159   6.57082   1.000 28.79255 ? 310 PHE A C   1 
ATOM   368  O  O   . PHE A 1 50  ? 2.91744   4.93434   6.30999   1.000 29.88434 ? 310 PHE A O   1 
ATOM   369  C  CB  . PHE A 1 50  ? 1.41793   2.58101   7.45753   1.000 26.00348 ? 310 PHE A CB  1 
ATOM   370  C  CG  . PHE A 1 50  ? 0.91402   1.54623   8.40925   1.000 28.02644 ? 310 PHE A CG  1 
ATOM   371  C  CD1 . PHE A 1 50  ? 0.53729   1.90088   9.69805   1.000 27.69320 ? 310 PHE A CD1 1 
ATOM   372  C  CD2 . PHE A 1 50  ? 0.84245   0.21164   8.03119   1.000 24.98277 ? 310 PHE A CD2 1 
ATOM   373  C  CE1 . PHE A 1 50  ? 0.08473   0.94633   10.59349  1.000 26.61523 ? 310 PHE A CE1 1 
ATOM   374  C  CE2 . PHE A 1 50  ? 0.39464   -0.74787  8.92120   1.000 26.13299 ? 310 PHE A CE2 1 
ATOM   375  C  CZ  . PHE A 1 50  ? 0.01658   -0.37362  10.20765  1.000 27.61834 ? 310 PHE A CZ  1 
ATOM   376  N  N   . THR A 1 51  ? 4.39987   3.29162   5.86450   1.000 24.82144 ? 311 THR A N   1 
ATOM   377  C  CA  . THR A 1 51  ? 5.03933   4.00506   4.76622   1.000 25.98679 ? 311 THR A CA  1 
ATOM   378  C  C   . THR A 1 51  ? 4.99698   3.12437   3.52466   1.000 29.78923 ? 311 THR A C   1 
ATOM   379  O  O   . THR A 1 51  ? 5.51242   2.00332   3.53421   1.000 28.57315 ? 311 THR A O   1 
ATOM   380  C  CB  . THR A 1 51  ? 6.48033   4.39754   5.11773   1.000 30.90738 ? 311 THR A CB  1 
ATOM   381  O  OG1 . THR A 1 51  ? 6.48167   5.25824   6.26808   1.000 31.25244 ? 311 THR A OG1 1 
ATOM   382  C  CG2 . THR A 1 51  ? 7.15039   5.11461   3.95403   1.000 27.85817 ? 311 THR A CG2 1 
ATOM   383  N  N   . LEU A 1 52  ? 4.36226   3.61578   2.46848   1.000 28.30347 ? 312 LEU A N   1 
ATOM   384  C  CA  . LEU A 1 52  ? 4.27702   2.89272   1.20789   1.000 27.24705 ? 312 LEU A CA  1 
ATOM   385  C  C   . LEU A 1 52  ? 5.16028   3.57702   0.18061   1.000 29.48862 ? 312 LEU A C   1 
ATOM   386  O  O   . LEU A 1 52  ? 5.03022   4.78505   -0.04681  1.000 28.48194 ? 312 LEU A O   1 
ATOM   387  C  CB  . LEU A 1 52  ? 2.83800   2.82806   0.70096   1.000 27.75891 ? 312 LEU A CB  1 
ATOM   388  C  CG  . LEU A 1 52  ? 2.61250   2.05597   -0.60796  1.000 26.07789 ? 312 LEU A CG  1 
ATOM   389  C  CD1 . LEU A 1 52  ? 2.88788   0.57920   -0.38406  1.000 21.64893 ? 312 LEU A CD1 1 
ATOM   390  C  CD2 . LEU A 1 52  ? 1.19217   2.28183   -1.07342  1.000 23.99715 ? 312 LEU A CD2 1 
ATOM   391  N  N   . ARG A 1 53  ? 6.06325   2.81357   -0.42514  1.000 27.24034 ? 313 ARG A N   1 
ATOM   392  C  CA  . ARG A 1 53  ? 6.85245   3.32087   -1.53777  1.000 30.44738 ? 313 ARG A CA  1 
ATOM   393  C  C   . ARG A 1 53  ? 6.14727   2.98136   -2.84853  1.000 27.62317 ? 313 ARG A C   1 
ATOM   394  O  O   . ARG A 1 53  ? 5.81950   1.81567   -3.11104  1.000 27.12561 ? 313 ARG A O   1 
ATOM   395  C  CB  . ARG A 1 53  ? 8.27455   2.74976   -1.52536  1.000 29.56853 ? 313 ARG A CB  1 
ATOM   396  C  CG  . ARG A 1 53  ? 9.14145   3.31493   -2.65781  1.000 33.14564 ? 313 ARG A CG  1 
ATOM   397  C  CD  . ARG A 1 53  ? 10.57932  2.80042   -2.61055  1.000 35.59445 ? 313 ARG A CD  1 
ATOM   398  N  NE  . ARG A 1 53  ? 11.50294  3.63112   -3.38603  1.000 33.97912 ? 313 ARG A NE  1 
ATOM   399  C  CZ  . ARG A 1 53  ? 12.15471  3.21150   -4.46565  1.000 34.55234 ? 313 ARG A CZ  1 
ATOM   400  N  NH1 . ARG A 1 53  ? 11.98750  1.97203   -4.89540  1.000 35.24480 ? 313 ARG A NH1 1 
ATOM   401  N  NH2 . ARG A 1 53  ? 12.98186  4.02236   -5.11177  1.000 31.66971 ? 313 ARG A NH2 1 
ATOM   402  N  N   . GLY A 1 54  ? 5.89023   4.00667   -3.64583  1.000 28.92107 ? 314 GLY A N   1 
ATOM   403  C  CA  . GLY A 1 54  ? 5.23174   3.81956   -4.91791  1.000 28.98735 ? 314 GLY A CA  1 
ATOM   404  C  C   . GLY A 1 54  ? 5.30287   5.08411   -5.73816  1.000 28.33928 ? 314 GLY A C   1 
ATOM   405  O  O   . GLY A 1 54  ? 6.07873   5.99068   -5.43474  1.000 31.45362 ? 314 GLY A O   1 
ATOM   406  N  N   . CYS A 1 55  ? 4.45586   5.15080   -6.75957  1.000 30.12057 ? 315 CYS A N   1 
ATOM   407  C  CA  . CYS A 1 55  ? 4.39385   6.31637   -7.63331  1.000 30.28588 ? 315 CYS A CA  1 
ATOM   408  C  C   . CYS A 1 55  ? 3.23559   6.14340   -8.60670  1.000 30.95047 ? 315 CYS A C   1 
ATOM   409  O  O   . CYS A 1 55  ? 2.69213   5.04545   -8.76620  1.000 29.15686 ? 315 CYS A O   1 
ATOM   410  C  CB  . CYS A 1 55  ? 5.69847   6.49903   -8.41024  1.000 28.90524 ? 315 CYS A CB  1 
ATOM   411  S  SG  . CYS A 1 55  ? 6.27831   4.97127   -9.11201  1.000 28.93297 ? 315 CYS A SG  1 
ATOM   412  N  N   . SER A 1 56  ? 2.87190   7.24558   -9.26011  1.000 25.45078 ? 316 SER A N   1 
ATOM   413  C  CA  . SER A 1 56  ? 1.96622   7.16834   -10.39406 1.000 29.99662 ? 316 SER A CA  1 
ATOM   414  C  C   . SER A 1 56  ? 2.70685   6.62740   -11.61845 1.000 29.45248 ? 316 SER A C   1 
ATOM   415  O  O   . SER A 1 56  ? 3.93959   6.55855   -11.65102 1.000 30.58214 ? 316 SER A O   1 
ATOM   416  C  CB  . SER A 1 56  ? 1.38414   8.54656   -10.68960 1.000 29.65766 ? 316 SER A CB  1 
ATOM   417  O  OG  . SER A 1 56  ? 0.58657   8.55417   -11.85054 1.000 25.43361 ? 316 SER A OG  1 
ATOM   418  N  N   . ASN A 1 57  ? 1.94435   6.23262   -12.63775 1.000 30.99798 ? 317 ASN A N   1 
ATOM   419  C  CA  . ASN A 1 57  ? 2.55849   5.94928   -13.92861 1.000 27.66584 ? 317 ASN A CA  1 
ATOM   420  C  C   . ASN A 1 57  ? 2.81294   7.20956   -14.74825 1.000 28.25577 ? 317 ASN A C   1 
ATOM   421  O  O   . ASN A 1 57  ? 3.49160   7.12595   -15.77917 1.000 30.17446 ? 317 ASN A O   1 
ATOM   422  C  CB  . ASN A 1 57  ? 1.68369   4.98107   -14.73755 1.000 29.86445 ? 317 ASN A CB  1 
ATOM   423  C  CG  . ASN A 1 57  ? 0.36249   5.59725   -15.13436 1.000 28.66697 ? 317 ASN A CG  1 
ATOM   424  O  OD1 . ASN A 1 57  ? -0.24220  6.32177   -14.35295 1.000 30.27294 ? 317 ASN A OD1 1 
ATOM   425  N  ND2 . ASN A 1 57  ? -0.08294  5.33265   -16.35547 1.000 30.66377 ? 317 ASN A ND2 1 
ATOM   426  N  N   . ASN A 1 58  ? 2.28656   8.36123   -14.33838 1.000 27.92312 ? 318 ASN A N   1 
ATOM   427  C  CA  . ASN A 1 58  ? 2.46497   9.59803   -15.10765 1.000 27.82448 ? 318 ASN A CA  1 
ATOM   428  C  C   . ASN A 1 58  ? 2.53296   10.78677  -14.14915 1.000 32.36439 ? 318 ASN A C   1 
ATOM   429  O  O   . ASN A 1 58  ? 2.87241   10.63586  -12.96931 1.000 31.99191 ? 318 ASN A O   1 
ATOM   430  C  CB  . ASN A 1 58  ? 1.34051   9.75188   -16.14572 1.000 28.04892 ? 318 ASN A CB  1 
ATOM   431  C  CG  . ASN A 1 58  ? -0.04792  9.61457   -15.53248 1.000 30.79333 ? 318 ASN A CG  1 
ATOM   432  O  OD1 . ASN A 1 58  ? -0.29079  10.03185  -14.39391 1.000 29.37529 ? 318 ASN A OD1 1 
ATOM   433  N  ND2 . ASN A 1 58  ? -0.96362  9.00851   -16.28331 1.000 30.56813 ? 318 ASN A ND2 1 
ATOM   434  N  N   . ASP A 1 59  ? 2.21188   11.98028  -14.66873 1.000 29.25813 ? 319 ASP A N   1 
ATOM   435  C  CA  . ASP A 1 59  ? 2.23970   13.21715  -13.90139 1.000 29.49499 ? 319 ASP A CA  1 
ATOM   436  C  C   . ASP A 1 59  ? 0.98283   13.43850  -13.06582 1.000 32.93370 ? 319 ASP A C   1 
ATOM   437  O  O   . ASP A 1 59  ? 0.97276   14.35633  -12.23564 1.000 33.55303 ? 319 ASP A O   1 
ATOM   438  C  CB  . ASP A 1 59  ? 2.42967   14.41902  -14.83374 1.000 28.30046 ? 319 ASP A CB  1 
ATOM   439  C  CG  . ASP A 1 59  ? 3.80306   14.45904  -15.47934 1.000 33.29950 ? 319 ASP A CG  1 
ATOM   440  O  OD1 . ASP A 1 59  ? 4.75389   13.90883  -14.89333 1.000 31.92047 ? 319 ASP A OD1 1 
ATOM   441  O  OD2 . ASP A 1 59  ? 3.92545   15.03985  -16.58519 1.000 33.79401 ? 319 ASP A OD2 1 
ATOM   442  N  N   . ASN A 1 60  ? -0.07256  12.65037  -13.27611 1.000 25.55614 ? 320 ASN A N   1 
ATOM   443  C  CA  . ASN A 1 60  ? -1.28871  12.75391  -12.47871 1.000 31.53880 ? 320 ASN A CA  1 
ATOM   444  C  C   . ASN A 1 60  ? -1.12616  12.08012  -11.12115 1.000 29.00010 ? 320 ASN A C   1 
ATOM   445  O  O   . ASN A 1 60  ? -0.34591  11.13799  -10.96245 1.000 31.13201 ? 320 ASN A O   1 
ATOM   446  C  CB  . ASN A 1 60  ? -2.46350  12.12371  -13.21951 1.000 33.09487 ? 320 ASN A CB  1 
ATOM   447  C  CG  . ASN A 1 60  ? -2.75791  12.81914  -14.51720 1.000 30.01264 ? 320 ASN A CG  1 
ATOM   448  O  OD1 . ASN A 1 60  ? -2.71805  14.04667  -14.59089 1.000 28.37502 ? 320 ASN A OD1 1 
ATOM   449  N  ND2 . ASN A 1 60  ? -3.06287  12.03878  -15.55740 1.000 25.83240 ? 320 ASN A ND2 1 
ATOM   450  N  N   . MET A 1 61  ? -1.89170  12.55225  -10.13693 1.000 29.08675 ? 321 MET A N   1 
ATOM   451  C  CA  . MET A 1 61  ? -1.70528  12.09720  -8.75694  1.000 32.65652 ? 321 MET A CA  1 
ATOM   452  C  C   . MET A 1 61  ? -2.36028  10.73253  -8.55237  1.000 31.96048 ? 321 MET A C   1 
ATOM   453  O  O   . MET A 1 61  ? -3.57458  10.58690  -8.73875  1.000 32.20466 ? 321 MET A O   1 
ATOM   454  C  CB  . MET A 1 61  ? -2.27906  13.10476  -7.76110  1.000 30.85791 ? 321 MET A CB  1 
ATOM   455  C  CG  . MET A 1 61  ? -2.23144  12.60173  -6.30032  1.000 32.31865 ? 321 MET A CG  1 
ATOM   456  S  SD  . MET A 1 61  ? -2.22614  13.93734  -5.08140  1.000 45.04961 ? 321 MET A SD  1 
ATOM   457  C  CE  . MET A 1 61  ? -0.68964  14.76223  -5.52006  1.000 38.39112 ? 321 MET A CE  1 
ATOM   458  N  N   . ALA A 1 62  ? -1.55996  9.73719   -8.17186  1.000 27.20257 ? 322 ALA A N   1 
ATOM   459  C  CA  . ALA A 1 62  ? -2.06300  8.40815   -7.83856  1.000 27.59328 ? 322 ALA A CA  1 
ATOM   460  C  C   . ALA A 1 62  ? -2.35657  8.32596   -6.34954  1.000 28.67552 ? 322 ALA A C   1 
ATOM   461  O  O   . ALA A 1 62  ? -1.68729  8.97446   -5.54141  1.000 29.72120 ? 322 ALA A O   1 
ATOM   462  C  CB  . ALA A 1 62  ? -1.05087  7.32464   -8.21636  1.000 26.72107 ? 322 ALA A CB  1 
ATOM   463  N  N   . ARG A 1 63  ? -3.35641  7.51111   -5.98665  1.000 27.75661 ? 323 ARG A N   1 
ATOM   464  C  CA  . ARG A 1 63  ? -3.72772  7.32209   -4.58225  1.000 28.81575 ? 323 ARG A CA  1 
ATOM   465  C  C   . ARG A 1 63  ? -3.95301  5.84814   -4.28602  1.000 28.84360 ? 323 ARG A C   1 
ATOM   466  O  O   . ARG A 1 63  ? -4.55977  5.13280   -5.09030  1.000 27.37829 ? 323 ARG A O   1 
ATOM   467  C  CB  . ARG A 1 63  ? -5.01486  8.06932   -4.20153  1.000 28.83071 ? 323 ARG A CB  1 
ATOM   468  C  CG  . ARG A 1 63  ? -5.14038  9.47794   -4.71754  1.000 31.01624 ? 323 ARG A CG  1 
ATOM   469  C  CD  . ARG A 1 63  ? -6.53774  10.02741  -4.37000  1.000 32.58235 ? 323 ARG A CD  1 
ATOM   470  N  NE  . ARG A 1 63  ? -6.82349  11.26280  -5.08925  1.000 33.79169 ? 323 ARG A NE  1 
ATOM   471  C  CZ  . ARG A 1 63  ? -7.90825  12.00353  -4.90518  1.000 31.71761 ? 323 ARG A CZ  1 
ATOM   472  N  NH1 . ARG A 1 63  ? -8.82997  11.63406  -4.02186  1.000 30.09456 ? 323 ARG A NH1 1 
ATOM   473  N  NH2 . ARG A 1 63  ? -8.06985  13.11391  -5.61263  1.000 35.12796 ? 323 ARG A NH2 1 
ATOM   474  N  N   . VAL A 1 64  ? -3.47573  5.40540   -3.12243  1.000 27.63569 ? 324 VAL A N   1 
ATOM   475  C  CA  . VAL A 1 64  ? -3.69644  4.04978   -2.63465  1.000 28.17651 ? 324 VAL A CA  1 
ATOM   476  C  C   . VAL A 1 64  ? -4.23569  4.15345   -1.21802  1.000 26.90863 ? 324 VAL A C   1 
ATOM   477  O  O   . VAL A 1 64  ? -3.64855  4.84985   -0.37908  1.000 23.47540 ? 324 VAL A O   1 
ATOM   478  C  CB  . VAL A 1 64  ? -2.40967  3.19861   -2.65887  1.000 30.66344 ? 324 VAL A CB  1 
ATOM   479  C  CG1 . VAL A 1 64  ? -2.71922  1.74989   -2.25877  1.000 26.20470 ? 324 VAL A CG1 1 
ATOM   480  C  CG2 . VAL A 1 64  ? -1.73397  3.25392   -4.03456  1.000 27.16015 ? 324 VAL A CG2 1 
ATOM   481  N  N   . ASP A 1 65  ? -5.36091  3.48468   -0.96119  1.000 26.14927 ? 325 ASP A N   1 
ATOM   482  C  CA  . ASP A 1 65  ? -5.95885  3.47769   0.36895   1.000 30.18928 ? 325 ASP A CA  1 
ATOM   483  C  C   . ASP A 1 65  ? -5.29529  2.41960   1.23812   1.000 30.46518 ? 325 ASP A C   1 
ATOM   484  O  O   . ASP A 1 65  ? -4.98325  1.31837   0.77111   1.000 25.02074 ? 325 ASP A O   1 
ATOM   485  C  CB  . ASP A 1 65  ? -7.46379  3.19189   0.30188   1.000 28.45871 ? 325 ASP A CB  1 
ATOM   486  C  CG  . ASP A 1 65  ? -8.28693  4.42689   -0.02326  1.000 29.98960 ? 325 ASP A CG  1 
ATOM   487  O  OD1 . ASP A 1 65  ? -7.70495  5.52729   -0.08954  1.000 29.68059 ? 325 ASP A OD1 1 
ATOM   488  O  OD2 . ASP A 1 65  ? -9.51526  4.29279   -0.22261  1.000 28.75027 ? 325 ASP A OD2 1 
ATOM   489  N  N   . LEU A 1 66  ? -5.11122  2.75581   2.51514   1.000 29.18236 ? 326 LEU A N   1 
ATOM   490  C  CA  . LEU A 1 66  ? -4.63222  1.82450   3.52580   1.000 25.05911 ? 326 LEU A CA  1 
ATOM   491  C  C   . LEU A 1 66  ? -5.81740  1.29307   4.32390   1.000 29.41139 ? 326 LEU A C   1 
ATOM   492  O  O   . LEU A 1 66  ? -6.55480  2.07024   4.93590   1.000 28.64670 ? 326 LEU A O   1 
ATOM   493  C  CB  . LEU A 1 66  ? -3.64089  2.51362   4.45680   1.000 27.63959 ? 326 LEU A CB  1 
ATOM   494  C  CG  . LEU A 1 66  ? -3.25816  1.67400   5.67652   1.000 30.22549 ? 326 LEU A CG  1 
ATOM   495  C  CD1 . LEU A 1 66  ? -2.43002  0.46191   5.22336   1.000 27.00842 ? 326 LEU A CD1 1 
ATOM   496  C  CD2 . LEU A 1 66  ? -2.50438  2.53105   6.67712   1.000 23.21447 ? 326 LEU A CD2 1 
ATOM   497  N  N   . LYS A 1 67  ? -6.00571  -0.02479  4.31880   1.000 27.01684 ? 327 LYS A N   1 
ATOM   498  C  CA  . LYS A 1 67  ? -7.02455  -0.65041  5.14721   1.000 30.23823 ? 327 LYS A CA  1 
ATOM   499  C  C   . LYS A 1 67  ? -6.36156  -1.61064  6.11946   1.000 27.57973 ? 327 LYS A C   1 
ATOM   500  O  O   . LYS A 1 67  ? -5.39180  -2.28491  5.77484   1.000 29.89300 ? 327 LYS A O   1 
ATOM   501  C  CB  . LYS A 1 67  ? -8.07047  -1.40012  4.30533   1.000 24.31916 ? 327 LYS A CB  1 
ATOM   502  C  CG  . LYS A 1 67  ? -8.98330  -0.49793  3.51180   1.000 32.46356 ? 327 LYS A CG  1 
ATOM   503  C  CD  . LYS A 1 67  ? -9.80518  -1.28782  2.50944   1.000 31.73041 ? 327 LYS A CD  1 
ATOM   504  C  CE  . LYS A 1 67  ? -10.86630 -2.11960  3.20731   1.000 39.42279 ? 327 LYS A CE  1 
ATOM   505  N  NZ  . LYS A 1 67  ? -11.84826 -2.69574  2.23359   1.000 40.80485 ? 327 LYS A NZ  1 
ATOM   506  N  N   . ILE A 1 68  ? -6.87330  -1.65309  7.34355   1.000 28.70157 ? 328 ILE A N   1 
ATOM   507  C  CA  . ILE A 1 68  ? -6.43697  -2.61346  8.34798   1.000 26.92217 ? 328 ILE A CA  1 
ATOM   508  C  C   . ILE A 1 68  ? -7.69263  -3.13669  9.02101   1.000 31.14410 ? 328 ILE A C   1 
ATOM   509  O  O   . ILE A 1 68  ? -8.55393  -2.34680  9.42780   1.000 28.54393 ? 328 ILE A O   1 
ATOM   510  C  CB  . ILE A 1 68  ? -5.48117  -1.99247  9.39173   1.000 28.60074 ? 328 ILE A CB  1 
ATOM   511  C  CG1 . ILE A 1 68  ? -4.31016  -1.27652  8.71894   1.000 29.49561 ? 328 ILE A CG1 1 
ATOM   512  C  CG2 . ILE A 1 68  ? -4.96179  -3.05878  10.37390  1.000 26.85395 ? 328 ILE A CG2 1 
ATOM   513  C  CD1 . ILE A 1 68  ? -3.40522  -0.54882  9.70888   1.000 27.13479 ? 328 ILE A CD1 1 
ATOM   514  N  N   . GLY A 1 69  ? -7.80001  -4.45849  9.13399   1.000 30.93708 ? 329 GLY A N   1 
ATOM   515  C  CA  . GLY A 1 69  ? -8.96085  -5.07702  9.74129   1.000 33.06282 ? 329 GLY A CA  1 
ATOM   516  C  C   . GLY A 1 69  ? -10.27134 -4.63854  9.12522   1.000 34.21479 ? 329 GLY A C   1 
ATOM   517  O  O   . GLY A 1 69  ? -11.27277 -4.49734  9.83442   1.000 40.13189 ? 329 GLY A O   1 
ATOM   518  N  N   . GLY A 1 70  ? -10.26674 -4.38576  7.81405   1.000 31.46602 ? 330 GLY A N   1 
ATOM   519  C  CA  . GLY A 1 70  ? -11.43565 -3.90275  7.10477   1.000 28.54944 ? 330 GLY A CA  1 
ATOM   520  C  C   . GLY A 1 70  ? -11.73039 -2.42245  7.23940   1.000 35.27831 ? 330 GLY A C   1 
ATOM   521  O  O   . GLY A 1 70  ? -12.69621 -1.94411  6.63410   1.000 34.64893 ? 330 GLY A O   1 
ATOM   522  N  N   . GLU A 1 71  ? -10.94471 -1.67367  8.00460   1.000 33.40127 ? 331 GLU A N   1 
ATOM   523  C  CA  . GLU A 1 71  ? -11.18116 -0.24732  8.18847   1.000 32.25462 ? 331 GLU A CA  1 
ATOM   524  C  C   . GLU A 1 71  ? -10.21841 0.54183   7.32306   1.000 31.79385 ? 331 GLU A C   1 
ATOM   525  O  O   . GLU A 1 71  ? -9.01728  0.25871   7.31677   1.000 28.87814 ? 331 GLU A O   1 
ATOM   526  C  CB  . GLU A 1 71  ? -10.98612 0.17239   9.64060   1.000 32.34764 ? 331 GLU A CB  1 
ATOM   527  C  CG  . GLU A 1 71  ? -11.95558 -0.39414  10.64033  1.000 31.73936 ? 331 GLU A CG  1 
ATOM   528  C  CD  . GLU A 1 71  ? -11.65563 0.17125   12.01764  1.000 34.91916 ? 331 GLU A CD  1 
ATOM   529  O  OE1 . GLU A 1 71  ? -10.63111 -0.22032  12.61321  1.000 31.36700 ? 331 GLU A OE1 1 
ATOM   530  O  OE2 . GLU A 1 71  ? -12.41052 1.05217   12.47809  1.000 37.53067 ? 331 GLU A OE2 1 
ATOM   531  N  N   . THR A 1 72  ? -10.73373 1.54386   6.62099   1.000 28.29495 ? 332 THR A N   1 
ATOM   532  C  CA  . THR A 1 72  ? -9.86675  2.42071   5.84771   1.000 30.89006 ? 332 THR A CA  1 
ATOM   533  C  C   . THR A 1 72  ? -9.16996  3.39708   6.78786   1.000 35.22159 ? 332 THR A C   1 
ATOM   534  O  O   . THR A 1 72  ? -9.82577  4.21348   7.44412   1.000 36.84189 ? 332 THR A O   1 
ATOM   535  C  CB  . THR A 1 72  ? -10.66232 3.16373   4.78183   1.000 33.12869 ? 332 THR A CB  1 
ATOM   536  O  OG1 . THR A 1 72  ? -11.05166 2.23400   3.75743   1.000 31.40022 ? 332 THR A OG1 1 
ATOM   537  C  CG2 . THR A 1 72  ? -9.80614  4.27433   4.16748   1.000 28.99991 ? 332 THR A CG2 1 
ATOM   538  N  N   . LYS A 1 73  ? -7.84354  3.31991   6.84926   1.000 30.00761 ? 333 LYS A N   1 
ATOM   539  C  CA  . LYS A 1 73  ? -7.07117  4.07477   7.82889   1.000 31.02776 ? 333 LYS A CA  1 
ATOM   540  C  C   . LYS A 1 73  ? -6.43186  5.32723   7.25516   1.000 33.51124 ? 333 LYS A C   1 
ATOM   541  O  O   . LYS A 1 73  ? -5.94708  6.15761   8.02214   1.000 36.11839 ? 333 LYS A O   1 
ATOM   542  C  CB  . LYS A 1 73  ? -5.97678  3.18499   8.43414   1.000 30.05346 ? 333 LYS A CB  1 
ATOM   543  C  CG  . LYS A 1 73  ? -6.51385  2.21540   9.47235   1.000 29.80764 ? 333 LYS A CG  1 
ATOM   544  C  CD  . LYS A 1 73  ? -7.22740  3.01352   10.55066  1.000 30.30056 ? 333 LYS A CD  1 
ATOM   545  C  CE  . LYS A 1 73  ? -7.43220  2.21279   11.81104  1.000 28.35829 ? 333 LYS A CE  1 
ATOM   546  N  NZ  . LYS A 1 73  ? -7.81958  3.12464   12.93659  1.000 29.01515 ? 333 LYS A NZ  1 
ATOM   547  N  N   . GLY A 1 74  ? -6.42516  5.48715   5.94442   1.000 29.30528 ? 334 GLY A N   1 
ATOM   548  C  CA  . GLY A 1 74  ? -5.79916  6.64279   5.34198   1.000 29.59373 ? 334 GLY A CA  1 
ATOM   549  C  C   . GLY A 1 74  ? -5.49677  6.37252   3.88528   1.000 29.59008 ? 334 GLY A C   1 
ATOM   550  O  O   . GLY A 1 74  ? -5.79582  5.30629   3.34569   1.000 29.49680 ? 334 GLY A O   1 
ATOM   551  N  N   . THR A 1 75  ? -4.88037  7.36355   3.25990   1.000 26.72373 ? 335 THR A N   1 
ATOM   552  C  CA  . THR A 1 75  ? -4.62393  7.31001   1.83005   1.000 29.71470 ? 335 THR A CA  1 
ATOM   553  C  C   . THR A 1 75  ? -3.19668  7.74687   1.55742   1.000 29.30282 ? 335 THR A C   1 
ATOM   554  O  O   . THR A 1 75  ? -2.76041  8.79215   2.05780   1.000 26.65512 ? 335 THR A O   1 
ATOM   555  C  CB  . THR A 1 75  ? -5.60789  8.20586   1.07037   1.000 28.88204 ? 335 THR A CB  1 
ATOM   556  O  OG1 . THR A 1 75  ? -6.93297  7.69646   1.25094   1.000 29.96109 ? 335 THR A OG1 1 
ATOM   557  C  CG2 . THR A 1 75  ? -5.26361  8.25400   -0.40586  1.000 29.07997 ? 335 THR A CG2 1 
ATOM   558  N  N   . PHE A 1 76  ? -2.47500  6.93400   0.77943   1.000 25.35302 ? 336 PHE A N   1 
ATOM   559  C  CA  . PHE A 1 76  ? -1.15757  7.29712   0.27191   1.000 27.59670 ? 336 PHE A CA  1 
ATOM   560  C  C   . PHE A 1 76  ? -1.33863  8.05100   -1.04498  1.000 29.05071 ? 336 PHE A C   1 
ATOM   561  O  O   . PHE A 1 76  ? -2.11090  7.61968   -1.90299  1.000 29.74397 ? 336 PHE A O   1 
ATOM   562  C  CB  . PHE A 1 76  ? -0.28805  6.05483   0.04570   1.000 23.94986 ? 336 PHE A CB  1 
ATOM   563  C  CG  . PHE A 1 76  ? -0.10297  5.16831   1.25929   1.000 23.88990 ? 336 PHE A CG  1 
ATOM   564  C  CD1 . PHE A 1 76  ? 0.85834   5.46473   2.21598   1.000 25.25895 ? 336 PHE A CD1 1 
ATOM   565  C  CD2 . PHE A 1 76  ? -0.83007  3.99530   1.39687   1.000 23.63751 ? 336 PHE A CD2 1 
ATOM   566  C  CE1 . PHE A 1 76  ? 1.07115   4.61872   3.31873   1.000 24.99134 ? 336 PHE A CE1 1 
ATOM   567  C  CE2 . PHE A 1 76  ? -0.63270  3.14415   2.49112   1.000 24.26428 ? 336 PHE A CE2 1 
ATOM   568  C  CZ  . PHE A 1 76  ? 0.31392   3.45241   3.45339   1.000 25.82657 ? 336 PHE A CZ  1 
ATOM   569  N  N   . TYR A 1 77  ? -0.63284  9.17055   -1.20433  1.000 29.59126 ? 337 TYR A N   1 
ATOM   570  C  CA  . TYR A 1 77  ? -0.71530  9.99447   -2.40561  1.000 29.88891 ? 337 TYR A CA  1 
ATOM   571  C  C   . TYR A 1 77  ? 0.65602   10.08541  -3.06289  1.000 30.12977 ? 337 TYR A C   1 
ATOM   572  O  O   . TYR A 1 77  ? 1.67984   10.17714  -2.37513  1.000 29.35596 ? 337 TYR A O   1 
ATOM   573  C  CB  . TYR A 1 77  ? -1.20731  11.42405  -2.09813  1.000 28.35101 ? 337 TYR A CB  1 
ATOM   574  C  CG  . TYR A 1 77  ? -2.57057  11.54044  -1.44069  1.000 28.71084 ? 337 TYR A CG  1 
ATOM   575  C  CD1 . TYR A 1 77  ? -2.72583  11.34768  -0.07782  1.000 29.82207 ? 337 TYR A CD1 1 
ATOM   576  C  CD2 . TYR A 1 77  ? -3.69459  11.87942  -2.18472  1.000 32.70358 ? 337 TYR A CD2 1 
ATOM   577  C  CE1 . TYR A 1 77  ? -3.96560  11.47188  0.52496   1.000 31.10249 ? 337 TYR A CE1 1 
ATOM   578  C  CE2 . TYR A 1 77  ? -4.94834  12.00650  -1.58932  1.000 32.65784 ? 337 TYR A CE2 1 
ATOM   579  C  CZ  . TYR A 1 77  ? -5.07435  11.80168  -0.24155  1.000 33.87901 ? 337 TYR A CZ  1 
ATOM   580  O  OH  . TYR A 1 77  ? -6.30431  11.93231  0.35906   1.000 33.48719 ? 337 TYR A OH  1 
ATOM   581  N  N   . TYR A 1 78  ? 0.67382   10.10325  -4.39585  1.000 29.63675 ? 338 TYR A N   1 
ATOM   582  C  CA  . TYR A 1 78  ? 1.91682   10.18983  -5.15394  1.000 30.52934 ? 338 TYR A CA  1 
ATOM   583  C  C   . TYR A 1 78  ? 1.76858   11.26887  -6.21195  1.000 31.08296 ? 338 TYR A C   1 
ATOM   584  O  O   . TYR A 1 78  ? 0.92956   11.15361  -7.10849  1.000 29.76422 ? 338 TYR A O   1 
ATOM   585  C  CB  . TYR A 1 78  ? 2.27392   8.82752   -5.76142  1.000 29.59153 ? 338 TYR A CB  1 
ATOM   586  C  CG  . TYR A 1 78  ? 2.45080   7.80007   -4.66862  1.000 29.41868 ? 338 TYR A CG  1 
ATOM   587  C  CD1 . TYR A 1 78  ? 3.62991   7.74025   -3.92639  1.000 28.17893 ? 338 TYR A CD1 1 
ATOM   588  C  CD2 . TYR A 1 78  ? 1.42598   6.93313   -4.33604  1.000 27.42478 ? 338 TYR A CD2 1 
ATOM   589  C  CE1 . TYR A 1 78  ? 3.78565   6.82153   -2.89162  1.000 27.04825 ? 338 TYR A CE1 1 
ATOM   590  C  CE2 . TYR A 1 78  ? 1.56767   6.01620   -3.30718  1.000 27.08561 ? 338 TYR A CE2 1 
ATOM   591  C  CZ  . TYR A 1 78  ? 2.75529   5.96872   -2.58656  1.000 28.33720 ? 338 TYR A CZ  1 
ATOM   592  O  OH  . TYR A 1 78  ? 2.90297   5.06118   -1.56479  1.000 27.74474 ? 338 TYR A OH  1 
ATOM   593  N  N   . GLY A 1 79  ? 2.57173   12.32127  -6.09772  1.000 30.84308 ? 339 GLY A N   1 
ATOM   594  C  CA  . GLY A 1 79  ? 2.45402   13.44035  -7.00712  1.000 33.56420 ? 339 GLY A CA  1 
ATOM   595  C  C   . GLY A 1 79  ? 3.30182   13.32885  -8.25406  1.000 38.10850 ? 339 GLY A C   1 
ATOM   596  O  O   . GLY A 1 79  ? 3.87947   14.32390  -8.69811  1.000 48.34591 ? 339 GLY A O   1 
ATOM   597  N  N   . GLY A 1 80  ? 3.38414   12.14693  -8.83235  1.000 36.51201 ? 340 GLY A N   1 
ATOM   598  C  CA  . GLY A 1 80  ? 4.13467   11.97179  -10.06092 1.000 36.71639 ? 340 GLY A CA  1 
ATOM   599  C  C   . GLY A 1 80  ? 4.70146   10.57198  -10.14947 1.000 30.36706 ? 340 GLY A C   1 
ATOM   600  O  O   . GLY A 1 80  ? 4.44781   9.71736   -9.30651  1.000 31.41848 ? 340 GLY A O   1 
ATOM   601  N  N   . SER A 1 81  ? 5.49360   10.36474  -11.19750 1.000 34.37509 ? 341 SER A N   1 
ATOM   602  C  CA  . SER A 1 81  ? 5.96290   9.04233   -11.59091 1.000 30.56842 ? 341 SER A CA  1 
ATOM   603  C  C   . SER A 1 81  ? 7.30194   8.67000   -10.97508 1.000 31.38048 ? 341 SER A C   1 
ATOM   604  O  O   . SER A 1 81  ? 7.79461   7.56728   -11.22638 1.000 35.01118 ? 341 SER A O   1 
ATOM   605  C  CB  . SER A 1 81  ? 6.05998   8.94749   -13.12004 1.000 31.91902 ? 341 SER A CB  1 
ATOM   606  O  OG  . SER A 1 81  ? 7.00627   9.87256   -13.63743 1.000 32.75247 ? 341 SER A OG  1 
ATOM   607  N  N   . SER A 1 82  ? 7.89765   9.54017   -10.17811 1.000 33.40212 ? 342 SER A N   1 
ATOM   608  C  CA  . SER A 1 82  ? 9.17117   9.13342   -9.60057  1.000 31.40078 ? 342 SER A CA  1 
ATOM   609  C  C   . SER A 1 82  ? 8.92570   8.40606   -8.28368  1.000 32.96719 ? 342 SER A C   1 
ATOM   610  O  O   . SER A 1 82  ? 8.15834   8.89743   -7.45064  1.000 30.47995 ? 342 SER A O   1 
ATOM   611  C  CB  . SER A 1 82  ? 10.07604  10.33968  -9.37581  1.000 35.35206 ? 342 SER A CB  1 
ATOM   612  O  OG  . SER A 1 82  ? 11.42549  9.93641   -9.18775  1.000 42.88779 ? 342 SER A OG  1 
ATOM   613  N  N   . PRO A 1 83  ? 9.51947   7.23173   -8.07793  1.000 31.67162 ? 343 PRO A N   1 
ATOM   614  C  CA  . PRO A 1 83  ? 9.24927   6.47137   -6.85194  1.000 28.47848 ? 343 PRO A CA  1 
ATOM   615  C  C   . PRO A 1 83  ? 9.50465   7.29333   -5.59607  1.000 29.99106 ? 343 PRO A C   1 
ATOM   616  O  O   . PRO A 1 83  ? 10.52704  7.96914   -5.46664  1.000 27.31377 ? 343 PRO A O   1 
ATOM   617  C  CB  . PRO A 1 83  ? 10.20789  5.28042   -6.96845  1.000 31.25992 ? 343 PRO A CB  1 
ATOM   618  C  CG  . PRO A 1 83  ? 10.27729  5.04158   -8.46190  1.000 32.93820 ? 343 PRO A CG  1 
ATOM   619  C  CD  . PRO A 1 83  ? 10.27756  6.44042   -9.06438  1.000 30.85080 ? 343 PRO A CD  1 
ATOM   620  N  N   . ALA A 1 84  ? 8.55216   7.24409   -4.66968  1.000 27.28262 ? 344 ALA A N   1 
ATOM   621  C  CA  . ALA A 1 84  ? 8.63924   8.03094   -3.44744  1.000 32.62387 ? 344 ALA A CA  1 
ATOM   622  C  C   . ALA A 1 84  ? 7.95153   7.28646   -2.31578  1.000 28.79188 ? 344 ALA A C   1 
ATOM   623  O  O   . ALA A 1 84  ? 7.16453   6.36921   -2.53475  1.000 29.07366 ? 344 ALA A O   1 
ATOM   624  C  CB  . ALA A 1 84  ? 8.01171   9.42258   -3.61632  1.000 31.70740 ? 344 ALA A CB  1 
ATOM   625  N  N   . GLU A 1 85  ? 8.27708   7.68304   -1.09571  1.000 31.39272 ? 345 GLU A N   1 
ATOM   626  C  CA  . GLU A 1 85  ? 7.64033   7.13058   0.08480   1.000 30.79261 ? 345 GLU A CA  1 
ATOM   627  C  C   . GLU A 1 85  ? 6.56685   8.09835   0.56709   1.000 29.67665 ? 345 GLU A C   1 
ATOM   628  O  O   . GLU A 1 85  ? 6.68076   9.31416   0.39590   1.000 35.70129 ? 345 GLU A O   1 
ATOM   629  C  CB  . GLU A 1 85  ? 8.67203   6.86020   1.18237   1.000 34.14225 ? 345 GLU A CB  1 
ATOM   630  C  CG  . GLU A 1 85  ? 9.57858   5.65862   0.88041   1.000 36.36415 ? 345 GLU A CG  1 
ATOM   631  C  CD  . GLU A 1 85  ? 10.43664  5.26706   2.07814   1.000 44.26182 ? 345 GLU A CD  1 
ATOM   632  O  OE1 . GLU A 1 85  ? 10.67209  6.14540   2.93639   1.000 43.07977 ? 345 GLU A OE1 1 
ATOM   633  O  OE2 . GLU A 1 85  ? 10.85513  4.08365   2.17363   1.000 41.21840 ? 345 GLU A OE2 1 
ATOM   634  N  N   . TYR A 1 86  ? 5.48857   7.54327   1.10548   1.000 26.95161 ? 346 TYR A N   1 
ATOM   635  C  CA  . TYR A 1 86  ? 4.43278   8.32818   1.73574   1.000 27.44692 ? 346 TYR A CA  1 
ATOM   636  C  C   . TYR A 1 86  ? 4.12552   7.67660   3.07094   1.000 25.70211 ? 346 TYR A C   1 
ATOM   637  O  O   . TYR A 1 86  ? 3.81692   6.48537   3.12212   1.000 27.63044 ? 346 TYR A O   1 
ATOM   638  C  CB  . TYR A 1 86  ? 3.17192   8.40957   0.85844   1.000 26.46615 ? 346 TYR A CB  1 
ATOM   639  C  CG  . TYR A 1 86  ? 2.15793   9.44745   1.32661   1.000 29.93597 ? 346 TYR A CG  1 
ATOM   640  C  CD1 . TYR A 1 86  ? 1.32593   9.19845   2.41211   1.000 27.16023 ? 346 TYR A CD1 1 
ATOM   641  C  CD2 . TYR A 1 86  ? 2.03332   10.67070  0.68303   1.000 31.16453 ? 346 TYR A CD2 1 
ATOM   642  C  CE1 . TYR A 1 86  ? 0.40074   10.13989  2.84378   1.000 26.75034 ? 346 TYR A CE1 1 
ATOM   643  C  CE2 . TYR A 1 86  ? 1.10854   11.61366  1.10544   1.000 27.19228 ? 346 TYR A CE2 1 
ATOM   644  C  CZ  . TYR A 1 86  ? 0.29554   11.33674  2.18436   1.000 29.24037 ? 346 TYR A CZ  1 
ATOM   645  O  OH  . TYR A 1 86  ? -0.61855  12.26708  2.61576   1.000 33.10754 ? 346 TYR A OH  1 
ATOM   646  N  N   . THR A 1 87  ? 4.21149   8.45173   4.14113   1.000 27.28519 ? 347 THR A N   1 
ATOM   647  C  CA  . THR A 1 87  ? 4.06238   7.94802   5.49598   1.000 26.66918 ? 347 THR A CA  1 
ATOM   648  C  C   . THR A 1 87  ? 2.72910   8.39664   6.06594   1.000 25.87642 ? 347 THR A C   1 
ATOM   649  O  O   . THR A 1 87  ? 2.35305   9.57012   5.94033   1.000 28.16840 ? 347 THR A O   1 
ATOM   650  C  CB  . THR A 1 87  ? 5.20449   8.44163   6.39177   1.000 27.06612 ? 347 THR A CB  1 
ATOM   651  O  OG1 . THR A 1 87  ? 6.43050   7.84200   5.95894   1.000 29.40475 ? 347 THR A OG1 1 
ATOM   652  C  CG2 . THR A 1 87  ? 4.94037   8.07218   7.86307   1.000 26.48658 ? 347 THR A CG2 1 
ATOM   653  N  N   . ILE A 1 88  ? 2.01100   7.45863   6.66965   1.000 26.98625 ? 348 ILE A N   1 
ATOM   654  C  CA  . ILE A 1 88  ? 0.85041   7.75648   7.50024   1.000 27.70217 ? 348 ILE A CA  1 
ATOM   655  C  C   . ILE A 1 88  ? 1.24027   7.38822   8.92226   1.000 28.36822 ? 348 ILE A C   1 
ATOM   656  O  O   . ILE A 1 88  ? 1.49785   6.21372   9.21826   1.000 29.31058 ? 348 ILE A O   1 
ATOM   657  C  CB  . ILE A 1 88  ? -0.40304  6.99282   7.04129   1.000 26.57766 ? 348 ILE A CB  1 
ATOM   658  C  CG1 . ILE A 1 88  ? -0.65898  7.22977   5.54996   1.000 24.14595 ? 348 ILE A CG1 1 
ATOM   659  C  CG2 . ILE A 1 88  ? -1.64012  7.42426   7.85729   1.000 24.58623 ? 348 ILE A CG2 1 
ATOM   660  C  CD1 . ILE A 1 88  ? -1.85546  6.48705   5.01414   1.000 27.70361 ? 348 ILE A CD1 1 
ATOM   661  N  N   . LYS A 1 89  ? 1.30576   8.39361   9.79107   1.000 30.38560 ? 349 LYS A N   1 
ATOM   662  C  CA  . LYS A 1 89  ? 1.89748   8.26169   11.11720  1.000 30.49709 ? 349 LYS A CA  1 
ATOM   663  C  C   . LYS A 1 89  ? 0.85964   7.87534   12.15909  1.000 28.68959 ? 349 LYS A C   1 
ATOM   664  O  O   . LYS A 1 89  ? -0.29512  8.29580   12.08757  1.000 28.09266 ? 349 LYS A O   1 
ATOM   665  C  CB  . LYS A 1 89  ? 2.55225   9.57934   11.53910  1.000 32.47511 ? 349 LYS A CB  1 
ATOM   666  C  CG  . LYS A 1 89  ? 4.00816   9.73700   11.15434  1.000 35.12767 ? 349 LYS A CG  1 
ATOM   667  C  CD  . LYS A 1 89  ? 4.51715   11.07063  11.68551  1.000 44.42527 ? 349 LYS A CD  1 
ATOM   668  C  CE  . LYS A 1 89  ? 5.83804   11.49181  11.04758  1.000 47.84595 ? 349 LYS A CE  1 
ATOM   669  N  NZ  . LYS A 1 89  ? 5.96626   12.99260  11.03035  1.000 46.84196 ? 349 LYS A NZ  1 
ATOM   670  N  N   . ASN A 1 90  ? 1.28247   7.05778   13.12104  1.000 31.22146 ? 350 ASN A N   1 
ATOM   671  C  CA  . ASN A 1 90  ? 0.53181   6.83234   14.35837  1.000 34.21653 ? 350 ASN A CA  1 
ATOM   672  C  C   . ASN A 1 90  ? -0.87426  6.28174   14.10083  1.000 32.95494 ? 350 ASN A C   1 
ATOM   673  O  O   . ASN A 1 90  ? -1.87227  6.76223   14.64721  1.000 29.68794 ? 350 ASN A O   1 
ATOM   674  C  CB  . ASN A 1 90  ? 0.49656   8.11921   15.18610  1.000 35.93624 ? 350 ASN A CB  1 
ATOM   675  C  CG  . ASN A 1 90  ? 1.85286   8.43508   15.80591  1.000 41.12089 ? 350 ASN A CG  1 
ATOM   676  O  OD1 . ASN A 1 90  ? 2.58922   7.52503   16.20310  1.000 42.98153 ? 350 ASN A OD1 1 
ATOM   677  N  ND2 . ASN A 1 90  ? 2.19858   9.71743   15.87306  1.000 41.96472 ? 350 ASN A ND2 1 
ATOM   678  N  N   . VAL A 1 91  ? -0.93963  5.24358   13.26801  1.000 30.35061 ? 351 VAL A N   1 
ATOM   679  C  CA  . VAL A 1 91  ? -2.18906  4.54914   12.98269  1.000 26.97793 ? 351 VAL A CA  1 
ATOM   680  C  C   . VAL A 1 91  ? -2.47140  3.58194   14.12318  1.000 31.05211 ? 351 VAL A C   1 
ATOM   681  O  O   . VAL A 1 91  ? -1.64353  2.71642   14.43345  1.000 30.50684 ? 351 VAL A O   1 
ATOM   682  C  CB  . VAL A 1 91  ? -2.11168  3.80270   11.64020  1.000 28.75881 ? 351 VAL A CB  1 
ATOM   683  C  CG1 . VAL A 1 91  ? -3.43978  3.11810   11.32419  1.000 33.32664 ? 351 VAL A CG1 1 
ATOM   684  C  CG2 . VAL A 1 91  ? -1.70730  4.74729   10.51225  1.000 27.84964 ? 351 VAL A CG2 1 
ATOM   685  N  N   . ASN A 1 92  ? -3.63729  3.72459   14.75072  1.000 29.71484 ? 352 ASN A N   1 
ATOM   686  C  CA  . ASN A 1 92  ? -4.10165  2.76059   15.74378  1.000 27.03794 ? 352 ASN A CA  1 
ATOM   687  C  C   . ASN A 1 92  ? -4.86222  1.62972   15.06594  1.000 30.14191 ? 352 ASN A C   1 
ATOM   688  O  O   . ASN A 1 92  ? -5.58224  1.85826   14.09286  1.000 28.66402 ? 352 ASN A O   1 
ATOM   689  C  CB  . ASN A 1 92  ? -5.00419  3.44571   16.76346  1.000 28.47291 ? 352 ASN A CB  1 
ATOM   690  C  CG  . ASN A 1 92  ? -4.28204  4.51190   17.53512  1.000 31.92664 ? 352 ASN A CG  1 
ATOM   691  O  OD1 . ASN A 1 92  ? -3.18384  4.28142   18.05462  1.000 29.02008 ? 352 ASN A OD1 1 
ATOM   692  N  ND2 . ASN A 1 92  ? -4.88604  5.68969   17.61666  1.000 33.37023 ? 352 ASN A ND2 1 
ATOM   693  N  N   . HIS A 1 93  ? -4.72530  0.41699   15.60308  1.000 28.42687 ? 353 HIS A N   1 
ATOM   694  C  CA  . HIS A 1 93  ? -5.30438  -0.77244  14.98437  1.000 28.83869 ? 353 HIS A CA  1 
ATOM   695  C  C   . HIS A 1 93  ? -5.29327  -1.90161  16.00648  1.000 26.75536 ? 353 HIS A C   1 
ATOM   696  O  O   . HIS A 1 93  ? -4.69297  -1.79199  17.07653  1.000 27.62916 ? 353 HIS A O   1 
ATOM   697  C  CB  . HIS A 1 93  ? -4.50961  -1.17984  13.73775  1.000 27.77849 ? 353 HIS A CB  1 
ATOM   698  C  CG  . HIS A 1 93  ? -3.06538  -1.41837  14.03521  1.000 26.78913 ? 353 HIS A CG  1 
ATOM   699  N  ND1 . HIS A 1 93  ? -2.62159  -2.55714  14.66886  1.000 27.72921 ? 353 HIS A ND1 1 
ATOM   700  C  CD2 . HIS A 1 93  ? -1.97647  -0.63459  13.86144  1.000 25.42596 ? 353 HIS A CD2 1 
ATOM   701  C  CE1 . HIS A 1 93  ? -1.31442  -2.48037  14.83996  1.000 26.05998 ? 353 HIS A CE1 1 
ATOM   702  N  NE2 . HIS A 1 93  ? -0.89989  -1.32179  14.36198  1.000 26.27532 ? 353 HIS A NE2 1 
ATOM   703  N  N   . GLY A 1 94  ? -5.94406  -2.99459  15.65373  1.000 28.93892 ? 354 GLY A N   1 
ATOM   704  C  CA  . GLY A 1 94  ? -5.97171  -4.15309  16.51717  1.000 28.51880 ? 354 GLY A CA  1 
ATOM   705  C  C   . GLY A 1 94  ? -4.66729  -4.94153  16.51256  1.000 31.53186 ? 354 GLY A C   1 
ATOM   706  O  O   . GLY A 1 94  ? -3.77951  -4.77898  15.66896  1.000 28.76152 ? 354 GLY A O   1 
ATOM   707  N  N   . THR A 1 95  ? -4.55767  -5.82090  17.49632  1.000 29.99957 ? 355 THR A N   1 
ATOM   708  C  CA  . THR A 1 95  ? -3.41853  -6.70761  17.65659  1.000 31.68863 ? 355 THR A CA  1 
ATOM   709  C  C   . THR A 1 95  ? -3.77238  -8.09193  17.10981  1.000 30.39657 ? 355 THR A C   1 
ATOM   710  O  O   . THR A 1 95  ? -4.85982  -8.30677  16.56701  1.000 28.86629 ? 355 THR A O   1 
ATOM   711  C  CB  . THR A 1 95  ? -3.01961  -6.76960  19.12901  1.000 30.67730 ? 355 THR A CB  1 
ATOM   712  O  OG1 . THR A 1 95  ? -4.08554  -7.38215  19.86167  1.000 33.40234 ? 355 THR A OG1 1 
ATOM   713  C  CG2 . THR A 1 95  ? -2.78190  -5.36894  19.67087  1.000 29.78856 ? 355 THR A CG2 1 
ATOM   714  N  N   . GLY A 1 96  ? -2.85406  -9.04701  17.26759  1.000 30.00794 ? 356 GLY A N   1 
ATOM   715  C  CA  . GLY A 1 96  ? -3.03709  -10.34493 16.65683  1.000 30.41821 ? 356 GLY A CA  1 
ATOM   716  C  C   . GLY A 1 96  ? -2.85876  -10.25560 15.14610  1.000 28.08807 ? 356 GLY A C   1 
ATOM   717  O  O   . GLY A 1 96  ? -2.26162  -9.32090  14.61825  1.000 28.67710 ? 356 GLY A O   1 
ATOM   718  N  N   . ASN A 1 97  ? -3.40342  -11.25277 14.45526  1.000 28.55446 ? 357 ASN A N   1 
ATOM   719  C  CA  . ASN A 1 97  ? -3.37398  -11.29285 12.99363  1.000 33.33587 ? 357 ASN A CA  1 
ATOM   720  C  C   . ASN A 1 97  ? -4.32247  -10.24573 12.42307  1.000 31.88550 ? 357 ASN A C   1 
ATOM   721  O  O   . ASN A 1 97  ? -5.53581  -10.32901 12.62925  1.000 32.77580 ? 357 ASN A O   1 
ATOM   722  C  CB  . ASN A 1 97  ? -3.77981  -12.67762 12.49426  1.000 30.73067 ? 357 ASN A CB  1 
ATOM   723  C  CG  . ASN A 1 97  ? -2.67215  -13.70704 12.63793  1.000 30.45257 ? 357 ASN A CG  1 
ATOM   724  O  OD1 . ASN A 1 97  ? -1.50640  -13.36349 12.76394  1.000 28.61719 ? 357 ASN A OD1 1 
ATOM   725  N  ND2 . ASN A 1 97  ? -3.04104  -14.97825 12.61461  1.000 31.99824 ? 357 ASN A ND2 1 
ATOM   726  N  N   . GLN A 1 98  ? -3.78804  -9.27891  11.68289  1.000 29.66108 ? 358 GLN A N   1 
ATOM   727  C  CA  . GLN A 1 98  ? -4.60888  -8.26263  11.03468  1.000 31.08016 ? 358 GLN A CA  1 
ATOM   728  C  C   . GLN A 1 98  ? -4.41426  -8.30117  9.52086   1.000 30.23940 ? 358 GLN A C   1 
ATOM   729  O  O   . GLN A 1 98  ? -3.29465  -8.44888  9.03371   1.000 29.39080 ? 358 GLN A O   1 
ATOM   730  C  CB  . GLN A 1 98  ? -4.27203  -6.87409  11.58338  1.000 31.41996 ? 358 GLN A CB  1 
ATOM   731  C  CG  . GLN A 1 98  ? -4.55488  -6.72869  13.06601  1.000 27.49126 ? 358 GLN A CG  1 
ATOM   732  C  CD  . GLN A 1 98  ? -6.03924  -6.64290  13.38051  1.000 30.38198 ? 358 GLN A CD  1 
ATOM   733  O  OE1 . GLN A 1 98  ? -6.82359  -6.09377  12.60400  1.000 29.40501 ? 358 GLN A OE1 1 
ATOM   734  N  NE2 . GLN A 1 98  ? -6.43358  -7.19498  14.52434  1.000 29.58162 ? 358 GLN A NE2 1 
ATOM   735  N  N   . THR A 1 99  ? -5.50830  -8.17626  8.77443   1.000 31.69740 ? 359 THR A N   1 
ATOM   736  C  CA  . THR A 1 99  ? -5.40901  -8.11277  7.32130   1.000 31.61823 ? 359 THR A CA  1 
ATOM   737  C  C   . THR A 1 99  ? -5.06629  -6.68692  6.91364   1.000 32.63776 ? 359 THR A C   1 
ATOM   738  O  O   . THR A 1 99  ? -5.82306  -5.75122  7.20944   1.000 31.67259 ? 359 THR A O   1 
ATOM   739  C  CB  . THR A 1 99  ? -6.70704  -8.55689  6.65420   1.000 33.07661 ? 359 THR A CB  1 
ATOM   740  O  OG1 . THR A 1 99  ? -6.84753  -9.97313  6.79439   1.000 34.63795 ? 359 THR A OG1 1 
ATOM   741  C  CG2 . THR A 1 99  ? -6.67747  -8.20216  5.17138   1.000 29.45486 ? 359 THR A CG2 1 
ATOM   742  N  N   . ILE A 1 100 ? -3.91924  -6.51914  6.26231   1.000 27.09693 ? 360 ILE A N   1 
ATOM   743  C  CA  . ILE A 1 100 ? -3.49483  -5.23380  5.72424   1.000 28.76597 ? 360 ILE A CA  1 
ATOM   744  C  C   . ILE A 1 100 ? -3.86341  -5.21555  4.25599   1.000 29.64767 ? 360 ILE A C   1 
ATOM   745  O  O   . ILE A 1 100 ? -3.44672  -6.09861  3.49964   1.000 29.45568 ? 360 ILE A O   1 
ATOM   746  C  CB  . ILE A 1 100 ? -1.98315  -5.01864  5.88747   1.000 29.30664 ? 360 ILE A CB  1 
ATOM   747  C  CG1 . ILE A 1 100 ? -1.55080  -5.22390  7.34135   1.000 33.15558 ? 360 ILE A CG1 1 
ATOM   748  C  CG2 . ILE A 1 100 ? -1.57317  -3.64491  5.31465   1.000 25.68916 ? 360 ILE A CG2 1 
ATOM   749  C  CD1 . ILE A 1 100 ? -2.16239  -4.25155  8.29257   1.000 35.24776 ? 360 ILE A CD1 1 
ATOM   750  N  N   . GLU A 1 101 ? -4.61313  -4.20980  3.83885   1.000 28.90451 ? 361 GLU A N   1 
ATOM   751  C  CA  . GLU A 1 101 ? -5.03538  -4.11538  2.44941   1.000 28.43633 ? 361 GLU A CA  1 
ATOM   752  C  C   . GLU A 1 101 ? -4.55754  -2.79526  1.85507   1.000 28.30589 ? 361 GLU A C   1 
ATOM   753  O  O   . GLU A 1 101 ? -4.62530  -1.74805  2.50373   1.000 31.91251 ? 361 GLU A O   1 
ATOM   754  C  CB  . GLU A 1 101 ? -6.55948  -4.26343  2.35013   1.000 30.27080 ? 361 GLU A CB  1 
ATOM   755  C  CG  . GLU A 1 101 ? -7.09370  -4.55567  0.96648   1.000 34.01815 ? 361 GLU A CG  1 
ATOM   756  C  CD  . GLU A 1 101 ? -8.60827  -4.75023  0.96105   1.000 37.93854 ? 361 GLU A CD  1 
ATOM   757  O  OE1 . GLU A 1 101 ? -9.11257  -5.69774  1.60944   1.000 38.75647 ? 361 GLU A OE1 1 
ATOM   758  O  OE2 . GLU A 1 101 ? -9.29250  -3.93953  0.31217   1.000 38.86566 ? 361 GLU A OE2 1 
ATOM   759  N  N   . LEU A 1 102 ? -4.03620  -2.85418  0.63426   1.000 26.82230 ? 362 LEU A N   1 
ATOM   760  C  CA  . LEU A 1 102 ? -3.65060  -1.66932  -0.12656  1.000 25.61001 ? 362 LEU A CA  1 
ATOM   761  C  C   . LEU A 1 102 ? -4.46472  -1.68900  -1.41558  1.000 28.94642 ? 362 LEU A C   1 
ATOM   762  O  O   . LEU A 1 102 ? -4.25914  -2.56461  -2.26104  1.000 27.57099 ? 362 LEU A O   1 
ATOM   763  C  CB  . LEU A 1 102 ? -2.14899  -1.66250  -0.40999  1.000 30.81413 ? 362 LEU A CB  1 
ATOM   764  C  CG  . LEU A 1 102 ? -1.20289  -1.78772  0.79080   1.000 25.04140 ? 362 LEU A CG  1 
ATOM   765  C  CD1 . LEU A 1 102 ? 0.20936   -2.13956  0.33044   1.000 30.40956 ? 362 LEU A CD1 1 
ATOM   766  C  CD2 . LEU A 1 102 ? -1.21105  -0.50148  1.55160   1.000 22.92817 ? 362 LEU A CD2 1 
ATOM   767  N  N   . VAL A 1 103 ? -5.39247  -0.73631  -1.56758  1.000 28.83272 ? 363 VAL A N   1 
ATOM   768  C  CA  . VAL A 1 103 ? -6.42494  -0.82777  -2.59995  1.000 28.53496 ? 363 VAL A CA  1 
ATOM   769  C  C   . VAL A 1 103 ? -6.64972  0.53244   -3.25529  1.000 28.40395 ? 363 VAL A C   1 
ATOM   770  O  O   . VAL A 1 103 ? -6.65929  1.56756   -2.58085  1.000 29.93970 ? 363 VAL A O   1 
ATOM   771  C  CB  . VAL A 1 103 ? -7.74523  -1.37332  -2.00859  1.000 29.63249 ? 363 VAL A CB  1 
ATOM   772  C  CG1 . VAL A 1 103 ? -8.16876  -0.57028  -0.76267  1.000 29.35286 ? 363 VAL A CG1 1 
ATOM   773  C  CG2 . VAL A 1 103 ? -8.84468  -1.36409  -3.05457  1.000 26.90535 ? 363 VAL A CG2 1 
ATOM   774  N  N   . VAL A 1 104 ? -6.85117  0.52856   -4.57440  1.000 26.99068 ? 364 VAL A N   1 
ATOM   775  C  CA  . VAL A 1 104 ? -7.26068  1.72575   -5.30164  1.000 26.74810 ? 364 VAL A CA  1 
ATOM   776  C  C   . VAL A 1 104 ? -8.78081  1.85071   -5.22701  1.000 28.45876 ? 364 VAL A C   1 
ATOM   777  O  O   . VAL A 1 104 ? -9.50657  0.87113   -5.43137  1.000 31.89021 ? 364 VAL A O   1 
ATOM   778  C  CB  . VAL A 1 104 ? -6.78022  1.67989   -6.76294  1.000 30.90983 ? 364 VAL A CB  1 
ATOM   779  C  CG1 . VAL A 1 104 ? -7.53184  2.69491   -7.60660  1.000 25.75326 ? 364 VAL A CG1 1 
ATOM   780  C  CG2 . VAL A 1 104 ? -5.28960  1.96296   -6.85058  1.000 29.34744 ? 364 VAL A CG2 1 
ATOM   781  N  N   . THR A 1 105 ? -9.25485  3.05296   -4.89910  1.000 28.09348 ? 365 THR A N   1 
ATOM   782  C  CA  . THR A 1 105 ? -10.67158 3.39510   -4.85545  1.000 27.37216 ? 365 THR A CA  1 
ATOM   783  C  C   . THR A 1 105 ? -10.97974 4.69445   -5.58748  1.000 29.39345 ? 365 THR A C   1 
ATOM   784  O  O   . THR A 1 105 ? -12.15746 5.03566   -5.73421  1.000 30.29833 ? 365 THR A O   1 
ATOM   785  C  CB  . THR A 1 105 ? -11.15625 3.54096   -3.39914  1.000 29.90729 ? 365 THR A CB  1 
ATOM   786  O  OG1 . THR A 1 105 ? -10.45671 4.61576   -2.78103  1.000 27.71902 ? 365 THR A OG1 1 
ATOM   787  C  CG2 . THR A 1 105 ? -10.90131 2.27741   -2.58206  1.000 26.31035 ? 365 THR A CG2 1 
ATOM   788  N  N   . ALA A 1 106 ? -9.96403  5.43727   -6.03553  1.000 29.00422 ? 366 ALA A N   1 
ATOM   789  C  CA  . ALA A 1 106 ? -10.14860 6.75157   -6.64224  1.000 28.64305 ? 366 ALA A CA  1 
ATOM   790  C  C   . ALA A 1 106 ? -9.74306  6.77833   -8.11407  1.000 29.63698 ? 366 ALA A C   1 
ATOM   791  O  O   . ALA A 1 106 ? -9.42359  7.84656   -8.64376  1.000 28.23315 ? 366 ALA A O   1 
ATOM   792  C  CB  . ALA A 1 106 ? -9.36168  7.80376   -5.86286  1.000 31.28791 ? 366 ALA A CB  1 
ATOM   793  N  N   . ASP A 1 107 ? -9.74517  5.63143   -8.78560  1.000 26.43187 ? 367 ASP A N   1 
ATOM   794  C  CA  . ASP A 1 107 ? -9.35225  5.60445   -10.18315 1.000 28.11494 ? 367 ASP A CA  1 
ATOM   795  C  C   . ASP A 1 107 ? -10.41687 6.27588   -11.04769 1.000 33.17672 ? 367 ASP A C   1 
ATOM   796  O  O   . ASP A 1 107 ? -11.62009 6.17696   -10.78353 1.000 28.96275 ? 367 ASP A O   1 
ATOM   797  C  CB  . ASP A 1 107 ? -9.10971  4.16941   -10.63971 1.000 29.41636 ? 367 ASP A CB  1 
ATOM   798  C  CG  . ASP A 1 107 ? -8.78373  4.07705   -12.13069 1.000 33.56916 ? 367 ASP A CG  1 
ATOM   799  O  OD1 . ASP A 1 107 ? -7.70657  4.54738   -12.55026 1.000 31.05005 ? 367 ASP A OD1 1 
ATOM   800  O  OD2 . ASP A 1 107 ? -9.61475  3.53409   -12.88271 1.000 33.44171 ? 367 ASP A OD2 1 
ATOM   801  N  N   . ASN A 1 108 ? -9.96365  7.01032   -12.06213 1.000 32.06352 ? 368 ASN A N   1 
ATOM   802  C  CA  . ASN A 1 108 ? -10.89564 7.60054   -13.01403 1.000 34.03814 ? 368 ASN A CA  1 
ATOM   803  C  C   . ASN A 1 108 ? -10.30980 7.57813   -14.41921 1.000 33.11963 ? 368 ASN A C   1 
ATOM   804  O  O   . ASN A 1 108 ? -10.59793 8.46283   -15.23307 1.000 30.28349 ? 368 ASN A O   1 
ATOM   805  C  CB  . ASN A 1 108 ? -11.29203 9.02369   -12.60189 1.000 31.37281 ? 368 ASN A CB  1 
ATOM   806  C  CG  . ASN A 1 108 ? -10.14871 10.00741  -12.70151 1.000 34.82934 ? 368 ASN A CG  1 
ATOM   807  O  OD1 . ASN A 1 108 ? -8.96490  9.63386   -12.66813 1.000 29.34898 ? 368 ASN A OD1 1 
ATOM   808  N  ND2 . ASN A 1 108 ? -10.49554 11.28953  -12.82108 1.000 35.84165 ? 368 ASN A ND2 1 
ATOM   809  N  N   . GLY A 1 109 ? -9.48060  6.57438   -14.70718 1.000 31.97707 ? 369 GLY A N   1 
ATOM   810  C  CA  . GLY A 1 109 ? -8.93210  6.36037   -16.02935 1.000 35.71562 ? 369 GLY A CA  1 
ATOM   811  C  C   . GLY A 1 109 ? -7.75020  7.22617   -16.39360 1.000 34.52477 ? 369 GLY A C   1 
ATOM   812  O  O   . GLY A 1 109 ? -7.30552  7.17115   -17.54633 1.000 31.95412 ? 369 GLY A O   1 
ATOM   813  N  N   . GLN A 1 110 ? -7.21109  8.00222   -15.44585 1.000 28.30837 ? 370 GLN A N   1 
ATOM   814  C  CA  . GLN A 1 110 ? -6.14790  8.96225   -15.71612 1.000 31.20284 ? 370 GLN A CA  1 
ATOM   815  C  C   . GLN A 1 110 ? -4.78683  8.54266   -15.17649 1.000 30.01902 ? 370 GLN A C   1 
ATOM   816  O  O   . GLN A 1 110 ? -3.77785  9.15103   -15.54703 1.000 29.46892 ? 370 GLN A O   1 
ATOM   817  C  CB  . GLN A 1 110 ? -6.51723  10.33629  -15.13400 1.000 30.79445 ? 370 GLN A CB  1 
ATOM   818  C  CG  . GLN A 1 110 ? -7.82582  10.88490  -15.68501 1.000 31.99099 ? 370 GLN A CG  1 
ATOM   819  C  CD  . GLN A 1 110 ? -7.88787  10.85756  -17.21643 1.000 33.40211 ? 370 GLN A CD  1 
ATOM   820  O  OE1 . GLN A 1 110 ? -8.54145  9.99726   -17.81489 1.000 39.98278 ? 370 GLN A OE1 1 
ATOM   821  N  NE2 . GLN A 1 110 ? -7.21787  11.80575  -17.84999 1.000 31.33670 ? 370 GLN A NE2 1 
ATOM   822  N  N   . TRP A 1 111 ? -4.72456  7.52584   -14.32898 1.000 27.53367 ? 371 TRP A N   1 
ATOM   823  C  CA  . TRP A 1 111 ? -3.44912  7.08641   -13.78176 1.000 27.15386 ? 371 TRP A CA  1 
ATOM   824  C  C   . TRP A 1 111 ? -3.59009  5.66579   -13.26597 1.000 30.42858 ? 371 TRP A C   1 
ATOM   825  O  O   . TRP A 1 111 ? -4.70033  5.17848   -13.02354 1.000 25.94680 ? 371 TRP A O   1 
ATOM   826  C  CB  . TRP A 1 111 ? -2.98073  8.00398   -12.64895 1.000 27.19376 ? 371 TRP A CB  1 
ATOM   827  C  CG  . TRP A 1 111 ? -4.06393  8.26771   -11.63310 1.000 25.92464 ? 371 TRP A CG  1 
ATOM   828  C  CD1 . TRP A 1 111 ? -4.87127  9.36744   -11.56919 1.000 26.64786 ? 371 TRP A CD1 1 
ATOM   829  C  CD2 . TRP A 1 111 ? -4.45706  7.41570   -10.54228 1.000 28.31262 ? 371 TRP A CD2 1 
ATOM   830  N  NE1 . TRP A 1 111 ? -5.75348  9.24886   -10.51694 1.000 31.16648 ? 371 TRP A NE1 1 
ATOM   831  C  CE2 . TRP A 1 111 ? -5.51250  8.06785   -9.86291  1.000 30.30698 ? 371 TRP A CE2 1 
ATOM   832  C  CE3 . TRP A 1 111 ? -4.01287  6.17579   -10.06602 1.000 26.45231 ? 371 TRP A CE3 1 
ATOM   833  C  CZ2 . TRP A 1 111 ? -6.13053  7.51924   -8.73548  1.000 28.17723 ? 371 TRP A CZ2 1 
ATOM   834  C  CZ3 . TRP A 1 111 ? -4.64115  5.61986   -8.95431  1.000 24.82717 ? 371 TRP A CZ3 1 
ATOM   835  C  CH2 . TRP A 1 111 ? -5.68149  6.29427   -8.30072  1.000 28.65990 ? 371 TRP A CH2 1 
ATOM   836  N  N   . ASP A 1 112 ? -2.43549  5.01612   -13.09585 1.000 29.07640 ? 372 ASP A N   1 
ATOM   837  C  CA  . ASP A 1 112 ? -2.29958  3.74635   -12.40384 1.000 29.47343 ? 372 ASP A CA  1 
ATOM   838  C  C   . ASP A 1 112 ? -1.37174  3.94838   -11.20844 1.000 31.59414 ? 372 ASP A C   1 
ATOM   839  O  O   . ASP A 1 112 ? -0.51803  4.83789   -11.21238 1.000 27.79585 ? 372 ASP A O   1 
ATOM   840  C  CB  . ASP A 1 112 ? -1.72564  2.66052   -13.32551 1.000 31.89119 ? 372 ASP A CB  1 
ATOM   841  C  CG  . ASP A 1 112 ? -2.58216  2.42493   -14.54863 1.000 32.28058 ? 372 ASP A CG  1 
ATOM   842  O  OD1 . ASP A 1 112 ? -3.81060  2.52776   -14.41668 1.000 25.98627 ? 372 ASP A OD1 1 
ATOM   843  O  OD2 . ASP A 1 112 ? -2.03182  2.13659   -15.63741 1.000 32.55674 ? 372 ASP A OD2 1 
ATOM   844  N  N   . ALA A 1 113 ? -1.53645  3.12638   -10.18016 1.000 27.60258 ? 373 ALA A N   1 
ATOM   845  C  CA  . ALA A 1 113 ? -0.69686  3.20216   -8.99290  1.000 24.87293 ? 373 ALA A CA  1 
ATOM   846  C  C   . ALA A 1 113 ? 0.30744   2.05655   -9.02320  1.000 29.40482 ? 373 ALA A C   1 
ATOM   847  O  O   . ALA A 1 113 ? -0.08675  0.88758   -9.10076  1.000 31.51973 ? 373 ALA A O   1 
ATOM   848  C  CB  . ALA A 1 113 ? -1.55150  3.14571   -7.72841  1.000 24.39549 ? 373 ALA A CB  1 
ATOM   849  N  N   . ASN A 1 114 ? 1.59786   2.39449   -8.98695  1.000 28.70351 ? 374 ASN A N   1 
ATOM   850  C  CA  . ASN A 1 114 ? 2.68622   1.42160   -8.91851  1.000 29.61541 ? 374 ASN A CA  1 
ATOM   851  C  C   . ASN A 1 114 ? 3.18057   1.37926   -7.48044  1.000 28.01922 ? 374 ASN A C   1 
ATOM   852  O  O   . ASN A 1 114 ? 3.46685   2.42861   -6.90136  1.000 28.44552 ? 374 ASN A O   1 
ATOM   853  C  CB  . ASN A 1 114 ? 3.84097   1.80811   -9.84921  1.000 28.49465 ? 374 ASN A CB  1 
ATOM   854  C  CG  . ASN A 1 114 ? 3.43466   1.86531   -11.30843 1.000 29.85472 ? 374 ASN A CG  1 
ATOM   855  O  OD1 . ASN A 1 114 ? 2.50698   1.18529   -11.72990 1.000 31.84194 ? 374 ASN A OD1 1 
ATOM   856  N  ND2 . ASN A 1 114 ? 4.14040   2.67675   -12.08995 1.000 29.54692 ? 374 ASN A ND2 1 
ATOM   857  N  N   . ILE A 1 115 ? 3.25194   0.18841   -6.88667  1.000 27.94319 ? 375 ILE A N   1 
ATOM   858  C  CA  . ILE A 1 115 ? 3.59291   0.07922   -5.46843  1.000 26.80668 ? 375 ILE A CA  1 
ATOM   859  C  C   . ILE A 1 115 ? 4.70598   -0.94325  -5.27833  1.000 26.99789 ? 375 ILE A C   1 
ATOM   860  O  O   . ILE A 1 115 ? 4.64073   -2.05933  -5.80840  1.000 26.62382 ? 375 ILE A O   1 
ATOM   861  C  CB  . ILE A 1 115 ? 2.36325   -0.25540  -4.59928  1.000 28.22549 ? 375 ILE A CB  1 
ATOM   862  C  CG1 . ILE A 1 115 ? 1.62776   -1.49761  -5.09620  1.000 26.44682 ? 375 ILE A CG1 1 
ATOM   863  C  CG2 . ILE A 1 115 ? 1.40599   0.93472   -4.58580  1.000 28.31047 ? 375 ILE A CG2 1 
ATOM   864  C  CD1 . ILE A 1 115 ? 0.43857   -1.88712  -4.21160  1.000 29.09397 ? 375 ILE A CD1 1 
ATOM   865  N  N   . ASP A 1 116 ? 5.72015   -0.55696  -4.50247  1.000 29.73217 ? 376 ASP A N   1 
ATOM   866  C  CA  . ASP A 1 116 ? 6.96015   -1.31234  -4.34598  1.000 26.75185 ? 376 ASP A CA  1 
ATOM   867  C  C   . ASP A 1 116 ? 6.96049   -2.16287  -3.08050  1.000 27.13758 ? 376 ASP A C   1 
ATOM   868  O  O   . ASP A 1 116 ? 7.09998   -3.38352  -3.15575  1.000 26.26440 ? 376 ASP A O   1 
ATOM   869  C  CB  . ASP A 1 116 ? 8.14086   -0.33208  -4.33303  1.000 32.41009 ? 376 ASP A CB  1 
ATOM   870  C  CG  . ASP A 1 116 ? 9.49791   -1.03001  -4.31438  1.000 30.03932 ? 376 ASP A CG  1 
ATOM   871  O  OD1 . ASP A 1 116 ? 9.55252   -2.27015  -4.39680  1.000 29.78750 ? 376 ASP A OD1 1 
ATOM   872  O  OD2 . ASP A 1 116 ? 10.51364  -0.32172  -4.24021  1.000 28.65859 ? 376 ASP A OD2 1 
ATOM   873  N  N   . TYR A 1 117 ? 6.81746   -1.53199  -1.91662  1.000 28.18095 ? 377 TYR A N   1 
ATOM   874  C  CA  . TYR A 1 117 ? 6.81607   -2.23570  -0.64109  1.000 30.84902 ? 377 TYR A CA  1 
ATOM   875  C  C   . TYR A 1 117 ? 6.08613   -1.39096  0.39162   1.000 30.29282 ? 377 TYR A C   1 
ATOM   876  O  O   . TYR A 1 117 ? 5.98104   -0.16771  0.26300   1.000 28.18490 ? 377 TYR A O   1 
ATOM   877  C  CB  . TYR A 1 117 ? 8.24060   -2.54881  -0.14585  1.000 27.49846 ? 377 TYR A CB  1 
ATOM   878  C  CG  . TYR A 1 117 ? 9.12373   -1.33583  0.06276   1.000 26.41203 ? 377 TYR A CG  1 
ATOM   879  C  CD1 . TYR A 1 117 ? 8.96176   -0.49938  1.16985   1.000 29.10356 ? 377 TYR A CD1 1 
ATOM   880  C  CD2 . TYR A 1 117 ? 10.13442  -1.03771  -0.83249  1.000 27.09762 ? 377 TYR A CD2 1 
ATOM   881  C  CE1 . TYR A 1 117 ? 9.77173   0.60820   1.35758   1.000 29.29451 ? 377 TYR A CE1 1 
ATOM   882  C  CE2 . TYR A 1 117 ? 10.95219  0.05735   -0.64969  1.000 29.97597 ? 377 TYR A CE2 1 
ATOM   883  C  CZ  . TYR A 1 117 ? 10.77093  0.87766   0.44373   1.000 35.13454 ? 377 TYR A CZ  1 
ATOM   884  O  OH  . TYR A 1 117 ? 11.58810  1.96868   0.61079   1.000 32.76317 ? 377 TYR A OH  1 
ATOM   885  N  N   . LEU A 1 118 ? 5.60678   -2.06239  1.43259   1.000 30.19446 ? 378 LEU A N   1 
ATOM   886  C  CA  . LEU A 1 118 ? 5.02069   -1.40900  2.59096   1.000 27.39030 ? 378 LEU A CA  1 
ATOM   887  C  C   . LEU A 1 118 ? 5.99323   -1.52062  3.75313   1.000 28.91742 ? 378 LEU A C   1 
ATOM   888  O  O   . LEU A 1 118 ? 6.45556   -2.61765  4.07587   1.000 29.92996 ? 378 LEU A O   1 
ATOM   889  C  CB  . LEU A 1 118 ? 3.67481   -2.04047  2.96101   1.000 30.14032 ? 378 LEU A CB  1 
ATOM   890  C  CG  . LEU A 1 118 ? 3.01328   -1.47009  4.22274   1.000 29.38245 ? 378 LEU A CG  1 
ATOM   891  C  CD1 . LEU A 1 118 ? 2.40362   -0.10589  3.93963   1.000 27.47970 ? 378 LEU A CD1 1 
ATOM   892  C  CD2 . LEU A 1 118 ? 1.96745   -2.43862  4.78258   1.000 26.85794 ? 378 LEU A CD2 1 
ATOM   893  N  N   . LYS A 1 119 ? 6.30567   -0.39286  4.37922   1.000 29.84143 ? 379 LYS A N   1 
ATOM   894  C  CA  . LYS A 1 119 ? 7.18919   -0.36623  5.53791   1.000 32.45023 ? 379 LYS A CA  1 
ATOM   895  C  C   . LYS A 1 119 ? 6.36706   -0.00505  6.76868   1.000 32.06311 ? 379 LYS A C   1 
ATOM   896  O  O   . LYS A 1 119 ? 5.67452   1.01916   6.77664   1.000 30.78680 ? 379 LYS A O   1 
ATOM   897  C  CB  . LYS A 1 119 ? 8.33199   0.62545   5.32661   1.000 37.02898 ? 379 LYS A CB  1 
ATOM   898  C  CG  . LYS A 1 119 ? 9.27188   0.74534   6.50858   1.000 38.89430 ? 379 LYS A CG  1 
ATOM   899  C  CD  . LYS A 1 119 ? 10.63564  1.27894   6.09280   1.000 41.59247 ? 379 LYS A CD  1 
ATOM   900  C  CE  . LYS A 1 119 ? 10.50927  2.58984   5.35509   1.000 43.73842 ? 379 LYS A CE  1 
ATOM   901  N  NZ  . LYS A 1 119 ? 9.96274   3.63789   6.24985   1.000 44.19038 ? 379 LYS A NZ  1 
ATOM   902  N  N   . ILE A 1 120 ? 6.41953   -0.85630  7.79268   1.000 30.28927 ? 380 ILE A N   1 
ATOM   903  C  CA  . ILE A 1 120 ? 5.70343   -0.62956  9.04627   1.000 27.80802 ? 380 ILE A CA  1 
ATOM   904  C  C   . ILE A 1 120 ? 6.73213   -0.35929  10.13049  1.000 34.04394 ? 380 ILE A C   1 
ATOM   905  O  O   . ILE A 1 120 ? 7.67693   -1.13933  10.29964  1.000 28.71106 ? 380 ILE A O   1 
ATOM   906  C  CB  . ILE A 1 120 ? 4.81176   -1.82279  9.42752   1.000 25.48177 ? 380 ILE A CB  1 
ATOM   907  C  CG1 . ILE A 1 120 ? 3.91833   -2.22870  8.24572   1.000 28.29549 ? 380 ILE A CG1 1 
ATOM   908  C  CG2 . ILE A 1 120 ? 3.96963   -1.47680  10.63812  1.000 29.75273 ? 380 ILE A CG2 1 
ATOM   909  C  CD1 . ILE A 1 120 ? 3.07883   -3.45296  8.52602   1.000 30.39422 ? 380 ILE A CD1 1 
ATOM   910  N  N   . GLY A 1 121 ? 6.55744   0.73907   10.85350  1.000 32.16613 ? 381 GLY A N   1 
ATOM   911  C  CA  . GLY A 1 121 ? 7.50663   1.15026   11.87798  1.000 36.69025 ? 381 GLY A CA  1 
ATOM   912  C  C   . GLY A 1 121 ? 6.88999   1.10603   13.26409  1.000 34.20424 ? 381 GLY A C   1 
ATOM   913  O  O   . GLY A 1 121 ? 5.72934   1.48733   13.44203  1.000 29.18200 ? 381 GLY A O   1 
ATOM   914  N  N   . GLY A 1 122 ? 7.67626   0.63294   14.23405  1.000 37.60289 ? 382 GLY A N   1 
ATOM   915  C  CA  . GLY A 1 122 ? 7.30710   0.69068   15.64253  1.000 34.23128 ? 382 GLY A CA  1 
ATOM   916  C  C   . GLY A 1 122 ? 7.41797   -0.62360  16.39612  1.000 39.87076 ? 382 GLY A C   1 
ATOM   917  O  O   . GLY A 1 122 ? 7.25050   -1.70654  15.83079  1.000 42.27871 ? 382 GLY A O   1 
ATOM   918  N  N   . ALA A 1 123 ? 7.73920   -0.51843  17.69210  1.000 40.30561 ? 383 ALA A N   1 
ATOM   919  C  CA  . ALA A 1 123 ? 7.67387   -1.56261  18.71928  1.000 42.64632 ? 383 ALA A CA  1 
ATOM   920  C  C   . ALA A 1 123 ? 7.73236   -3.00312  18.21633  1.000 42.60681 ? 383 ALA A C   1 
ATOM   921  O  O   . ALA A 1 123 ? 6.74054   -3.73076  18.30982  1.000 42.37852 ? 383 ALA A O   1 
ATOM   922  C  CB  . ALA A 1 123 ? 6.39917   -1.37850  19.55204  1.000 37.53382 ? 383 ALA A CB  1 
ATOM   923  N  N   . GLY A 1 124 ? 8.88965   -3.43221  17.70607  1.000 52.58497 ? 384 GLY A N   1 
ATOM   924  C  CA  . GLY A 1 124 ? 9.05283   -4.79084  17.20771  1.000 50.67550 ? 384 GLY A CA  1 
ATOM   925  C  C   . GLY A 1 124 ? 8.52482   -5.01240  15.79788  1.000 54.98487 ? 384 GLY A C   1 
ATOM   926  O  O   . GLY A 1 124 ? 7.30739   -5.05431  15.57328  1.000 52.74017 ? 384 GLY A O   1 
ATOM   927  N  N   . VAL A 1 125 ? 9.43712   -5.16612  14.83978  1.000 55.37221 ? 385 VAL A N   1 
ATOM   928  C  CA  . VAL A 1 125 ? 9.07533   -5.35691  13.44317  1.000 50.55749 ? 385 VAL A CA  1 
ATOM   929  C  C   . VAL A 1 125 ? 8.39944   -6.67832  13.12428  1.000 49.52081 ? 385 VAL A C   1 
ATOM   930  O  O   . VAL A 1 125 ? 7.23404   -6.89285  13.47247  1.000 47.56215 ? 385 VAL A O   1 
HETATM 931  CA CA  . CA  B 2 .   ? 9.04868   -4.51899  -4.39248  1.000 29.77329 ? 501 CA  A CA  1 
HETATM 932  CA CA  . CA  C 2 .   ? -5.92604  3.25285   -13.69403 1.000 42.81078 ? 502 CA  A CA  1 
HETATM 933  O  O   . HOH D 3 .   ? -8.76779  -7.23027  12.15805  1.000 41.38244 ? 601 HOH A O   1 
HETATM 934  O  O   . HOH D 3 .   ? 0.16740   1.81381   -16.28491 1.000 33.33340 ? 602 HOH A O   1 
HETATM 935  O  O   . HOH D 3 .   ? 14.63438  1.78455   16.29532  1.000 34.80318 ? 603 HOH A O   1 
HETATM 936  O  O   . HOH D 3 .   ? -4.95842  -9.59151  20.20829  1.000 39.85296 ? 604 HOH A O   1 
HETATM 937  O  O   . HOH D 3 .   ? 2.04985   -1.77391  -15.87686 1.000 33.40676 ? 605 HOH A O   1 
HETATM 938  O  O   . HOH D 3 .   ? 12.58428  -1.57625  -3.74026  1.000 40.86367 ? 606 HOH A O   1 
HETATM 939  O  O   . HOH D 3 .   ? 10.57975  -8.93152  -4.42720  1.000 31.79098 ? 607 HOH A O   1 
HETATM 940  O  O   . HOH D 3 .   ? 2.40522   -0.11155  19.01712  1.000 37.20774 ? 608 HOH A O   1 
HETATM 941  O  O   . HOH D 3 .   ? 5.77519   9.50345   -6.77959  1.000 32.30432 ? 609 HOH A O   1 
HETATM 942  O  O   . HOH D 3 .   ? -7.11660  7.02478   -12.37909 1.000 29.70895 ? 610 HOH A O   1 
HETATM 943  O  O   . HOH D 3 .   ? -5.82813  -9.12069  -1.74941  1.000 35.36447 ? 611 HOH A O   1 
HETATM 944  O  O   . HOH D 3 .   ? -2.35464  1.37249   20.31292  1.000 34.93454 ? 612 HOH A O   1 
HETATM 945  O  O   . HOH D 3 .   ? 6.82358   3.64510   8.23197   1.000 31.71267 ? 613 HOH A O   1 
HETATM 946  O  O   . HOH D 3 .   ? 12.62392  -4.17565  -17.20649 1.000 40.50674 ? 614 HOH A O   1 
HETATM 947  O  O   . HOH D 3 .   ? -6.22315  11.64733  2.91814   1.000 36.47125 ? 615 HOH A O   1 
HETATM 948  O  O   . HOH D 3 .   ? 5.78380   13.07717  -12.67841 1.000 38.72667 ? 616 HOH A O   1 
HETATM 949  O  O   . HOH D 3 .   ? 0.66706   -14.74122 12.49985  1.000 34.22532 ? 617 HOH A O   1 
HETATM 950  O  O   . HOH D 3 .   ? -7.55301  11.57717  -11.68300 1.000 35.65659 ? 618 HOH A O   1 
HETATM 951  O  O   . HOH D 3 .   ? -3.49929  1.62089   -17.72188 1.000 45.49499 ? 619 HOH A O   1 
HETATM 952  O  O   . HOH D 3 .   ? -5.86563  11.28666  -7.65474  1.000 33.93453 ? 620 HOH A O   1 
HETATM 953  O  O   . HOH D 3 .   ? 1.31979   -9.28322  -5.09358  1.000 25.73220 ? 621 HOH A O   1 
HETATM 954  O  O   . HOH D 3 .   ? -8.44360  -1.61288  11.95565  1.000 35.59159 ? 622 HOH A O   1 
HETATM 955  O  O   . HOH D 3 .   ? -10.45832 -10.16763 -6.62933  1.000 44.09935 ? 623 HOH A O   1 
HETATM 956  O  O   . HOH D 3 .   ? -4.69282  -10.16752 -10.62312 1.000 31.51139 ? 624 HOH A O   1 
HETATM 957  O  O   . HOH D 3 .   ? -4.86774  -11.19913 2.42715   1.000 35.65989 ? 625 HOH A O   1 
HETATM 958  O  O   . HOH D 3 .   ? 12.89817  7.71937   -6.65780  1.000 40.58236 ? 626 HOH A O   1 
HETATM 959  O  O   . HOH D 3 .   ? -5.32180  -11.38829 5.10767   1.000 37.37971 ? 627 HOH A O   1 
HETATM 960  O  O   . HOH D 3 .   ? -1.72375  -13.03643 -5.65788  1.000 32.92409 ? 628 HOH A O   1 
HETATM 961  O  O   . HOH D 3 .   ? -6.82214  4.63562   -18.28416 1.000 44.73589 ? 629 HOH A O   1 
HETATM 962  O  O   . HOH D 3 .   ? -0.85462  14.65834  1.40667   1.000 31.75652 ? 630 HOH A O   1 
HETATM 963  O  O   . HOH D 3 .   ? -12.33215 2.21079   14.90587  1.000 32.89185 ? 631 HOH A O   1 
HETATM 964  O  O   . HOH D 3 .   ? 1.03647   -5.67306  -14.47366 1.000 32.14716 ? 632 HOH A O   1 
HETATM 965  O  O   . HOH D 3 .   ? -13.14872 0.64349   4.37876   1.000 39.89813 ? 633 HOH A O   1 
HETATM 966  O  O   . HOH D 3 .   ? 7.65859   -9.05354  8.15029   1.000 41.90429 ? 634 HOH A O   1 
HETATM 967  O  O   . HOH D 3 .   ? -10.99827 6.45185   0.48909   1.000 31.10236 ? 635 HOH A O   1 
HETATM 968  O  O   . HOH D 3 .   ? -10.86719 2.29629   1.04910   1.000 31.56200 ? 636 HOH A O   1 
HETATM 969  O  O   . HOH D 3 .   ? -8.21918  10.28613  -8.69023  1.000 33.99274 ? 637 HOH A O   1 
HETATM 970  O  O   . HOH D 3 .   ? 4.99302   -8.62865  14.23048  1.000 36.83898 ? 638 HOH A O   1 
HETATM 971  O  O   . HOH D 3 .   ? 6.02841   4.99265   -12.47951 1.000 33.73719 ? 639 HOH A O   1 
HETATM 972  O  O   . HOH D 3 .   ? 12.86589  -3.46170  -7.22977  1.000 37.21735 ? 640 HOH A O   1 
HETATM 973  O  O   . HOH D 3 .   ? -9.70390  -3.01731  -11.71261 1.000 37.87984 ? 641 HOH A O   1 
HETATM 974  O  O   . HOH D 3 .   ? 9.71796   -7.63940  -10.69724 1.000 38.39428 ? 642 HOH A O   1 
HETATM 975  O  O   . HOH D 3 .   ? -11.65707 1.86669   -12.01341 1.000 37.07269 ? 643 HOH A O   1 
HETATM 976  O  O   . HOH D 3 .   ? -7.48430  -3.51017  13.38468  1.000 30.49518 ? 644 HOH A O   1 
HETATM 977  O  O   . HOH D 3 .   ? 0.84729   11.88582  5.62589   1.000 34.86490 ? 645 HOH A O   1 
HETATM 978  O  O   . HOH D 3 .   ? 2.22788   0.78315   -14.47033 1.000 34.01422 ? 646 HOH A O   1 
HETATM 979  O  O   . HOH D 3 .   ? -11.24935 8.70079   -17.93331 1.000 42.74937 ? 647 HOH A O   1 
HETATM 980  O  O   . HOH D 3 .   ? 0.92722   -12.89833 -7.07255  1.000 33.48729 ? 648 HOH A O   1 
HETATM 981  O  O   . HOH D 3 .   ? -12.05466 -5.66731  12.25161  1.000 44.88566 ? 649 HOH A O   1 
HETATM 982  O  O   . HOH D 3 .   ? 7.89365   9.44247   4.18678   1.000 32.59476 ? 650 HOH A O   1 
HETATM 983  O  O   . HOH D 3 .   ? -8.00065  3.14441   -15.14299 1.000 41.49880 ? 651 HOH A O   1 
HETATM 984  O  O   . HOH D 3 .   ? -5.82018  1.56895   -16.12712 1.000 40.17724 ? 652 HOH A O   1 
HETATM 985  O  O   . HOH D 3 .   ? 4.16020   -11.64724 -7.55679  1.000 32.24266 ? 653 HOH A O   1 
HETATM 986  O  O   . HOH D 3 .   ? -7.98753  -4.54866  5.88338   1.000 27.13540 ? 654 HOH A O   1 
HETATM 987  O  O   . HOH D 3 .   ? 11.94269  -7.10046  1.47983   1.000 43.17007 ? 655 HOH A O   1 
HETATM 988  O  O   . HOH D 3 .   ? -5.45091  8.41161   -19.26489 1.000 32.58694 ? 656 HOH A O   1 
HETATM 989  O  O   . HOH D 3 .   ? 11.26307  10.67705  -5.16701  1.000 41.72142 ? 657 HOH A O   1 
HETATM 990  O  O   . HOH D 3 .   ? -6.84642  -5.79319  19.15778  1.000 33.33032 ? 658 HOH A O   1 
HETATM 991  O  O   . HOH D 3 .   ? -13.51400 -1.89300  -10.82743 1.000 41.77309 ? 659 HOH A O   1 
HETATM 992  O  O   . HOH D 3 .   ? 5.34119   -9.11590  8.00101   1.000 38.59974 ? 660 HOH A O   1 
HETATM 993  O  O   . HOH D 3 .   ? -3.46203  -13.31519 2.10844   1.000 38.01403 ? 661 HOH A O   1 
HETATM 994  O  O   . HOH D 3 .   ? 1.86935   -13.00087 1.42491   1.000 43.56089 ? 662 HOH A O   1 
HETATM 995  O  O   . HOH D 3 .   ? 7.93755   11.59189  1.54413   1.000 34.50273 ? 663 HOH A O   1 
HETATM 996  O  O   . HOH D 3 .   ? -8.06748  -8.43755  1.36552   1.000 43.58470 ? 664 HOH A O   1 
HETATM 997  O  O   . HOH D 3 .   ? -7.37366  5.30457   -4.62079  1.000 26.84194 ? 665 HOH A O   1 
HETATM 998  O  O   . HOH D 3 .   ? 6.47167   -8.60669  10.77639  1.000 39.88940 ? 666 HOH A O   1 
HETATM 999  O  O   . HOH D 3 .   ? 7.09841   -7.79728  -9.26811  1.000 30.85270 ? 667 HOH A O   1 
HETATM 1000 O  O   . HOH D 3 .   ? -8.04228  6.97469   -2.58045  1.000 27.50169 ? 668 HOH A O   1 
HETATM 1001 O  O   . HOH D 3 .   ? -3.44567  -15.59934 7.30570   1.000 41.88685 ? 669 HOH A O   1 
HETATM 1002 O  O   . HOH D 3 .   ? -8.12561  -8.15295  10.03130  1.000 42.11089 ? 670 HOH A O   1 
HETATM 1003 O  O   . HOH D 3 .   ? -0.49396  -13.09652 4.16008   1.000 33.79677 ? 671 HOH A O   1 
HETATM 1004 O  O   . HOH D 3 .   ? -8.51595  8.16262   3.64764   1.000 32.65573 ? 672 HOH A O   1 
HETATM 1005 O  O   . HOH D 3 .   ? -5.58817  2.77553   -10.67595 1.000 33.57440 ? 673 HOH A O   1 
HETATM 1006 O  O   . HOH D 3 .   ? 3.12050   -10.80703 1.88130   1.000 34.79605 ? 674 HOH A O   1 
HETATM 1007 O  O   . HOH D 3 .   ? 15.27625  -2.54817  -15.89935 1.000 45.33069 ? 675 HOH A O   1 
HETATM 1008 O  O   . HOH D 3 .   ? 2.32272   -12.94913 -4.35896  1.000 39.85536 ? 676 HOH A O   1 
HETATM 1009 O  O   . HOH D 3 .   ? -5.72709  5.46335   13.59650  1.000 30.03240 ? 677 HOH A O   1 
HETATM 1010 O  O   . HOH D 3 .   ? 4.30436   2.81916   -15.04185 1.000 42.38080 ? 678 HOH A O   1 
HETATM 1011 O  O   . HOH D 3 .   ? -12.17282 6.02863   7.13002   1.000 34.55835 ? 679 HOH A O   1 
HETATM 1012 O  O   . HOH D 3 .   ? 7.11101   -3.70979  -16.00325 1.000 41.53433 ? 680 HOH A O   1 
HETATM 1013 O  O   . HOH D 3 .   ? -13.24271 9.85424   -15.27845 1.000 41.73526 ? 681 HOH A O   1 
HETATM 1014 O  O   . HOH D 3 .   ? 3.26613   -11.33587 10.47832  1.000 32.21506 ? 682 HOH A O   1 
HETATM 1015 O  O   . HOH D 3 .   ? -3.05190  5.29549   -16.75841 1.000 40.05132 ? 683 HOH A O   1 
HETATM 1016 O  O   . HOH D 3 .   ? 10.36806  9.80160   -0.66887  1.000 34.85515 ? 684 HOH A O   1 
HETATM 1017 O  O   . HOH D 3 .   ? 8.62921   -9.27177  1.53452   1.000 32.19057 ? 685 HOH A O   1 
HETATM 1018 O  O   . HOH D 3 .   ? -5.47504  6.29023   10.99528  1.000 39.50521 ? 686 HOH A O   1 
HETATM 1019 O  O   . HOH D 3 .   ? -9.31471  9.13949   -2.37116  1.000 36.43552 ? 687 HOH A O   1 
HETATM 1020 O  O   . HOH D 3 .   ? 7.28057   -5.47914  20.73994  1.000 45.20092 ? 688 HOH A O   1 
HETATM 1021 O  O   . HOH D 3 .   ? 11.44981  -4.71221  -4.89200  1.000 36.83233 ? 689 HOH A O   1 
HETATM 1022 O  O   . HOH D 3 .   ? 7.21834   12.30722  -9.04760  1.000 39.72839 ? 690 HOH A O   1 
HETATM 1023 O  O   . HOH D 3 .   ? 11.49069  6.41731   -2.09768  1.000 38.60696 ? 691 HOH A O   1 
HETATM 1024 O  O   . HOH D 3 .   ? 12.94667  -3.55627  -2.23926  1.000 45.46454 ? 692 HOH A O   1 
HETATM 1025 O  O   . HOH D 3 .   ? -3.36384  8.36022   11.54625  1.000 42.15492 ? 693 HOH A O   1 
HETATM 1026 O  O   . HOH D 3 .   ? 1.07854   -10.62520 -12.41829 1.000 37.55288 ? 694 HOH A O   1 
HETATM 1027 O  O   . HOH D 3 .   ? 13.54339  1.91363   -7.61455  1.000 44.67828 ? 695 HOH A O   1 
HETATM 1028 O  O   . HOH D 3 .   ? -5.68993  4.43501   -16.05000 1.000 39.78765 ? 696 HOH A O   1 
HETATM 1029 O  O   . HOH D 3 .   ? -9.21621  9.61698   0.23882   1.000 34.83939 ? 697 HOH A O   1 
HETATM 1030 O  O   . HOH D 3 .   ? -6.45029  -10.26461 -8.65250  1.000 41.13144 ? 698 HOH A O   1 
HETATM 1031 O  O   . HOH D 3 .   ? -14.07883 2.43974   -5.49025  1.000 40.90072 ? 699 HOH A O   1 
HETATM 1032 O  O   . HOH D 3 .   ? 8.09343   5.73342   -13.91952 1.000 48.11788 ? 700 HOH A O   1 
HETATM 1033 O  O   . HOH D 3 .   ? -5.86208  -13.12571 15.64259  1.000 40.63045 ? 701 HOH A O   1 
HETATM 1034 O  O   . HOH D 3 .   ? -2.63000  -11.24890 20.02800  1.000 42.61405 ? 702 HOH A O   1 
HETATM 1035 O  O   . HOH D 3 .   ? -6.97173  7.16184   15.27682  1.000 41.51041 ? 703 HOH A O   1 
HETATM 1036 O  O   . HOH D 3 .   ? 13.98126  -1.30561  -18.55533 1.000 42.25258 ? 704 HOH A O   1 
HETATM 1037 O  O   . HOH D 3 .   ? 1.79277   -13.34395 10.79716  1.000 39.27158 ? 705 HOH A O   1 
HETATM 1038 O  O   . HOH D 3 .   ? -7.85821  -10.96966 -2.30846  1.000 44.20591 ? 706 HOH A O   1 
HETATM 1039 O  O   . HOH D 3 .   ? -8.46998  4.92788   16.09242  1.000 39.18515 ? 707 HOH A O   1 
HETATM 1040 O  O   . HOH D 3 .   ? 13.65584  -5.93406  -3.24258  1.000 36.24568 ? 708 HOH A O   1 
HETATM 1041 O  O   . HOH D 3 .   ? -12.27322 0.40923   -0.02260  1.000 36.24019 ? 709 HOH A O   1 
HETATM 1042 O  O   . HOH D 3 .   ? -2.93656  7.05681   -19.06074 1.000 38.87531 ? 710 HOH A O   1 
HETATM 1043 O  O   . HOH D 3 .   ? -7.35685  -12.57831 1.13495   1.000 44.52299 ? 711 HOH A O   1 
HETATM 1044 O  O   . HOH D 3 .   ? 8.99167   -10.35462 -2.93966  1.000 34.34252 ? 712 HOH A O   1 
HETATM 1045 O  O   . HOH D 3 .   ? 13.16634  2.30140   -14.12539 1.000 45.81903 ? 713 HOH A O   1 
HETATM 1046 O  O   . HOH D 3 .   ? 11.00206  -8.08953  12.61597  1.000 44.66094 ? 714 HOH A O   1 
HETATM 1047 O  O   . HOH D 3 .   ? 7.64968   -10.85709 3.54105   1.000 41.56916 ? 715 HOH A O   1 
HETATM 1048 O  O   . HOH D 3 .   ? -6.38810  7.34711   21.24682  1.000 48.69669 ? 716 HOH A O   1 
# 
